data_1U4L
# 
_entry.id   1U4L 
# 
_audit_conform.dict_name       mmcif_pdbx.dic 
_audit_conform.dict_version    5.397 
_audit_conform.dict_location   http://mmcif.pdb.org/dictionaries/ascii/mmcif_pdbx.dic 
# 
loop_
_database_2.database_id 
_database_2.database_code 
_database_2.pdbx_database_accession 
_database_2.pdbx_DOI 
PDB   1U4L         pdb_00001u4l 10.2210/pdb1u4l/pdb 
RCSB  RCSB023237   ?            ?                   
WWPDB D_1000023237 ?            ?                   
# 
loop_
_pdbx_audit_revision_history.ordinal 
_pdbx_audit_revision_history.data_content_type 
_pdbx_audit_revision_history.major_revision 
_pdbx_audit_revision_history.minor_revision 
_pdbx_audit_revision_history.revision_date 
1 'Structure model' 1 0 2004-11-09 
2 'Structure model' 1 1 2008-04-30 
3 'Structure model' 1 2 2011-07-13 
4 'Structure model' 1 3 2017-10-11 
5 'Structure model' 2 0 2020-07-29 
6 'Structure model' 2 1 2023-08-23 
7 'Structure model' 2 2 2024-10-30 
# 
loop_
_pdbx_audit_revision_details.ordinal 
_pdbx_audit_revision_details.revision_ordinal 
_pdbx_audit_revision_details.data_content_type 
_pdbx_audit_revision_details.provider 
_pdbx_audit_revision_details.type 
_pdbx_audit_revision_details.description 
_pdbx_audit_revision_details.details 
1 1 'Structure model' repository 'Initial release' ?                          ? 
2 5 'Structure model' repository Remediation       'Carbohydrate remediation' ? 
# 
loop_
_pdbx_audit_revision_group.ordinal 
_pdbx_audit_revision_group.revision_ordinal 
_pdbx_audit_revision_group.data_content_type 
_pdbx_audit_revision_group.group 
1  2 'Structure model' 'Version format compliance' 
2  3 'Structure model' 'Version format compliance' 
3  4 'Structure model' 'Refinement description'    
4  5 'Structure model' 'Atomic model'              
5  5 'Structure model' 'Data collection'           
6  5 'Structure model' 'Derived calculations'      
7  5 'Structure model' 'Non-polymer description'   
8  5 'Structure model' 'Structure summary'         
9  6 'Structure model' 'Data collection'           
10 6 'Structure model' 'Database references'       
11 6 'Structure model' 'Refinement description'    
12 6 'Structure model' 'Structure summary'         
13 7 'Structure model' 'Structure summary'         
# 
loop_
_pdbx_audit_revision_category.ordinal 
_pdbx_audit_revision_category.revision_ordinal 
_pdbx_audit_revision_category.data_content_type 
_pdbx_audit_revision_category.category 
1  4 'Structure model' software                      
2  5 'Structure model' atom_site                     
3  5 'Structure model' chem_comp                     
4  5 'Structure model' entity                        
5  5 'Structure model' entity_name_com               
6  5 'Structure model' pdbx_branch_scheme            
7  5 'Structure model' pdbx_chem_comp_identifier     
8  5 'Structure model' pdbx_entity_branch            
9  5 'Structure model' pdbx_entity_branch_descriptor 
10 5 'Structure model' pdbx_entity_branch_link       
11 5 'Structure model' pdbx_entity_branch_list       
12 5 'Structure model' pdbx_entity_nonpoly           
13 5 'Structure model' pdbx_molecule_features        
14 5 'Structure model' pdbx_nonpoly_scheme           
15 5 'Structure model' struct_conn                   
16 5 'Structure model' struct_conn_type              
17 5 'Structure model' struct_site                   
18 5 'Structure model' struct_site_gen               
19 6 'Structure model' chem_comp                     
20 6 'Structure model' chem_comp_atom                
21 6 'Structure model' chem_comp_bond                
22 6 'Structure model' database_2                    
23 6 'Structure model' pdbx_initial_refinement_model 
24 7 'Structure model' pdbx_entry_details            
25 7 'Structure model' pdbx_modification_feature     
# 
loop_
_pdbx_audit_revision_item.ordinal 
_pdbx_audit_revision_item.revision_ordinal 
_pdbx_audit_revision_item.data_content_type 
_pdbx_audit_revision_item.item 
1  4 'Structure model' '_software.classification'            
2  4 'Structure model' '_software.name'                      
3  5 'Structure model' '_atom_site.B_iso_or_equiv'           
4  5 'Structure model' '_atom_site.Cartn_x'                  
5  5 'Structure model' '_atom_site.Cartn_y'                  
6  5 'Structure model' '_atom_site.Cartn_z'                  
7  5 'Structure model' '_atom_site.auth_asym_id'             
8  5 'Structure model' '_atom_site.auth_atom_id'             
9  5 'Structure model' '_atom_site.auth_comp_id'             
10 5 'Structure model' '_atom_site.auth_seq_id'              
11 5 'Structure model' '_atom_site.label_atom_id'            
12 5 'Structure model' '_atom_site.label_comp_id'            
13 5 'Structure model' '_atom_site.type_symbol'              
14 5 'Structure model' '_chem_comp.formula'                  
15 5 'Structure model' '_chem_comp.formula_weight'           
16 5 'Structure model' '_chem_comp.id'                       
17 5 'Structure model' '_chem_comp.mon_nstd_flag'            
18 5 'Structure model' '_chem_comp.name'                     
19 5 'Structure model' '_chem_comp.type'                     
20 5 'Structure model' '_entity.formula_weight'              
21 5 'Structure model' '_entity.pdbx_description'            
22 5 'Structure model' '_entity.src_method'                  
23 5 'Structure model' '_entity.type'                        
24 6 'Structure model' '_chem_comp.pdbx_synonyms'            
25 6 'Structure model' '_database_2.pdbx_DOI'                
26 6 'Structure model' '_database_2.pdbx_database_accession' 
# 
_pdbx_database_status.status_code                     REL 
_pdbx_database_status.entry_id                        1U4L 
_pdbx_database_status.recvd_initial_deposition_date   2004-07-26 
_pdbx_database_status.deposit_site                    RCSB 
_pdbx_database_status.process_site                    RCSB 
_pdbx_database_status.SG_entry                        . 
_pdbx_database_status.pdb_format_compatible           Y 
_pdbx_database_status.status_code_mr                  ? 
_pdbx_database_status.status_code_sf                  ? 
_pdbx_database_status.status_code_cs                  ? 
_pdbx_database_status.methods_development_category    ? 
_pdbx_database_status.status_code_nmr_data            ? 
# 
loop_
_pdbx_database_related.db_name 
_pdbx_database_related.db_id 
_pdbx_database_related.details 
_pdbx_database_related.content_type 
PDB 1hrj . unspecified 
PDB 1rtn . unspecified 
PDB 1rto . unspecified 
PDB 1b3a . unspecified 
PDB 1eqt . unspecified 
PDB 1u4r . unspecified 
PDB 1u4m . unspecified 
PDB 1u4p . unspecified 
# 
loop_
_audit_author.name 
_audit_author.pdbx_ordinal 
'Shaw, J.P.'        1 
'Johnson, Z.'       2 
'Borlat, F.'        3 
'Zwahlen, C.'       4 
'Kungl, A.'         5 
'Roulin, K.'        6 
'Harrenga, A.'      7 
'Wells, T.N.C.'     8 
'Proudfoot, A.E.I.' 9 
# 
_citation.id                        primary 
_citation.title                     
'The X-ray structure of RANTES: heparin-derived disaccharides allows the rational design of chemokine inhibitors.' 
_citation.journal_abbrev            Structure 
_citation.journal_volume            12 
_citation.page_first                2081 
_citation.page_last                 2093 
_citation.year                      2004 
_citation.journal_id_ASTM           STRUE6 
_citation.country                   UK 
_citation.journal_id_ISSN           0969-2126 
_citation.journal_id_CSD            2005 
_citation.book_publisher            ? 
_citation.pdbx_database_id_PubMed   15530372 
_citation.pdbx_database_id_DOI      10.1016/j.str.2004.08.014 
# 
loop_
_citation_author.citation_id 
_citation_author.name 
_citation_author.ordinal 
_citation_author.identifier_ORCID 
primary 'Shaw, J.P.'      1 ? 
primary 'Johnson, Z.'     2 ? 
primary 'Borlat, F.'      3 ? 
primary 'Zwahlen, C.'     4 ? 
primary 'Kungl, A.'       5 ? 
primary 'Roulin, K.'      6 ? 
primary 'Harrenga, A.'    7 ? 
primary 'Wells, T.N.'     8 ? 
primary 'Proudfoot, A.E.' 9 ? 
# 
loop_
_entity.id 
_entity.type 
_entity.src_method 
_entity.pdbx_description 
_entity.formula_weight 
_entity.pdbx_number_of_molecules 
_entity.pdbx_ec 
_entity.pdbx_mutation 
_entity.pdbx_fragment 
_entity.details 
1 polymer     man 'Small inducible cytokine A5' 7862.011 2   ? ? ? ? 
2 branched    man 
'4-deoxy-2-O-sulfo-alpha-L-threo-hex-4-enopyranuronic acid-(1-4)-2-deoxy-6-O-sulfo-2-(sulfoamino)-alpha-D-glucopyranose' 577.470  
1   ? ? ? ? 
3 non-polymer syn 'ACETIC ACID' 60.052   1   ? ? ? ? 
4 water       nat water 18.015   159 ? ? ? ? 
# 
loop_
_entity_name_com.entity_id 
_entity_name_com.name 
1 'CCL5, T-cell specific RANTES protein, SIS-delta, T cell-specific protein P228, TCP228' 
2 'HEPARIN DISACCHARIDE I-S,'                                                             
# 
_entity_poly.entity_id                      1 
_entity_poly.type                           'polypeptide(L)' 
_entity_poly.nstd_linkage                   no 
_entity_poly.nstd_monomer                   no 
_entity_poly.pdbx_seq_one_letter_code       SPYSSDTTPCCFAYIARPLPRAHIKEYFYTSGKCSNPAVVFVTRKNRQVCANPEKKWVREYINSLEMS 
_entity_poly.pdbx_seq_one_letter_code_can   SPYSSDTTPCCFAYIARPLPRAHIKEYFYTSGKCSNPAVVFVTRKNRQVCANPEKKWVREYINSLEMS 
_entity_poly.pdbx_strand_id                 A,B 
_entity_poly.pdbx_target_identifier         ? 
# 
loop_
_pdbx_entity_nonpoly.entity_id 
_pdbx_entity_nonpoly.name 
_pdbx_entity_nonpoly.comp_id 
3 'ACETIC ACID' ACY 
4 water         HOH 
# 
loop_
_entity_poly_seq.entity_id 
_entity_poly_seq.num 
_entity_poly_seq.mon_id 
_entity_poly_seq.hetero 
1 1  SER n 
1 2  PRO n 
1 3  TYR n 
1 4  SER n 
1 5  SER n 
1 6  ASP n 
1 7  THR n 
1 8  THR n 
1 9  PRO n 
1 10 CYS n 
1 11 CYS n 
1 12 PHE n 
1 13 ALA n 
1 14 TYR n 
1 15 ILE n 
1 16 ALA n 
1 17 ARG n 
1 18 PRO n 
1 19 LEU n 
1 20 PRO n 
1 21 ARG n 
1 22 ALA n 
1 23 HIS n 
1 24 ILE n 
1 25 LYS n 
1 26 GLU n 
1 27 TYR n 
1 28 PHE n 
1 29 TYR n 
1 30 THR n 
1 31 SER n 
1 32 GLY n 
1 33 LYS n 
1 34 CYS n 
1 35 SER n 
1 36 ASN n 
1 37 PRO n 
1 38 ALA n 
1 39 VAL n 
1 40 VAL n 
1 41 PHE n 
1 42 VAL n 
1 43 THR n 
1 44 ARG n 
1 45 LYS n 
1 46 ASN n 
1 47 ARG n 
1 48 GLN n 
1 49 VAL n 
1 50 CYS n 
1 51 ALA n 
1 52 ASN n 
1 53 PRO n 
1 54 GLU n 
1 55 LYS n 
1 56 LYS n 
1 57 TRP n 
1 58 VAL n 
1 59 ARG n 
1 60 GLU n 
1 61 TYR n 
1 62 ILE n 
1 63 ASN n 
1 64 SER n 
1 65 LEU n 
1 66 GLU n 
1 67 MET n 
1 68 SER n 
# 
_entity_src_gen.entity_id                          1 
_entity_src_gen.pdbx_src_id                        1 
_entity_src_gen.pdbx_alt_source_flag               sample 
_entity_src_gen.pdbx_seq_type                      ? 
_entity_src_gen.pdbx_beg_seq_num                   ? 
_entity_src_gen.pdbx_end_seq_num                   ? 
_entity_src_gen.gene_src_common_name               human 
_entity_src_gen.gene_src_genus                     Homo 
_entity_src_gen.pdbx_gene_src_gene                 'CCL5, SCYA5' 
_entity_src_gen.gene_src_species                   ? 
_entity_src_gen.gene_src_strain                    ? 
_entity_src_gen.gene_src_tissue                    ? 
_entity_src_gen.gene_src_tissue_fraction           ? 
_entity_src_gen.gene_src_details                   ? 
_entity_src_gen.pdbx_gene_src_fragment             ? 
_entity_src_gen.pdbx_gene_src_scientific_name      'Homo sapiens' 
_entity_src_gen.pdbx_gene_src_ncbi_taxonomy_id     9606 
_entity_src_gen.pdbx_gene_src_variant              ? 
_entity_src_gen.pdbx_gene_src_cell_line            ? 
_entity_src_gen.pdbx_gene_src_atcc                 ? 
_entity_src_gen.pdbx_gene_src_organ                ? 
_entity_src_gen.pdbx_gene_src_organelle            ? 
_entity_src_gen.pdbx_gene_src_cell                 ? 
_entity_src_gen.pdbx_gene_src_cellular_location    ? 
_entity_src_gen.host_org_common_name               ? 
_entity_src_gen.pdbx_host_org_scientific_name      'Escherichia coli BL21(DE3)' 
_entity_src_gen.pdbx_host_org_ncbi_taxonomy_id     469008 
_entity_src_gen.host_org_genus                     Escherichia 
_entity_src_gen.pdbx_host_org_gene                 ? 
_entity_src_gen.pdbx_host_org_organ                ? 
_entity_src_gen.host_org_species                   'Escherichia coli' 
_entity_src_gen.pdbx_host_org_tissue               ? 
_entity_src_gen.pdbx_host_org_tissue_fraction      ? 
_entity_src_gen.pdbx_host_org_strain               'BL21 (DE3)' 
_entity_src_gen.pdbx_host_org_variant              ? 
_entity_src_gen.pdbx_host_org_cell_line            ? 
_entity_src_gen.pdbx_host_org_atcc                 ? 
_entity_src_gen.pdbx_host_org_culture_collection   ? 
_entity_src_gen.pdbx_host_org_cell                 ? 
_entity_src_gen.pdbx_host_org_organelle            ? 
_entity_src_gen.pdbx_host_org_cellular_location    ? 
_entity_src_gen.pdbx_host_org_vector_type          Plasmid 
_entity_src_gen.pdbx_host_org_vector               ? 
_entity_src_gen.host_org_details                   ? 
_entity_src_gen.expression_system_id               ? 
_entity_src_gen.plasmid_name                       pET32a 
_entity_src_gen.plasmid_details                    ? 
_entity_src_gen.pdbx_description                   ? 
# 
_pdbx_entity_branch.entity_id   2 
_pdbx_entity_branch.type        oligosaccharide 
# 
loop_
_pdbx_entity_branch_descriptor.ordinal 
_pdbx_entity_branch_descriptor.entity_id 
_pdbx_entity_branch_descriptor.descriptor 
_pdbx_entity_branch_descriptor.type 
_pdbx_entity_branch_descriptor.program 
_pdbx_entity_branch_descriptor.program_version 
1 2 'WURCS=2.0/2,2,1/[a2122h-1a_1-5_2*NSO/3=O/3=O_6*OSO/3=O/3=O][a21eEA-1a_1-5_2*OSO/3=O/3=O]/1-2/a4-b1' WURCS  PDB2Glycan 1.1.0 
2 2 '[][a-D-GlcpNSO36SO3]{[(4+1)][a-L-4-deoxy-IdopA2SO3]{}}'                                             LINUCS PDB-CARE   ?     
# 
_pdbx_entity_branch_link.link_id                    1 
_pdbx_entity_branch_link.entity_id                  2 
_pdbx_entity_branch_link.entity_branch_list_num_1   2 
_pdbx_entity_branch_link.comp_id_1                  UAP 
_pdbx_entity_branch_link.atom_id_1                  C1 
_pdbx_entity_branch_link.leaving_atom_id_1          O1 
_pdbx_entity_branch_link.entity_branch_list_num_2   1 
_pdbx_entity_branch_link.comp_id_2                  SGN 
_pdbx_entity_branch_link.atom_id_2                  O4 
_pdbx_entity_branch_link.leaving_atom_id_2          HO4 
_pdbx_entity_branch_link.value_order                sing 
_pdbx_entity_branch_link.details                    ? 
# 
loop_
_chem_comp.id 
_chem_comp.type 
_chem_comp.mon_nstd_flag 
_chem_comp.name 
_chem_comp.pdbx_synonyms 
_chem_comp.formula 
_chem_comp.formula_weight 
ACY non-polymer                   . 'ACETIC ACID'                                               ? 'C2 H4 O2'        60.052  
ALA 'L-peptide linking'           y ALANINE                                                     ? 'C3 H7 N O2'      89.093  
ARG 'L-peptide linking'           y ARGININE                                                    ? 'C6 H15 N4 O2 1'  175.209 
ASN 'L-peptide linking'           y ASPARAGINE                                                  ? 'C4 H8 N2 O3'     132.118 
ASP 'L-peptide linking'           y 'ASPARTIC ACID'                                             ? 'C4 H7 N O4'      133.103 
CYS 'L-peptide linking'           y CYSTEINE                                                    ? 'C3 H7 N O2 S'    121.158 
GLN 'L-peptide linking'           y GLUTAMINE                                                   ? 'C5 H10 N2 O3'    146.144 
GLU 'L-peptide linking'           y 'GLUTAMIC ACID'                                             ? 'C5 H9 N O4'      147.129 
GLY 'peptide linking'             y GLYCINE                                                     ? 'C2 H5 N O2'      75.067  
HIS 'L-peptide linking'           y HISTIDINE                                                   ? 'C6 H10 N3 O2 1'  156.162 
HOH non-polymer                   . WATER                                                       ? 'H2 O'            18.015  
ILE 'L-peptide linking'           y ISOLEUCINE                                                  ? 'C6 H13 N O2'     131.173 
LEU 'L-peptide linking'           y LEUCINE                                                     ? 'C6 H13 N O2'     131.173 
LYS 'L-peptide linking'           y LYSINE                                                      ? 'C6 H15 N2 O2 1'  147.195 
MET 'L-peptide linking'           y METHIONINE                                                  ? 'C5 H11 N O2 S'   149.211 
PHE 'L-peptide linking'           y PHENYLALANINE                                               ? 'C9 H11 N O2'     165.189 
PRO 'L-peptide linking'           y PROLINE                                                     ? 'C5 H9 N O2'      115.130 
SER 'L-peptide linking'           y SERINE                                                      ? 'C3 H7 N O3'      105.093 
SGN 'D-saccharide, alpha linking' n '2-deoxy-6-O-sulfo-2-(sulfoamino)-alpha-D-glucopyranose'    
;N,O6-DISULFO-GLUCOSAMINE; 6-O-sulfo-N-sulfo-alpha-D-glucosamine; 2-deoxy-6-O-sulfo-2-(sulfoamino)-alpha-D-glucose; 2-deoxy-6-O-sulfo-2-(sulfoamino)-D-glucose; 2-deoxy-6-O-sulfo-2-(sulfoamino)-glucose
;
'C6 H13 N O11 S2' 339.298 
THR 'L-peptide linking'           y THREONINE                                                   ? 'C4 H9 N O3'      119.119 
TRP 'L-peptide linking'           y TRYPTOPHAN                                                  ? 'C11 H12 N2 O2'   204.225 
TYR 'L-peptide linking'           y TYROSINE                                                    ? 'C9 H11 N O3'     181.189 
UAP 'L-saccharide, alpha linking' . '4-deoxy-2-O-sulfo-alpha-L-threo-hex-4-enopyranuronic acid' 
;4-deoxy-2-O-sulfo-alpha-L-threo-hex-4-enuronic acid; 4-deoxy-2-O-sulfo-L-threo-hex-4-enuronic acid; 4-deoxy-2-O-sulfo-threo-hex-4-enuronic acid
;
'C6 H8 O9 S'      256.187 
VAL 'L-peptide linking'           y VALINE                                                      ? 'C5 H11 N O2'     117.146 
# 
loop_
_pdbx_chem_comp_identifier.comp_id 
_pdbx_chem_comp_identifier.type 
_pdbx_chem_comp_identifier.program 
_pdbx_chem_comp_identifier.program_version 
_pdbx_chem_comp_identifier.identifier 
SGN 'CONDENSED IUPAC CARBOHYDRATE SYMBOL' GMML     1.0 'DGlcpNS[6S]a'                    
SGN 'COMMON NAME'                         GMML     1.0 N-sulfo-6-sulfo-a-D-glucopyranose 
SGN 'IUPAC CARBOHYDRATE SYMBOL'           PDB-CARE 1.0 a-D-GlcpNSO36SO3                  
UAP 'IUPAC CARBOHYDRATE SYMBOL'           PDB-CARE 1.0 b-D-4-deoxy-GlcpA2SO3             
# 
loop_
_pdbx_poly_seq_scheme.asym_id 
_pdbx_poly_seq_scheme.entity_id 
_pdbx_poly_seq_scheme.seq_id 
_pdbx_poly_seq_scheme.mon_id 
_pdbx_poly_seq_scheme.ndb_seq_num 
_pdbx_poly_seq_scheme.pdb_seq_num 
_pdbx_poly_seq_scheme.auth_seq_num 
_pdbx_poly_seq_scheme.pdb_mon_id 
_pdbx_poly_seq_scheme.auth_mon_id 
_pdbx_poly_seq_scheme.pdb_strand_id 
_pdbx_poly_seq_scheme.pdb_ins_code 
_pdbx_poly_seq_scheme.hetero 
A 1 1  SER 1  1  ?  ?   ?   A . n 
A 1 2  PRO 2  2  2  PRO PRO A . n 
A 1 3  TYR 3  3  3  TYR TYR A . n 
A 1 4  SER 4  4  4  SER SER A . n 
A 1 5  SER 5  5  5  SER SER A . n 
A 1 6  ASP 6  6  6  ASP ASP A . n 
A 1 7  THR 7  7  7  THR THR A . n 
A 1 8  THR 8  8  8  THR THR A . n 
A 1 9  PRO 9  9  9  PRO PRO A . n 
A 1 10 CYS 10 10 10 CYS CYS A . n 
A 1 11 CYS 11 11 11 CYS CYS A . n 
A 1 12 PHE 12 12 12 PHE PHE A . n 
A 1 13 ALA 13 13 13 ALA ALA A . n 
A 1 14 TYR 14 14 14 TYR TYR A . n 
A 1 15 ILE 15 15 15 ILE ILE A . n 
A 1 16 ALA 16 16 16 ALA ALA A . n 
A 1 17 ARG 17 17 17 ARG ALA A . n 
A 1 18 PRO 18 18 18 PRO PRO A . n 
A 1 19 LEU 19 19 19 LEU LEU A . n 
A 1 20 PRO 20 20 20 PRO PRO A . n 
A 1 21 ARG 21 21 21 ARG ARG A . n 
A 1 22 ALA 22 22 22 ALA ALA A . n 
A 1 23 HIS 23 23 23 HIS HIS A . n 
A 1 24 ILE 24 24 24 ILE ILE A . n 
A 1 25 LYS 25 25 25 LYS LYS A . n 
A 1 26 GLU 26 26 26 GLU GLU A . n 
A 1 27 TYR 27 27 27 TYR TYR A . n 
A 1 28 PHE 28 28 28 PHE PHE A . n 
A 1 29 TYR 29 29 29 TYR TYR A . n 
A 1 30 THR 30 30 30 THR THR A . n 
A 1 31 SER 31 31 31 SER SER A . n 
A 1 32 GLY 32 32 32 GLY GLY A . n 
A 1 33 LYS 33 33 33 LYS LYS A . n 
A 1 34 CYS 34 34 34 CYS CYS A . n 
A 1 35 SER 35 35 35 SER SER A . n 
A 1 36 ASN 36 36 36 ASN ASN A . n 
A 1 37 PRO 37 37 37 PRO PRO A . n 
A 1 38 ALA 38 38 38 ALA ALA A . n 
A 1 39 VAL 39 39 39 VAL VAL A . n 
A 1 40 VAL 40 40 40 VAL VAL A . n 
A 1 41 PHE 41 41 41 PHE PHE A . n 
A 1 42 VAL 42 42 42 VAL VAL A . n 
A 1 43 THR 43 43 43 THR THR A . n 
A 1 44 ARG 44 44 44 ARG ARG A . n 
A 1 45 LYS 45 45 45 LYS ALA A . n 
A 1 46 ASN 46 46 46 ASN ASN A . n 
A 1 47 ARG 47 47 47 ARG ARG A . n 
A 1 48 GLN 48 48 48 GLN GLN A . n 
A 1 49 VAL 49 49 49 VAL VAL A . n 
A 1 50 CYS 50 50 50 CYS CYS A . n 
A 1 51 ALA 51 51 51 ALA ALA A . n 
A 1 52 ASN 52 52 52 ASN ASN A . n 
A 1 53 PRO 53 53 53 PRO PRO A . n 
A 1 54 GLU 54 54 54 GLU ALA A . n 
A 1 55 LYS 55 55 55 LYS LYS A . n 
A 1 56 LYS 56 56 56 LYS LYS A . n 
A 1 57 TRP 57 57 57 TRP TRP A . n 
A 1 58 VAL 58 58 58 VAL VAL A . n 
A 1 59 ARG 59 59 59 ARG ALA A . n 
A 1 60 GLU 60 60 60 GLU GLU A . n 
A 1 61 TYR 61 61 61 TYR TYR A . n 
A 1 62 ILE 62 62 62 ILE ILE A . n 
A 1 63 ASN 63 63 63 ASN ASN A . n 
A 1 64 SER 64 64 64 SER SER A . n 
A 1 65 LEU 65 65 65 LEU LEU A . n 
A 1 66 GLU 66 66 66 GLU GLU A . n 
A 1 67 MET 67 67 67 MET MET A . n 
A 1 68 SER 68 68 68 SER SER A . n 
B 1 1  SER 1  1  ?  ?   ?   B . n 
B 1 2  PRO 2  2  ?  ?   ?   B . n 
B 1 3  TYR 3  3  ?  ?   ?   B . n 
B 1 4  SER 4  4  4  SER SER B . n 
B 1 5  SER 5  5  5  SER SER B . n 
B 1 6  ASP 6  6  6  ASP ALA B . n 
B 1 7  THR 7  7  7  THR THR B . n 
B 1 8  THR 8  8  8  THR THR B . n 
B 1 9  PRO 9  9  9  PRO PRO B . n 
B 1 10 CYS 10 10 10 CYS CYS B . n 
B 1 11 CYS 11 11 11 CYS CYS B . n 
B 1 12 PHE 12 12 12 PHE PHE B . n 
B 1 13 ALA 13 13 13 ALA ALA B . n 
B 1 14 TYR 14 14 14 TYR TYR B . n 
B 1 15 ILE 15 15 15 ILE ILE B . n 
B 1 16 ALA 16 16 16 ALA ALA B . n 
B 1 17 ARG 17 17 17 ARG ALA B . n 
B 1 18 PRO 18 18 18 PRO PRO B . n 
B 1 19 LEU 19 19 19 LEU LEU B . n 
B 1 20 PRO 20 20 20 PRO PRO B . n 
B 1 21 ARG 21 21 21 ARG ARG B . n 
B 1 22 ALA 22 22 22 ALA ALA B . n 
B 1 23 HIS 23 23 23 HIS HIS B . n 
B 1 24 ILE 24 24 24 ILE ILE B . n 
B 1 25 LYS 25 25 25 LYS LYS B . n 
B 1 26 GLU 26 26 26 GLU GLU B . n 
B 1 27 TYR 27 27 27 TYR TYR B . n 
B 1 28 PHE 28 28 28 PHE PHE B . n 
B 1 29 TYR 29 29 29 TYR TYR B . n 
B 1 30 THR 30 30 30 THR THR B . n 
B 1 31 SER 31 31 31 SER SER B . n 
B 1 32 GLY 32 32 32 GLY GLY B . n 
B 1 33 LYS 33 33 33 LYS LYS B . n 
B 1 34 CYS 34 34 34 CYS CYS B . n 
B 1 35 SER 35 35 35 SER SER B . n 
B 1 36 ASN 36 36 36 ASN ASN B . n 
B 1 37 PRO 37 37 37 PRO PRO B . n 
B 1 38 ALA 38 38 38 ALA ALA B . n 
B 1 39 VAL 39 39 39 VAL VAL B . n 
B 1 40 VAL 40 40 40 VAL VAL B . n 
B 1 41 PHE 41 41 41 PHE PHE B . n 
B 1 42 VAL 42 42 42 VAL VAL B . n 
B 1 43 THR 43 43 43 THR THR B . n 
B 1 44 ARG 44 44 44 ARG ARG B . n 
B 1 45 LYS 45 45 45 LYS LYS B . n 
B 1 46 ASN 46 46 46 ASN ASN B . n 
B 1 47 ARG 47 47 47 ARG ARG B . n 
B 1 48 GLN 48 48 48 GLN GLN B . n 
B 1 49 VAL 49 49 49 VAL VAL B . n 
B 1 50 CYS 50 50 50 CYS CYS B . n 
B 1 51 ALA 51 51 51 ALA ALA B . n 
B 1 52 ASN 52 52 52 ASN ASN B . n 
B 1 53 PRO 53 53 53 PRO PRO B . n 
B 1 54 GLU 54 54 54 GLU ALA B . n 
B 1 55 LYS 55 55 55 LYS ALA B . n 
B 1 56 LYS 56 56 56 LYS ALA B . n 
B 1 57 TRP 57 57 57 TRP TRP B . n 
B 1 58 VAL 58 58 58 VAL VAL B . n 
B 1 59 ARG 59 59 59 ARG ARG B . n 
B 1 60 GLU 60 60 60 GLU GLU B . n 
B 1 61 TYR 61 61 61 TYR TYR B . n 
B 1 62 ILE 62 62 62 ILE ILE B . n 
B 1 63 ASN 63 63 63 ASN ASN B . n 
B 1 64 SER 64 64 64 SER SER B . n 
B 1 65 LEU 65 65 65 LEU LEU B . n 
B 1 66 GLU 66 66 66 GLU GLU B . n 
B 1 67 MET 67 67 67 MET MET B . n 
B 1 68 SER 68 68 68 SER SER B . n 
# 
loop_
_pdbx_branch_scheme.asym_id 
_pdbx_branch_scheme.entity_id 
_pdbx_branch_scheme.mon_id 
_pdbx_branch_scheme.num 
_pdbx_branch_scheme.pdb_asym_id 
_pdbx_branch_scheme.pdb_mon_id 
_pdbx_branch_scheme.pdb_seq_num 
_pdbx_branch_scheme.auth_asym_id 
_pdbx_branch_scheme.auth_mon_id 
_pdbx_branch_scheme.auth_seq_num 
_pdbx_branch_scheme.hetero 
C 2 SGN 1 C SGN 1 H H1S 1 n 
C 2 UAP 2 C UAP 2 H H1S 1 n 
# 
loop_
_pdbx_nonpoly_scheme.asym_id 
_pdbx_nonpoly_scheme.entity_id 
_pdbx_nonpoly_scheme.mon_id 
_pdbx_nonpoly_scheme.ndb_seq_num 
_pdbx_nonpoly_scheme.pdb_seq_num 
_pdbx_nonpoly_scheme.auth_seq_num 
_pdbx_nonpoly_scheme.pdb_mon_id 
_pdbx_nonpoly_scheme.auth_mon_id 
_pdbx_nonpoly_scheme.pdb_strand_id 
_pdbx_nonpoly_scheme.pdb_ins_code 
D 3 ACY 1  201 1   ACY ACY B . 
E 4 HOH 1  302 1   HOH WAT A . 
E 4 HOH 2  303 2   HOH WAT A . 
E 4 HOH 3  304 3   HOH WAT A . 
E 4 HOH 4  305 5   HOH WAT A . 
E 4 HOH 5  306 8   HOH WAT A . 
E 4 HOH 6  307 9   HOH WAT A . 
E 4 HOH 7  308 10  HOH WAT A . 
E 4 HOH 8  309 13  HOH WAT A . 
E 4 HOH 9  310 14  HOH WAT A . 
E 4 HOH 10 311 17  HOH WAT A . 
E 4 HOH 11 312 18  HOH WAT A . 
E 4 HOH 12 313 21  HOH WAT A . 
E 4 HOH 13 314 28  HOH WAT A . 
E 4 HOH 14 315 29  HOH WAT A . 
E 4 HOH 15 316 30  HOH WAT A . 
E 4 HOH 16 317 34  HOH WAT A . 
E 4 HOH 17 318 37  HOH WAT A . 
E 4 HOH 18 319 41  HOH WAT A . 
E 4 HOH 19 320 42  HOH WAT A . 
E 4 HOH 20 321 43  HOH WAT A . 
E 4 HOH 21 322 44  HOH WAT A . 
E 4 HOH 22 323 45  HOH WAT A . 
E 4 HOH 23 324 49  HOH WAT A . 
E 4 HOH 24 325 50  HOH WAT A . 
E 4 HOH 25 326 51  HOH WAT A . 
E 4 HOH 26 327 52  HOH WAT A . 
E 4 HOH 27 328 53  HOH WAT A . 
E 4 HOH 28 329 54  HOH WAT A . 
E 4 HOH 29 330 55  HOH WAT A . 
E 4 HOH 30 331 60  HOH WAT A . 
E 4 HOH 31 332 62  HOH WAT A . 
E 4 HOH 32 333 63  HOH WAT A . 
E 4 HOH 33 334 64  HOH WAT A . 
E 4 HOH 34 335 66  HOH WAT A . 
E 4 HOH 35 336 67  HOH WAT A . 
E 4 HOH 36 337 72  HOH WAT A . 
E 4 HOH 37 338 73  HOH WAT A . 
E 4 HOH 38 339 75  HOH WAT A . 
E 4 HOH 39 340 76  HOH WAT A . 
E 4 HOH 40 341 79  HOH WAT A . 
E 4 HOH 41 342 80  HOH WAT A . 
E 4 HOH 42 343 82  HOH WAT A . 
E 4 HOH 43 344 84  HOH WAT A . 
E 4 HOH 44 345 86  HOH WAT A . 
E 4 HOH 45 346 87  HOH WAT A . 
E 4 HOH 46 347 89  HOH WAT A . 
E 4 HOH 47 348 91  HOH WAT A . 
E 4 HOH 48 349 93  HOH WAT A . 
E 4 HOH 49 350 95  HOH WAT A . 
E 4 HOH 50 351 96  HOH WAT A . 
E 4 HOH 51 352 99  HOH WAT A . 
E 4 HOH 52 353 103 HOH WAT A . 
E 4 HOH 53 354 104 HOH WAT A . 
E 4 HOH 54 355 105 HOH WAT A . 
E 4 HOH 55 356 110 HOH WAT A . 
E 4 HOH 56 357 111 HOH WAT A . 
E 4 HOH 57 358 112 HOH WAT A . 
E 4 HOH 58 359 113 HOH WAT A . 
E 4 HOH 59 360 114 HOH WAT A . 
E 4 HOH 60 361 115 HOH WAT A . 
E 4 HOH 61 362 120 HOH WAT A . 
E 4 HOH 62 363 123 HOH WAT A . 
E 4 HOH 63 364 124 HOH WAT A . 
E 4 HOH 64 365 126 HOH WAT A . 
E 4 HOH 65 366 128 HOH WAT A . 
E 4 HOH 66 367 129 HOH WAT A . 
E 4 HOH 67 368 131 HOH WAT A . 
E 4 HOH 68 369 132 HOH WAT A . 
E 4 HOH 69 370 133 HOH WAT A . 
E 4 HOH 70 371 135 HOH WAT A . 
E 4 HOH 71 372 136 HOH WAT A . 
E 4 HOH 72 373 137 HOH WAT A . 
E 4 HOH 73 374 140 HOH WAT A . 
E 4 HOH 74 375 143 HOH WAT A . 
E 4 HOH 75 376 144 HOH WAT A . 
E 4 HOH 76 377 145 HOH WAT A . 
E 4 HOH 77 378 146 HOH WAT A . 
E 4 HOH 78 379 147 HOH WAT A . 
E 4 HOH 79 380 148 HOH WAT A . 
E 4 HOH 80 381 149 HOH WAT A . 
E 4 HOH 81 382 150 HOH WAT A . 
E 4 HOH 82 383 151 HOH WAT A . 
E 4 HOH 83 384 153 HOH WAT A . 
E 4 HOH 84 385 156 HOH WAT A . 
E 4 HOH 85 386 157 HOH WAT A . 
E 4 HOH 86 387 158 HOH WAT A . 
E 4 HOH 87 388 159 HOH WAT A . 
E 4 HOH 88 389 160 HOH WAT A . 
E 4 HOH 89 390 161 HOH WAT A . 
F 4 HOH 1  202 4   HOH WAT B . 
F 4 HOH 2  203 6   HOH WAT B . 
F 4 HOH 3  204 7   HOH WAT B . 
F 4 HOH 4  205 11  HOH WAT B . 
F 4 HOH 5  206 12  HOH WAT B . 
F 4 HOH 6  207 15  HOH WAT B . 
F 4 HOH 7  208 16  HOH WAT B . 
F 4 HOH 8  209 19  HOH WAT B . 
F 4 HOH 9  210 20  HOH WAT B . 
F 4 HOH 10 211 22  HOH WAT B . 
F 4 HOH 11 212 23  HOH WAT B . 
F 4 HOH 12 213 24  HOH WAT B . 
F 4 HOH 13 214 25  HOH WAT B . 
F 4 HOH 14 215 26  HOH WAT B . 
F 4 HOH 15 216 27  HOH WAT B . 
F 4 HOH 16 217 31  HOH WAT B . 
F 4 HOH 17 218 32  HOH WAT B . 
F 4 HOH 18 219 33  HOH WAT B . 
F 4 HOH 19 220 35  HOH WAT B . 
F 4 HOH 20 221 36  HOH WAT B . 
F 4 HOH 21 222 38  HOH WAT B . 
F 4 HOH 22 223 39  HOH WAT B . 
F 4 HOH 23 224 40  HOH WAT B . 
F 4 HOH 24 225 46  HOH WAT B . 
F 4 HOH 25 226 47  HOH WAT B . 
F 4 HOH 26 227 48  HOH WAT B . 
F 4 HOH 27 228 56  HOH WAT B . 
F 4 HOH 28 229 57  HOH WAT B . 
F 4 HOH 29 230 58  HOH WAT B . 
F 4 HOH 30 231 59  HOH WAT B . 
F 4 HOH 31 232 61  HOH WAT B . 
F 4 HOH 32 233 65  HOH WAT B . 
F 4 HOH 33 234 68  HOH WAT B . 
F 4 HOH 34 235 69  HOH WAT B . 
F 4 HOH 35 236 70  HOH WAT B . 
F 4 HOH 36 237 71  HOH WAT B . 
F 4 HOH 37 238 74  HOH WAT B . 
F 4 HOH 38 239 77  HOH WAT B . 
F 4 HOH 39 240 78  HOH WAT B . 
F 4 HOH 40 241 81  HOH WAT B . 
F 4 HOH 41 242 83  HOH WAT B . 
F 4 HOH 42 243 85  HOH WAT B . 
F 4 HOH 43 244 88  HOH WAT B . 
F 4 HOH 44 245 90  HOH WAT B . 
F 4 HOH 45 246 94  HOH WAT B . 
F 4 HOH 46 247 97  HOH WAT B . 
F 4 HOH 47 248 98  HOH WAT B . 
F 4 HOH 48 249 100 HOH WAT B . 
F 4 HOH 49 250 101 HOH WAT B . 
F 4 HOH 50 251 102 HOH WAT B . 
F 4 HOH 51 252 106 HOH WAT B . 
F 4 HOH 52 253 107 HOH WAT B . 
F 4 HOH 53 254 108 HOH WAT B . 
F 4 HOH 54 255 109 HOH WAT B . 
F 4 HOH 55 256 116 HOH WAT B . 
F 4 HOH 56 257 117 HOH WAT B . 
F 4 HOH 57 258 118 HOH WAT B . 
F 4 HOH 58 259 119 HOH WAT B . 
F 4 HOH 59 260 121 HOH WAT B . 
F 4 HOH 60 261 122 HOH WAT B . 
F 4 HOH 61 262 125 HOH WAT B . 
F 4 HOH 62 263 130 HOH WAT B . 
F 4 HOH 63 264 134 HOH WAT B . 
F 4 HOH 64 265 138 HOH WAT B . 
F 4 HOH 65 266 139 HOH WAT B . 
F 4 HOH 66 267 141 HOH WAT B . 
F 4 HOH 67 268 142 HOH WAT B . 
F 4 HOH 68 269 152 HOH WAT B . 
F 4 HOH 69 270 154 HOH WAT B . 
F 4 HOH 70 271 155 HOH WAT B . 
# 
loop_
_pdbx_unobs_or_zero_occ_atoms.id 
_pdbx_unobs_or_zero_occ_atoms.PDB_model_num 
_pdbx_unobs_or_zero_occ_atoms.polymer_flag 
_pdbx_unobs_or_zero_occ_atoms.occupancy_flag 
_pdbx_unobs_or_zero_occ_atoms.auth_asym_id 
_pdbx_unobs_or_zero_occ_atoms.auth_comp_id 
_pdbx_unobs_or_zero_occ_atoms.auth_seq_id 
_pdbx_unobs_or_zero_occ_atoms.PDB_ins_code 
_pdbx_unobs_or_zero_occ_atoms.auth_atom_id 
_pdbx_unobs_or_zero_occ_atoms.label_alt_id 
_pdbx_unobs_or_zero_occ_atoms.label_asym_id 
_pdbx_unobs_or_zero_occ_atoms.label_comp_id 
_pdbx_unobs_or_zero_occ_atoms.label_seq_id 
_pdbx_unobs_or_zero_occ_atoms.label_atom_id 
1  1 Y 1 A ARG 17 ? CG  ? A ARG 17 CG  
2  1 Y 1 A ARG 17 ? CD  ? A ARG 17 CD  
3  1 Y 1 A ARG 17 ? NE  ? A ARG 17 NE  
4  1 Y 1 A ARG 17 ? CZ  ? A ARG 17 CZ  
5  1 Y 1 A ARG 17 ? NH1 ? A ARG 17 NH1 
6  1 Y 1 A ARG 17 ? NH2 ? A ARG 17 NH2 
7  1 Y 1 A LYS 45 ? CG  ? A LYS 45 CG  
8  1 Y 1 A LYS 45 ? CD  ? A LYS 45 CD  
9  1 Y 1 A LYS 45 ? CE  ? A LYS 45 CE  
10 1 Y 1 A LYS 45 ? NZ  ? A LYS 45 NZ  
11 1 Y 1 A GLU 54 ? CG  ? A GLU 54 CG  
12 1 Y 1 A GLU 54 ? CD  ? A GLU 54 CD  
13 1 Y 1 A GLU 54 ? OE1 ? A GLU 54 OE1 
14 1 Y 1 A GLU 54 ? OE2 ? A GLU 54 OE2 
15 1 Y 1 A ARG 59 ? CG  ? A ARG 59 CG  
16 1 Y 1 A ARG 59 ? CD  ? A ARG 59 CD  
17 1 Y 1 A ARG 59 ? NE  ? A ARG 59 NE  
18 1 Y 1 A ARG 59 ? CZ  ? A ARG 59 CZ  
19 1 Y 1 A ARG 59 ? NH1 ? A ARG 59 NH1 
20 1 Y 1 A ARG 59 ? NH2 ? A ARG 59 NH2 
21 1 Y 1 B ASP 6  ? CG  ? B ASP 6  CG  
22 1 Y 1 B ASP 6  ? OD1 ? B ASP 6  OD1 
23 1 Y 1 B ASP 6  ? OD2 ? B ASP 6  OD2 
24 1 Y 1 B ARG 17 ? CG  ? B ARG 17 CG  
25 1 Y 1 B ARG 17 ? CD  ? B ARG 17 CD  
26 1 Y 1 B ARG 17 ? NE  ? B ARG 17 NE  
27 1 Y 1 B ARG 17 ? CZ  ? B ARG 17 CZ  
28 1 Y 1 B ARG 17 ? NH1 ? B ARG 17 NH1 
29 1 Y 1 B ARG 17 ? NH2 ? B ARG 17 NH2 
30 1 Y 1 B GLU 54 ? CG  ? B GLU 54 CG  
31 1 Y 1 B GLU 54 ? CD  ? B GLU 54 CD  
32 1 Y 1 B GLU 54 ? OE1 ? B GLU 54 OE1 
33 1 Y 1 B GLU 54 ? OE2 ? B GLU 54 OE2 
34 1 Y 1 B LYS 55 ? CG  ? B LYS 55 CG  
35 1 Y 1 B LYS 55 ? CD  ? B LYS 55 CD  
36 1 Y 1 B LYS 55 ? CE  ? B LYS 55 CE  
37 1 Y 1 B LYS 55 ? NZ  ? B LYS 55 NZ  
38 1 Y 1 B LYS 56 ? CG  ? B LYS 56 CG  
39 1 Y 1 B LYS 56 ? CD  ? B LYS 56 CD  
40 1 Y 1 B LYS 56 ? CE  ? B LYS 56 CE  
41 1 Y 1 B LYS 56 ? NZ  ? B LYS 56 NZ  
# 
loop_
_software.name 
_software.classification 
_software.version 
_software.citation_id 
_software.pdbx_ordinal 
CNX       refinement        2002 ? 1 
MAR345    'data collection' .    ? 2 
SCALEPACK 'data scaling'    .    ? 3 
AMoRE     phasing           .    ? 4 
# 
_cell.entry_id           1U4L 
_cell.length_a           24.017 
_cell.length_b           56.350 
_cell.length_c           94.412 
_cell.angle_alpha        90.00 
_cell.angle_beta         90.00 
_cell.angle_gamma        90.00 
_cell.Z_PDB              8 
_cell.pdbx_unique_axis   ? 
# 
_symmetry.entry_id                         1U4L 
_symmetry.space_group_name_H-M             'P 21 21 21' 
_symmetry.pdbx_full_space_group_name_H-M   ? 
_symmetry.cell_setting                     ? 
_symmetry.Int_Tables_number                19 
_symmetry.space_group_name_Hall            ? 
# 
_exptl.entry_id          1U4L 
_exptl.method            'X-RAY DIFFRACTION' 
_exptl.crystals_number   1 
# 
_exptl_crystal.id                    1 
_exptl_crystal.density_meas          ? 
_exptl_crystal.density_Matthews      2.0 
_exptl_crystal.density_percent_sol   37.9 
_exptl_crystal.description           ? 
_exptl_crystal.F_000                 ? 
_exptl_crystal.preparation           ? 
# 
_exptl_crystal_grow.crystal_id      1 
_exptl_crystal_grow.method          'VAPOR DIFFUSION, HANGING DROP' 
_exptl_crystal_grow.temp            293 
_exptl_crystal_grow.temp_details    ? 
_exptl_crystal_grow.pH              4.5 
_exptl_crystal_grow.pdbx_details    
;15% (w/v) PEG 400, 100mM acetate buffer, 1mM Heparin Disaccharide I-S, 10% (w/v) glycerol, pH 4.5, VAPOR DIFFUSION, HANGING DROP, temperature 293K
;
_exptl_crystal_grow.pdbx_pH_range   . 
# 
_diffrn.id                     1 
_diffrn.ambient_temp           100 
_diffrn.ambient_temp_details   ? 
_diffrn.crystal_id             1 
# 
_diffrn_detector.diffrn_id              1 
_diffrn_detector.detector               'AREA DETECTOR' 
_diffrn_detector.type                   MARRESEARCH 
_diffrn_detector.pdbx_collection_date   2000-07-19 
_diffrn_detector.details                mirrors 
# 
_diffrn_radiation.diffrn_id                        1 
_diffrn_radiation.wavelength_id                    1 
_diffrn_radiation.pdbx_monochromatic_or_laue_m_l   M 
_diffrn_radiation.monochromator                    'Osmic MaxFlux Confocal Mirrors' 
_diffrn_radiation.pdbx_diffrn_protocol             'SINGLE WAVELENGTH' 
_diffrn_radiation.pdbx_scattering_type             x-ray 
# 
_diffrn_radiation_wavelength.id           1 
_diffrn_radiation_wavelength.wavelength   1.5418 
_diffrn_radiation_wavelength.wt           1.0 
# 
_diffrn_source.diffrn_id                   1 
_diffrn_source.source                      'ROTATING ANODE' 
_diffrn_source.type                        'ENRAF-NONIUS FR571' 
_diffrn_source.pdbx_synchrotron_site       ? 
_diffrn_source.pdbx_synchrotron_beamline   ? 
_diffrn_source.pdbx_wavelength             ? 
_diffrn_source.pdbx_wavelength_list        1.5418 
# 
_reflns.entry_id                     1U4L 
_reflns.observed_criterion_sigma_I   1 
_reflns.observed_criterion_sigma_F   0 
_reflns.d_resolution_low             20.0 
_reflns.d_resolution_high            2.0 
_reflns.number_obs                   9099 
_reflns.number_all                   ? 
_reflns.percent_possible_obs         98.8 
_reflns.pdbx_Rmerge_I_obs            0.065 
_reflns.pdbx_Rsym_value              ? 
_reflns.pdbx_netI_over_sigmaI        20.3 
_reflns.B_iso_Wilson_estimate        12.8 
_reflns.pdbx_redundancy              4.25 
_reflns.R_free_details               ? 
_reflns.limit_h_max                  ? 
_reflns.limit_h_min                  ? 
_reflns.limit_k_max                  ? 
_reflns.limit_k_min                  ? 
_reflns.limit_l_max                  ? 
_reflns.limit_l_min                  ? 
_reflns.observed_criterion_F_max     ? 
_reflns.observed_criterion_F_min     ? 
_reflns.pdbx_chi_squared             ? 
_reflns.pdbx_scaling_rejects         ? 
_reflns.pdbx_diffrn_id               1 
_reflns.pdbx_ordinal                 1 
# 
_reflns_shell.d_res_high             2.00 
_reflns_shell.d_res_low              2.07 
_reflns_shell.percent_possible_all   98.7 
_reflns_shell.Rmerge_I_obs           0.216 
_reflns_shell.pdbx_Rsym_value        ? 
_reflns_shell.meanI_over_sigI_obs    6.75 
_reflns_shell.pdbx_redundancy        ? 
_reflns_shell.percent_possible_obs   ? 
_reflns_shell.number_unique_all      860 
_reflns_shell.number_measured_all    ? 
_reflns_shell.number_measured_obs    ? 
_reflns_shell.number_unique_obs      ? 
_reflns_shell.pdbx_chi_squared       ? 
_reflns_shell.pdbx_diffrn_id         ? 
_reflns_shell.pdbx_ordinal           1 
# 
_refine.entry_id                                 1U4L 
_refine.ls_number_reflns_obs                     9067 
_refine.ls_number_reflns_all                     9067 
_refine.pdbx_ls_sigma_I                          ? 
_refine.pdbx_ls_sigma_F                          0.0 
_refine.pdbx_data_cutoff_high_absF               1059581.91 
_refine.pdbx_data_cutoff_low_absF                0.000000 
_refine.pdbx_data_cutoff_high_rms_absF           ? 
_refine.ls_d_res_low                             15.16 
_refine.ls_d_res_high                            2.00 
_refine.ls_percent_reflns_obs                    98.8 
_refine.ls_R_factor_obs                          ? 
_refine.ls_R_factor_all                          ? 
_refine.ls_R_factor_R_work                       0.198 
_refine.ls_R_factor_R_free                       0.255 
_refine.ls_R_factor_R_free_error                 0.011 
_refine.ls_R_factor_R_free_error_details         ? 
_refine.ls_percent_reflns_R_free                 5.5 
_refine.ls_number_reflns_R_free                  497 
_refine.ls_number_parameters                     ? 
_refine.ls_number_restraints                     ? 
_refine.occupancy_min                            ? 
_refine.occupancy_max                            ? 
_refine.correlation_coeff_Fo_to_Fc               ? 
_refine.correlation_coeff_Fo_to_Fc_free          ? 
_refine.B_iso_mean                               24.0 
_refine.aniso_B[1][1]                            8.50 
_refine.aniso_B[2][2]                            -7.21 
_refine.aniso_B[3][3]                            -1.29 
_refine.aniso_B[1][2]                            0.00 
_refine.aniso_B[1][3]                            0.00 
_refine.aniso_B[2][3]                            0.00 
_refine.solvent_model_details                    BABINET 
_refine.solvent_model_param_ksol                 ? 
_refine.solvent_model_param_bsol                 280.0 
_refine.pdbx_solvent_vdw_probe_radii             ? 
_refine.pdbx_solvent_ion_probe_radii             ? 
_refine.pdbx_solvent_shrinkage_radii             ? 
_refine.pdbx_ls_cross_valid_method               THROUGHOUT 
_refine.details                                  'BULK SOLVENT MODEL USED' 
_refine.pdbx_starting_model                      'PDB ENTRY 1EQT' 
_refine.pdbx_method_to_determine_struct          'MOLECULAR REPLACEMENT' 
_refine.pdbx_isotropic_thermal_model             RESTRAINED 
_refine.pdbx_stereochemistry_target_values       'Engh & Huber' 
_refine.pdbx_stereochem_target_val_spec_case     ? 
_refine.pdbx_R_Free_selection_details            RANDOM 
_refine.pdbx_overall_ESU_R                       ? 
_refine.pdbx_overall_ESU_R_Free                  ? 
_refine.overall_SU_ML                            ? 
_refine.overall_SU_B                             ? 
_refine.ls_redundancy_reflns_obs                 ? 
_refine.B_iso_min                                ? 
_refine.B_iso_max                                ? 
_refine.overall_SU_R_Cruickshank_DPI             ? 
_refine.overall_SU_R_free                        ? 
_refine.ls_wR_factor_R_free                      ? 
_refine.ls_wR_factor_R_work                      ? 
_refine.overall_FOM_free_R_set                   ? 
_refine.overall_FOM_work_R_set                   ? 
_refine.pdbx_refine_id                           'X-RAY DIFFRACTION' 
_refine.pdbx_diffrn_id                           1 
_refine.pdbx_TLS_residual_ADP_flag               ? 
_refine.pdbx_overall_phase_error                 ? 
_refine.pdbx_overall_SU_R_free_Cruickshank_DPI   ? 
_refine.pdbx_overall_SU_R_Blow_DPI               ? 
_refine.pdbx_overall_SU_R_free_Blow_DPI          ? 
# 
_refine_analyze.entry_id                        1U4L 
_refine_analyze.Luzzati_coordinate_error_obs    0.20 
_refine_analyze.Luzzati_sigma_a_obs             0.08 
_refine_analyze.Luzzati_d_res_low_obs           5.00 
_refine_analyze.Luzzati_coordinate_error_free   0.26 
_refine_analyze.Luzzati_sigma_a_free            0.13 
_refine_analyze.Luzzati_d_res_low_free          ? 
_refine_analyze.number_disordered_residues      ? 
_refine_analyze.occupancy_sum_hydrogen          ? 
_refine_analyze.occupancy_sum_non_hydrogen      ? 
_refine_analyze.pdbx_Luzzati_d_res_high_obs     ? 
_refine_analyze.pdbx_refine_id                  'X-RAY DIFFRACTION' 
# 
_refine_hist.pdbx_refine_id                   'X-RAY DIFFRACTION' 
_refine_hist.cycle_id                         LAST 
_refine_hist.pdbx_number_atoms_protein        1030 
_refine_hist.pdbx_number_atoms_nucleic_acid   0 
_refine_hist.pdbx_number_atoms_ligand         35 
_refine_hist.number_atoms_solvent             163 
_refine_hist.number_atoms_total               1228 
_refine_hist.d_res_high                       2.00 
_refine_hist.d_res_low                        15.16 
# 
loop_
_refine_ls_restr.type 
_refine_ls_restr.dev_ideal 
_refine_ls_restr.dev_ideal_target 
_refine_ls_restr.weight 
_refine_ls_restr.number 
_refine_ls_restr.pdbx_refine_id 
_refine_ls_restr.pdbx_restraint_function 
c_bond_d           0.005 ?    ? ? 'X-RAY DIFFRACTION' ? 
c_angle_deg        1.3   ?    ? ? 'X-RAY DIFFRACTION' ? 
c_dihedral_angle_d 24.0  ?    ? ? 'X-RAY DIFFRACTION' ? 
c_improper_angle_d 0.81  ?    ? ? 'X-RAY DIFFRACTION' ? 
c_mcbond_it        1.34  1.50 ? ? 'X-RAY DIFFRACTION' ? 
c_mcangle_it       2.13  2.00 ? ? 'X-RAY DIFFRACTION' ? 
c_scbond_it        1.97  2.00 ? ? 'X-RAY DIFFRACTION' ? 
c_scangle_it       2.83  2.50 ? ? 'X-RAY DIFFRACTION' ? 
# 
_refine_ls_shell.pdbx_total_number_of_bins_used   6 
_refine_ls_shell.d_res_high                       2.00 
_refine_ls_shell.d_res_low                        2.13 
_refine_ls_shell.number_reflns_R_work             1378 
_refine_ls_shell.R_factor_R_work                  0.191 
_refine_ls_shell.percent_reflns_obs               97.9 
_refine_ls_shell.R_factor_R_free                  0.255 
_refine_ls_shell.R_factor_R_free_error            0.031 
_refine_ls_shell.percent_reflns_R_free            4.6 
_refine_ls_shell.number_reflns_R_free             66 
_refine_ls_shell.number_reflns_obs                1444 
_refine_ls_shell.redundancy_reflns_obs            ? 
_refine_ls_shell.number_reflns_all                ? 
_refine_ls_shell.pdbx_refine_id                   'X-RAY DIFFRACTION' 
_refine_ls_shell.R_factor_all                     ? 
# 
loop_
_pdbx_xplor_file.serial_no 
_pdbx_xplor_file.param_file 
_pdbx_xplor_file.topol_file 
_pdbx_xplor_file.pdbx_refine_id 
1 PROTEIN_REP.PARAM PROTEIN.TOP 'X-RAY DIFFRACTION' 
2 WATER_REP.PARAM   WATER.TOP   'X-RAY DIFFRACTION' 
3 ION.PARAM         ION.TOP     'X-RAY DIFFRACTION' 
# 
_struct.entry_id                  1U4L 
_struct.title                     'human RANTES complexed to heparin-derived disaccharide I-S' 
_struct.pdbx_model_details        ? 
_struct.pdbx_CASP_flag            ? 
_struct.pdbx_model_type_details   ? 
# 
_struct_keywords.entry_id        1U4L 
_struct_keywords.pdbx_keywords   ATTRACTANT 
_struct_keywords.text            
'CHEMOATTRACTANT, CYTOKINE, CHEMOKINE, RANTES, GLYCOSAMINOGLYCAN, PROTEIN-HEPARIN DISACCHARIDE COMPLEX, attractant' 
# 
loop_
_struct_asym.id 
_struct_asym.pdbx_blank_PDB_chainid_flag 
_struct_asym.pdbx_modified 
_struct_asym.entity_id 
_struct_asym.details 
A N N 1 ? 
B N N 1 ? 
C N N 2 ? 
D N N 3 ? 
E N N 4 ? 
F N N 4 ? 
# 
_struct_ref.id                         1 
_struct_ref.db_name                    UNP 
_struct_ref.db_code                    CCL5_HUMAN 
_struct_ref.pdbx_db_accession          P13501 
_struct_ref.entity_id                  1 
_struct_ref.pdbx_seq_one_letter_code   SPYSSDTTPCCFAYIARPLPRAHIKEYFYTSGKCSNPAVVFVTRKNRQVCANPEKKWVREYINSLEMS 
_struct_ref.pdbx_align_begin           24 
_struct_ref.pdbx_db_isoform            ? 
# 
loop_
_struct_ref_seq.align_id 
_struct_ref_seq.ref_id 
_struct_ref_seq.pdbx_PDB_id_code 
_struct_ref_seq.pdbx_strand_id 
_struct_ref_seq.seq_align_beg 
_struct_ref_seq.pdbx_seq_align_beg_ins_code 
_struct_ref_seq.seq_align_end 
_struct_ref_seq.pdbx_seq_align_end_ins_code 
_struct_ref_seq.pdbx_db_accession 
_struct_ref_seq.db_align_beg 
_struct_ref_seq.pdbx_db_align_beg_ins_code 
_struct_ref_seq.db_align_end 
_struct_ref_seq.pdbx_db_align_end_ins_code 
_struct_ref_seq.pdbx_auth_seq_align_beg 
_struct_ref_seq.pdbx_auth_seq_align_end 
1 1 1U4L A 1 ? 68 ? P13501 24 ? 91 ? 1 68 
2 1 1U4L B 1 ? 68 ? P13501 24 ? 91 ? 1 68 
# 
_pdbx_struct_assembly.id                   1 
_pdbx_struct_assembly.details              author_and_software_defined_assembly 
_pdbx_struct_assembly.method_details       PISA 
_pdbx_struct_assembly.oligomeric_details   dimeric 
_pdbx_struct_assembly.oligomeric_count     2 
# 
loop_
_pdbx_struct_assembly_prop.biol_id 
_pdbx_struct_assembly_prop.type 
_pdbx_struct_assembly_prop.value 
_pdbx_struct_assembly_prop.details 
1 'ABSA (A^2)' 1790 ? 
1 MORE         -19  ? 
1 'SSA (A^2)'  8140 ? 
# 
_pdbx_struct_assembly_gen.assembly_id       1 
_pdbx_struct_assembly_gen.oper_expression   1 
_pdbx_struct_assembly_gen.asym_id_list      A,B,C,D,E,F 
# 
_pdbx_struct_oper_list.id                   1 
_pdbx_struct_oper_list.type                 'identity operation' 
_pdbx_struct_oper_list.name                 1_555 
_pdbx_struct_oper_list.symmetry_operation   x,y,z 
_pdbx_struct_oper_list.matrix[1][1]         1.0000000000 
_pdbx_struct_oper_list.matrix[1][2]         0.0000000000 
_pdbx_struct_oper_list.matrix[1][3]         0.0000000000 
_pdbx_struct_oper_list.vector[1]            0.0000000000 
_pdbx_struct_oper_list.matrix[2][1]         0.0000000000 
_pdbx_struct_oper_list.matrix[2][2]         1.0000000000 
_pdbx_struct_oper_list.matrix[2][3]         0.0000000000 
_pdbx_struct_oper_list.vector[2]            0.0000000000 
_pdbx_struct_oper_list.matrix[3][1]         0.0000000000 
_pdbx_struct_oper_list.matrix[3][2]         0.0000000000 
_pdbx_struct_oper_list.matrix[3][3]         1.0000000000 
_pdbx_struct_oper_list.vector[3]            0.0000000000 
# 
_struct_biol.id                    1 
_struct_biol.pdbx_parent_biol_id   ? 
_struct_biol.details               ? 
# 
loop_
_struct_conf.conf_type_id 
_struct_conf.id 
_struct_conf.pdbx_PDB_helix_id 
_struct_conf.beg_label_comp_id 
_struct_conf.beg_label_asym_id 
_struct_conf.beg_label_seq_id 
_struct_conf.pdbx_beg_PDB_ins_code 
_struct_conf.end_label_comp_id 
_struct_conf.end_label_asym_id 
_struct_conf.end_label_seq_id 
_struct_conf.pdbx_end_PDB_ins_code 
_struct_conf.beg_auth_comp_id 
_struct_conf.beg_auth_asym_id 
_struct_conf.beg_auth_seq_id 
_struct_conf.end_auth_comp_id 
_struct_conf.end_auth_asym_id 
_struct_conf.end_auth_seq_id 
_struct_conf.pdbx_PDB_helix_class 
_struct_conf.details 
_struct_conf.pdbx_PDB_helix_length 
HELX_P HELX_P1 1 ARG A 21 ? HIS A 23 ? ARG A 21 HIS A 23 1 ? 3  
HELX_P HELX_P2 2 LYS A 56 ? LEU A 65 ? LYS A 56 LEU A 65 1 ? 10 
HELX_P HELX_P3 3 ARG B 21 ? HIS B 23 ? ARG B 21 HIS B 23 1 ? 3  
HELX_P HELX_P4 4 LYS B 56 ? MET B 67 ? LYS B 56 MET B 67 1 ? 12 
# 
_struct_conf_type.id          HELX_P 
_struct_conf_type.criteria    ? 
_struct_conf_type.reference   ? 
# 
loop_
_struct_conn.id 
_struct_conn.conn_type_id 
_struct_conn.pdbx_leaving_atom_flag 
_struct_conn.pdbx_PDB_id 
_struct_conn.ptnr1_label_asym_id 
_struct_conn.ptnr1_label_comp_id 
_struct_conn.ptnr1_label_seq_id 
_struct_conn.ptnr1_label_atom_id 
_struct_conn.pdbx_ptnr1_label_alt_id 
_struct_conn.pdbx_ptnr1_PDB_ins_code 
_struct_conn.pdbx_ptnr1_standard_comp_id 
_struct_conn.ptnr1_symmetry 
_struct_conn.ptnr2_label_asym_id 
_struct_conn.ptnr2_label_comp_id 
_struct_conn.ptnr2_label_seq_id 
_struct_conn.ptnr2_label_atom_id 
_struct_conn.pdbx_ptnr2_label_alt_id 
_struct_conn.pdbx_ptnr2_PDB_ins_code 
_struct_conn.ptnr1_auth_asym_id 
_struct_conn.ptnr1_auth_comp_id 
_struct_conn.ptnr1_auth_seq_id 
_struct_conn.ptnr2_auth_asym_id 
_struct_conn.ptnr2_auth_comp_id 
_struct_conn.ptnr2_auth_seq_id 
_struct_conn.ptnr2_symmetry 
_struct_conn.pdbx_ptnr3_label_atom_id 
_struct_conn.pdbx_ptnr3_label_seq_id 
_struct_conn.pdbx_ptnr3_label_comp_id 
_struct_conn.pdbx_ptnr3_label_asym_id 
_struct_conn.pdbx_ptnr3_label_alt_id 
_struct_conn.pdbx_ptnr3_PDB_ins_code 
_struct_conn.details 
_struct_conn.pdbx_dist_value 
_struct_conn.pdbx_value_order 
_struct_conn.pdbx_role 
disulf1 disulf ?    ? A CYS 10 SG ? ? ? 1_555 A CYS 34 SG ? ? A CYS 10 A CYS 34 1_555 ? ? ? ? ? ? ? 2.032 ?    ? 
disulf2 disulf ?    ? A CYS 11 SG ? ? ? 1_555 A CYS 50 SG ? ? A CYS 11 A CYS 50 1_555 ? ? ? ? ? ? ? 2.027 ?    ? 
disulf3 disulf ?    ? B CYS 10 SG ? ? ? 1_555 B CYS 34 SG ? ? B CYS 10 B CYS 34 1_555 ? ? ? ? ? ? ? 2.035 ?    ? 
disulf4 disulf ?    ? B CYS 11 SG ? ? ? 1_555 B CYS 50 SG ? ? B CYS 11 B CYS 50 1_555 ? ? ? ? ? ? ? 2.027 ?    ? 
covale1 covale both ? C SGN .  O4 ? ? ? 1_555 C UAP .  C1 ? ? C SGN 1  C UAP 2  1_555 ? ? ? ? ? ? ? 1.467 sing ? 
# 
loop_
_struct_conn_type.id 
_struct_conn_type.criteria 
_struct_conn_type.reference 
disulf ? ? 
covale ? ? 
# 
loop_
_pdbx_modification_feature.ordinal 
_pdbx_modification_feature.label_comp_id 
_pdbx_modification_feature.label_asym_id 
_pdbx_modification_feature.label_seq_id 
_pdbx_modification_feature.label_alt_id 
_pdbx_modification_feature.modified_residue_label_comp_id 
_pdbx_modification_feature.modified_residue_label_asym_id 
_pdbx_modification_feature.modified_residue_label_seq_id 
_pdbx_modification_feature.modified_residue_label_alt_id 
_pdbx_modification_feature.auth_comp_id 
_pdbx_modification_feature.auth_asym_id 
_pdbx_modification_feature.auth_seq_id 
_pdbx_modification_feature.PDB_ins_code 
_pdbx_modification_feature.symmetry 
_pdbx_modification_feature.modified_residue_auth_comp_id 
_pdbx_modification_feature.modified_residue_auth_asym_id 
_pdbx_modification_feature.modified_residue_auth_seq_id 
_pdbx_modification_feature.modified_residue_PDB_ins_code 
_pdbx_modification_feature.modified_residue_symmetry 
_pdbx_modification_feature.comp_id_linking_atom 
_pdbx_modification_feature.modified_residue_id_linking_atom 
_pdbx_modification_feature.modified_residue_id 
_pdbx_modification_feature.ref_pcm_id 
_pdbx_modification_feature.ref_comp_id 
_pdbx_modification_feature.type 
_pdbx_modification_feature.category 
1 CYS A 10 ? CYS A 34 ? CYS A 10 ? 1_555 CYS A 34 ? 1_555 SG SG . . . None 'Disulfide bridge' 
2 CYS A 11 ? CYS A 50 ? CYS A 11 ? 1_555 CYS A 50 ? 1_555 SG SG . . . None 'Disulfide bridge' 
3 CYS B 10 ? CYS B 34 ? CYS B 10 ? 1_555 CYS B 34 ? 1_555 SG SG . . . None 'Disulfide bridge' 
4 CYS B 11 ? CYS B 50 ? CYS B 11 ? 1_555 CYS B 50 ? 1_555 SG SG . . . None 'Disulfide bridge' 
# 
loop_
_struct_sheet.id 
_struct_sheet.type 
_struct_sheet.number_strands 
_struct_sheet.details 
1 ? 1 ? 
2 ? 1 ? 
3 ? 1 ? 
4 ? 1 ? 
5 ? 1 ? 
6 ? 1 ? 
7 ? 1 ? 
8 ? 1 ? 
# 
loop_
_struct_sheet_range.sheet_id 
_struct_sheet_range.id 
_struct_sheet_range.beg_label_comp_id 
_struct_sheet_range.beg_label_asym_id 
_struct_sheet_range.beg_label_seq_id 
_struct_sheet_range.pdbx_beg_PDB_ins_code 
_struct_sheet_range.end_label_comp_id 
_struct_sheet_range.end_label_asym_id 
_struct_sheet_range.end_label_seq_id 
_struct_sheet_range.pdbx_end_PDB_ins_code 
_struct_sheet_range.beg_auth_comp_id 
_struct_sheet_range.beg_auth_asym_id 
_struct_sheet_range.beg_auth_seq_id 
_struct_sheet_range.end_auth_comp_id 
_struct_sheet_range.end_auth_asym_id 
_struct_sheet_range.end_auth_seq_id 
1 1 THR A 8  ? CYS A 10 ? THR A 8  CYS A 10 
2 1 ILE A 24 ? TYR A 29 ? ILE A 24 TYR A 29 
3 1 VAL A 39 ? THR A 43 ? VAL A 39 THR A 43 
4 1 GLN A 48 ? ALA A 51 ? GLN A 48 ALA A 51 
5 1 THR B 8  ? CYS B 10 ? THR B 8  CYS B 10 
6 1 ILE B 24 ? TYR B 29 ? ILE B 24 TYR B 29 
7 1 VAL B 39 ? THR B 43 ? VAL B 39 THR B 43 
8 1 GLN B 48 ? ALA B 51 ? GLN B 48 ALA B 51 
# 
_pdbx_entry_details.entry_id                   1U4L 
_pdbx_entry_details.compound_details           ? 
_pdbx_entry_details.source_details             ? 
_pdbx_entry_details.nonpolymer_details         ? 
_pdbx_entry_details.sequence_details           ? 
_pdbx_entry_details.has_ligand_of_interest     ? 
_pdbx_entry_details.has_protein_modification   Y 
# 
_pdbx_molecule_features.prd_id    PRD_900026 
_pdbx_molecule_features.name      'HEPARIN DISACCHARIDE I-S,' 
_pdbx_molecule_features.type      Oligosaccharide 
_pdbx_molecule_features.class     'Substrate analog' 
_pdbx_molecule_features.details   'oligosaccharide with ring modification on monosaccharide components' 
# 
_pdbx_molecule.instance_id   1 
_pdbx_molecule.prd_id        PRD_900026 
_pdbx_molecule.asym_id       C 
# 
loop_
_pdbx_unobs_or_zero_occ_residues.id 
_pdbx_unobs_or_zero_occ_residues.PDB_model_num 
_pdbx_unobs_or_zero_occ_residues.polymer_flag 
_pdbx_unobs_or_zero_occ_residues.occupancy_flag 
_pdbx_unobs_or_zero_occ_residues.auth_asym_id 
_pdbx_unobs_or_zero_occ_residues.auth_comp_id 
_pdbx_unobs_or_zero_occ_residues.auth_seq_id 
_pdbx_unobs_or_zero_occ_residues.PDB_ins_code 
_pdbx_unobs_or_zero_occ_residues.label_asym_id 
_pdbx_unobs_or_zero_occ_residues.label_comp_id 
_pdbx_unobs_or_zero_occ_residues.label_seq_id 
1 1 Y 1 A SER 1 ? A SER 1 
2 1 Y 1 B SER 1 ? B SER 1 
3 1 Y 1 B PRO 2 ? B PRO 2 
4 1 Y 1 B TYR 3 ? B TYR 3 
# 
loop_
_chem_comp_atom.comp_id 
_chem_comp_atom.atom_id 
_chem_comp_atom.type_symbol 
_chem_comp_atom.pdbx_aromatic_flag 
_chem_comp_atom.pdbx_stereo_config 
_chem_comp_atom.pdbx_ordinal 
ACY C    C N N 1   
ACY O    O N N 2   
ACY OXT  O N N 3   
ACY CH3  C N N 4   
ACY HXT  H N N 5   
ACY H1   H N N 6   
ACY H2   H N N 7   
ACY H3   H N N 8   
ALA N    N N N 9   
ALA CA   C N S 10  
ALA C    C N N 11  
ALA O    O N N 12  
ALA CB   C N N 13  
ALA OXT  O N N 14  
ALA H    H N N 15  
ALA H2   H N N 16  
ALA HA   H N N 17  
ALA HB1  H N N 18  
ALA HB2  H N N 19  
ALA HB3  H N N 20  
ALA HXT  H N N 21  
ARG N    N N N 22  
ARG CA   C N S 23  
ARG C    C N N 24  
ARG O    O N N 25  
ARG CB   C N N 26  
ARG CG   C N N 27  
ARG CD   C N N 28  
ARG NE   N N N 29  
ARG CZ   C N N 30  
ARG NH1  N N N 31  
ARG NH2  N N N 32  
ARG OXT  O N N 33  
ARG H    H N N 34  
ARG H2   H N N 35  
ARG HA   H N N 36  
ARG HB2  H N N 37  
ARG HB3  H N N 38  
ARG HG2  H N N 39  
ARG HG3  H N N 40  
ARG HD2  H N N 41  
ARG HD3  H N N 42  
ARG HE   H N N 43  
ARG HH11 H N N 44  
ARG HH12 H N N 45  
ARG HH21 H N N 46  
ARG HH22 H N N 47  
ARG HXT  H N N 48  
ASN N    N N N 49  
ASN CA   C N S 50  
ASN C    C N N 51  
ASN O    O N N 52  
ASN CB   C N N 53  
ASN CG   C N N 54  
ASN OD1  O N N 55  
ASN ND2  N N N 56  
ASN OXT  O N N 57  
ASN H    H N N 58  
ASN H2   H N N 59  
ASN HA   H N N 60  
ASN HB2  H N N 61  
ASN HB3  H N N 62  
ASN HD21 H N N 63  
ASN HD22 H N N 64  
ASN HXT  H N N 65  
ASP N    N N N 66  
ASP CA   C N S 67  
ASP C    C N N 68  
ASP O    O N N 69  
ASP CB   C N N 70  
ASP CG   C N N 71  
ASP OD1  O N N 72  
ASP OD2  O N N 73  
ASP OXT  O N N 74  
ASP H    H N N 75  
ASP H2   H N N 76  
ASP HA   H N N 77  
ASP HB2  H N N 78  
ASP HB3  H N N 79  
ASP HD2  H N N 80  
ASP HXT  H N N 81  
CYS N    N N N 82  
CYS CA   C N R 83  
CYS C    C N N 84  
CYS O    O N N 85  
CYS CB   C N N 86  
CYS SG   S N N 87  
CYS OXT  O N N 88  
CYS H    H N N 89  
CYS H2   H N N 90  
CYS HA   H N N 91  
CYS HB2  H N N 92  
CYS HB3  H N N 93  
CYS HG   H N N 94  
CYS HXT  H N N 95  
GLN N    N N N 96  
GLN CA   C N S 97  
GLN C    C N N 98  
GLN O    O N N 99  
GLN CB   C N N 100 
GLN CG   C N N 101 
GLN CD   C N N 102 
GLN OE1  O N N 103 
GLN NE2  N N N 104 
GLN OXT  O N N 105 
GLN H    H N N 106 
GLN H2   H N N 107 
GLN HA   H N N 108 
GLN HB2  H N N 109 
GLN HB3  H N N 110 
GLN HG2  H N N 111 
GLN HG3  H N N 112 
GLN HE21 H N N 113 
GLN HE22 H N N 114 
GLN HXT  H N N 115 
GLU N    N N N 116 
GLU CA   C N S 117 
GLU C    C N N 118 
GLU O    O N N 119 
GLU CB   C N N 120 
GLU CG   C N N 121 
GLU CD   C N N 122 
GLU OE1  O N N 123 
GLU OE2  O N N 124 
GLU OXT  O N N 125 
GLU H    H N N 126 
GLU H2   H N N 127 
GLU HA   H N N 128 
GLU HB2  H N N 129 
GLU HB3  H N N 130 
GLU HG2  H N N 131 
GLU HG3  H N N 132 
GLU HE2  H N N 133 
GLU HXT  H N N 134 
GLY N    N N N 135 
GLY CA   C N N 136 
GLY C    C N N 137 
GLY O    O N N 138 
GLY OXT  O N N 139 
GLY H    H N N 140 
GLY H2   H N N 141 
GLY HA2  H N N 142 
GLY HA3  H N N 143 
GLY HXT  H N N 144 
HIS N    N N N 145 
HIS CA   C N S 146 
HIS C    C N N 147 
HIS O    O N N 148 
HIS CB   C N N 149 
HIS CG   C Y N 150 
HIS ND1  N Y N 151 
HIS CD2  C Y N 152 
HIS CE1  C Y N 153 
HIS NE2  N Y N 154 
HIS OXT  O N N 155 
HIS H    H N N 156 
HIS H2   H N N 157 
HIS HA   H N N 158 
HIS HB2  H N N 159 
HIS HB3  H N N 160 
HIS HD1  H N N 161 
HIS HD2  H N N 162 
HIS HE1  H N N 163 
HIS HE2  H N N 164 
HIS HXT  H N N 165 
HOH O    O N N 166 
HOH H1   H N N 167 
HOH H2   H N N 168 
ILE N    N N N 169 
ILE CA   C N S 170 
ILE C    C N N 171 
ILE O    O N N 172 
ILE CB   C N S 173 
ILE CG1  C N N 174 
ILE CG2  C N N 175 
ILE CD1  C N N 176 
ILE OXT  O N N 177 
ILE H    H N N 178 
ILE H2   H N N 179 
ILE HA   H N N 180 
ILE HB   H N N 181 
ILE HG12 H N N 182 
ILE HG13 H N N 183 
ILE HG21 H N N 184 
ILE HG22 H N N 185 
ILE HG23 H N N 186 
ILE HD11 H N N 187 
ILE HD12 H N N 188 
ILE HD13 H N N 189 
ILE HXT  H N N 190 
LEU N    N N N 191 
LEU CA   C N S 192 
LEU C    C N N 193 
LEU O    O N N 194 
LEU CB   C N N 195 
LEU CG   C N N 196 
LEU CD1  C N N 197 
LEU CD2  C N N 198 
LEU OXT  O N N 199 
LEU H    H N N 200 
LEU H2   H N N 201 
LEU HA   H N N 202 
LEU HB2  H N N 203 
LEU HB3  H N N 204 
LEU HG   H N N 205 
LEU HD11 H N N 206 
LEU HD12 H N N 207 
LEU HD13 H N N 208 
LEU HD21 H N N 209 
LEU HD22 H N N 210 
LEU HD23 H N N 211 
LEU HXT  H N N 212 
LYS N    N N N 213 
LYS CA   C N S 214 
LYS C    C N N 215 
LYS O    O N N 216 
LYS CB   C N N 217 
LYS CG   C N N 218 
LYS CD   C N N 219 
LYS CE   C N N 220 
LYS NZ   N N N 221 
LYS OXT  O N N 222 
LYS H    H N N 223 
LYS H2   H N N 224 
LYS HA   H N N 225 
LYS HB2  H N N 226 
LYS HB3  H N N 227 
LYS HG2  H N N 228 
LYS HG3  H N N 229 
LYS HD2  H N N 230 
LYS HD3  H N N 231 
LYS HE2  H N N 232 
LYS HE3  H N N 233 
LYS HZ1  H N N 234 
LYS HZ2  H N N 235 
LYS HZ3  H N N 236 
LYS HXT  H N N 237 
MET N    N N N 238 
MET CA   C N S 239 
MET C    C N N 240 
MET O    O N N 241 
MET CB   C N N 242 
MET CG   C N N 243 
MET SD   S N N 244 
MET CE   C N N 245 
MET OXT  O N N 246 
MET H    H N N 247 
MET H2   H N N 248 
MET HA   H N N 249 
MET HB2  H N N 250 
MET HB3  H N N 251 
MET HG2  H N N 252 
MET HG3  H N N 253 
MET HE1  H N N 254 
MET HE2  H N N 255 
MET HE3  H N N 256 
MET HXT  H N N 257 
PHE N    N N N 258 
PHE CA   C N S 259 
PHE C    C N N 260 
PHE O    O N N 261 
PHE CB   C N N 262 
PHE CG   C Y N 263 
PHE CD1  C Y N 264 
PHE CD2  C Y N 265 
PHE CE1  C Y N 266 
PHE CE2  C Y N 267 
PHE CZ   C Y N 268 
PHE OXT  O N N 269 
PHE H    H N N 270 
PHE H2   H N N 271 
PHE HA   H N N 272 
PHE HB2  H N N 273 
PHE HB3  H N N 274 
PHE HD1  H N N 275 
PHE HD2  H N N 276 
PHE HE1  H N N 277 
PHE HE2  H N N 278 
PHE HZ   H N N 279 
PHE HXT  H N N 280 
PRO N    N N N 281 
PRO CA   C N S 282 
PRO C    C N N 283 
PRO O    O N N 284 
PRO CB   C N N 285 
PRO CG   C N N 286 
PRO CD   C N N 287 
PRO OXT  O N N 288 
PRO H    H N N 289 
PRO HA   H N N 290 
PRO HB2  H N N 291 
PRO HB3  H N N 292 
PRO HG2  H N N 293 
PRO HG3  H N N 294 
PRO HD2  H N N 295 
PRO HD3  H N N 296 
PRO HXT  H N N 297 
SER N    N N N 298 
SER CA   C N S 299 
SER C    C N N 300 
SER O    O N N 301 
SER CB   C N N 302 
SER OG   O N N 303 
SER OXT  O N N 304 
SER H    H N N 305 
SER H2   H N N 306 
SER HA   H N N 307 
SER HB2  H N N 308 
SER HB3  H N N 309 
SER HG   H N N 310 
SER HXT  H N N 311 
SGN C1   C N S 312 
SGN C2   C N R 313 
SGN C3   C N R 314 
SGN C4   C N S 315 
SGN C5   C N R 316 
SGN C6   C N N 317 
SGN N2   N N N 318 
SGN O1   O N N 319 
SGN O3   O N N 320 
SGN O4   O N N 321 
SGN O5   O N N 322 
SGN O6   O N N 323 
SGN S1   S N N 324 
SGN O1S  O N N 325 
SGN O2S  O N N 326 
SGN O3S  O N N 327 
SGN S2   S N N 328 
SGN O4S  O N N 329 
SGN O5S  O N N 330 
SGN O6S  O N N 331 
SGN H1   H N N 332 
SGN H2   H N N 333 
SGN H3   H N N 334 
SGN H4   H N N 335 
SGN H5   H N N 336 
SGN H61  H N N 337 
SGN H62  H N N 338 
SGN HN21 H N N 339 
SGN HO1  H N N 340 
SGN HO3  H N N 341 
SGN HO4  H N N 342 
SGN HOS3 H N N 343 
SGN HOS6 H N N 344 
THR N    N N N 345 
THR CA   C N S 346 
THR C    C N N 347 
THR O    O N N 348 
THR CB   C N R 349 
THR OG1  O N N 350 
THR CG2  C N N 351 
THR OXT  O N N 352 
THR H    H N N 353 
THR H2   H N N 354 
THR HA   H N N 355 
THR HB   H N N 356 
THR HG1  H N N 357 
THR HG21 H N N 358 
THR HG22 H N N 359 
THR HG23 H N N 360 
THR HXT  H N N 361 
TRP N    N N N 362 
TRP CA   C N S 363 
TRP C    C N N 364 
TRP O    O N N 365 
TRP CB   C N N 366 
TRP CG   C Y N 367 
TRP CD1  C Y N 368 
TRP CD2  C Y N 369 
TRP NE1  N Y N 370 
TRP CE2  C Y N 371 
TRP CE3  C Y N 372 
TRP CZ2  C Y N 373 
TRP CZ3  C Y N 374 
TRP CH2  C Y N 375 
TRP OXT  O N N 376 
TRP H    H N N 377 
TRP H2   H N N 378 
TRP HA   H N N 379 
TRP HB2  H N N 380 
TRP HB3  H N N 381 
TRP HD1  H N N 382 
TRP HE1  H N N 383 
TRP HE3  H N N 384 
TRP HZ2  H N N 385 
TRP HZ3  H N N 386 
TRP HH2  H N N 387 
TRP HXT  H N N 388 
TYR N    N N N 389 
TYR CA   C N S 390 
TYR C    C N N 391 
TYR O    O N N 392 
TYR CB   C N N 393 
TYR CG   C Y N 394 
TYR CD1  C Y N 395 
TYR CD2  C Y N 396 
TYR CE1  C Y N 397 
TYR CE2  C Y N 398 
TYR CZ   C Y N 399 
TYR OH   O N N 400 
TYR OXT  O N N 401 
TYR H    H N N 402 
TYR H2   H N N 403 
TYR HA   H N N 404 
TYR HB2  H N N 405 
TYR HB3  H N N 406 
TYR HD1  H N N 407 
TYR HD2  H N N 408 
TYR HE1  H N N 409 
TYR HE2  H N N 410 
TYR HH   H N N 411 
TYR HXT  H N N 412 
UAP S    S N N 413 
UAP C1   C N R 414 
UAP O1   O N N 415 
UAP C2   C N R 416 
UAP O2   O N N 417 
UAP C3   C N S 418 
UAP O3   O N N 419 
UAP C4   C N N 420 
UAP C5   C N N 421 
UAP O5   O N N 422 
UAP C6   C N N 423 
UAP O1S  O N N 424 
UAP O2S  O N N 425 
UAP O3S  O N N 426 
UAP O6B  O N N 427 
UAP O6A  O N N 428 
UAP H1   H N N 429 
UAP HO1  H N N 430 
UAP H2   H N N 431 
UAP H3   H N N 432 
UAP HO3  H N N 433 
UAP H4   H N N 434 
UAP HO1S H N N 435 
UAP HO6B H N N 436 
VAL N    N N N 437 
VAL CA   C N S 438 
VAL C    C N N 439 
VAL O    O N N 440 
VAL CB   C N N 441 
VAL CG1  C N N 442 
VAL CG2  C N N 443 
VAL OXT  O N N 444 
VAL H    H N N 445 
VAL H2   H N N 446 
VAL HA   H N N 447 
VAL HB   H N N 448 
VAL HG11 H N N 449 
VAL HG12 H N N 450 
VAL HG13 H N N 451 
VAL HG21 H N N 452 
VAL HG22 H N N 453 
VAL HG23 H N N 454 
VAL HXT  H N N 455 
# 
loop_
_chem_comp_bond.comp_id 
_chem_comp_bond.atom_id_1 
_chem_comp_bond.atom_id_2 
_chem_comp_bond.value_order 
_chem_comp_bond.pdbx_aromatic_flag 
_chem_comp_bond.pdbx_stereo_config 
_chem_comp_bond.pdbx_ordinal 
ACY C   O    doub N N 1   
ACY C   OXT  sing N N 2   
ACY C   CH3  sing N N 3   
ACY OXT HXT  sing N N 4   
ACY CH3 H1   sing N N 5   
ACY CH3 H2   sing N N 6   
ACY CH3 H3   sing N N 7   
ALA N   CA   sing N N 8   
ALA N   H    sing N N 9   
ALA N   H2   sing N N 10  
ALA CA  C    sing N N 11  
ALA CA  CB   sing N N 12  
ALA CA  HA   sing N N 13  
ALA C   O    doub N N 14  
ALA C   OXT  sing N N 15  
ALA CB  HB1  sing N N 16  
ALA CB  HB2  sing N N 17  
ALA CB  HB3  sing N N 18  
ALA OXT HXT  sing N N 19  
ARG N   CA   sing N N 20  
ARG N   H    sing N N 21  
ARG N   H2   sing N N 22  
ARG CA  C    sing N N 23  
ARG CA  CB   sing N N 24  
ARG CA  HA   sing N N 25  
ARG C   O    doub N N 26  
ARG C   OXT  sing N N 27  
ARG CB  CG   sing N N 28  
ARG CB  HB2  sing N N 29  
ARG CB  HB3  sing N N 30  
ARG CG  CD   sing N N 31  
ARG CG  HG2  sing N N 32  
ARG CG  HG3  sing N N 33  
ARG CD  NE   sing N N 34  
ARG CD  HD2  sing N N 35  
ARG CD  HD3  sing N N 36  
ARG NE  CZ   sing N N 37  
ARG NE  HE   sing N N 38  
ARG CZ  NH1  sing N N 39  
ARG CZ  NH2  doub N N 40  
ARG NH1 HH11 sing N N 41  
ARG NH1 HH12 sing N N 42  
ARG NH2 HH21 sing N N 43  
ARG NH2 HH22 sing N N 44  
ARG OXT HXT  sing N N 45  
ASN N   CA   sing N N 46  
ASN N   H    sing N N 47  
ASN N   H2   sing N N 48  
ASN CA  C    sing N N 49  
ASN CA  CB   sing N N 50  
ASN CA  HA   sing N N 51  
ASN C   O    doub N N 52  
ASN C   OXT  sing N N 53  
ASN CB  CG   sing N N 54  
ASN CB  HB2  sing N N 55  
ASN CB  HB3  sing N N 56  
ASN CG  OD1  doub N N 57  
ASN CG  ND2  sing N N 58  
ASN ND2 HD21 sing N N 59  
ASN ND2 HD22 sing N N 60  
ASN OXT HXT  sing N N 61  
ASP N   CA   sing N N 62  
ASP N   H    sing N N 63  
ASP N   H2   sing N N 64  
ASP CA  C    sing N N 65  
ASP CA  CB   sing N N 66  
ASP CA  HA   sing N N 67  
ASP C   O    doub N N 68  
ASP C   OXT  sing N N 69  
ASP CB  CG   sing N N 70  
ASP CB  HB2  sing N N 71  
ASP CB  HB3  sing N N 72  
ASP CG  OD1  doub N N 73  
ASP CG  OD2  sing N N 74  
ASP OD2 HD2  sing N N 75  
ASP OXT HXT  sing N N 76  
CYS N   CA   sing N N 77  
CYS N   H    sing N N 78  
CYS N   H2   sing N N 79  
CYS CA  C    sing N N 80  
CYS CA  CB   sing N N 81  
CYS CA  HA   sing N N 82  
CYS C   O    doub N N 83  
CYS C   OXT  sing N N 84  
CYS CB  SG   sing N N 85  
CYS CB  HB2  sing N N 86  
CYS CB  HB3  sing N N 87  
CYS SG  HG   sing N N 88  
CYS OXT HXT  sing N N 89  
GLN N   CA   sing N N 90  
GLN N   H    sing N N 91  
GLN N   H2   sing N N 92  
GLN CA  C    sing N N 93  
GLN CA  CB   sing N N 94  
GLN CA  HA   sing N N 95  
GLN C   O    doub N N 96  
GLN C   OXT  sing N N 97  
GLN CB  CG   sing N N 98  
GLN CB  HB2  sing N N 99  
GLN CB  HB3  sing N N 100 
GLN CG  CD   sing N N 101 
GLN CG  HG2  sing N N 102 
GLN CG  HG3  sing N N 103 
GLN CD  OE1  doub N N 104 
GLN CD  NE2  sing N N 105 
GLN NE2 HE21 sing N N 106 
GLN NE2 HE22 sing N N 107 
GLN OXT HXT  sing N N 108 
GLU N   CA   sing N N 109 
GLU N   H    sing N N 110 
GLU N   H2   sing N N 111 
GLU CA  C    sing N N 112 
GLU CA  CB   sing N N 113 
GLU CA  HA   sing N N 114 
GLU C   O    doub N N 115 
GLU C   OXT  sing N N 116 
GLU CB  CG   sing N N 117 
GLU CB  HB2  sing N N 118 
GLU CB  HB3  sing N N 119 
GLU CG  CD   sing N N 120 
GLU CG  HG2  sing N N 121 
GLU CG  HG3  sing N N 122 
GLU CD  OE1  doub N N 123 
GLU CD  OE2  sing N N 124 
GLU OE2 HE2  sing N N 125 
GLU OXT HXT  sing N N 126 
GLY N   CA   sing N N 127 
GLY N   H    sing N N 128 
GLY N   H2   sing N N 129 
GLY CA  C    sing N N 130 
GLY CA  HA2  sing N N 131 
GLY CA  HA3  sing N N 132 
GLY C   O    doub N N 133 
GLY C   OXT  sing N N 134 
GLY OXT HXT  sing N N 135 
HIS N   CA   sing N N 136 
HIS N   H    sing N N 137 
HIS N   H2   sing N N 138 
HIS CA  C    sing N N 139 
HIS CA  CB   sing N N 140 
HIS CA  HA   sing N N 141 
HIS C   O    doub N N 142 
HIS C   OXT  sing N N 143 
HIS CB  CG   sing N N 144 
HIS CB  HB2  sing N N 145 
HIS CB  HB3  sing N N 146 
HIS CG  ND1  sing Y N 147 
HIS CG  CD2  doub Y N 148 
HIS ND1 CE1  doub Y N 149 
HIS ND1 HD1  sing N N 150 
HIS CD2 NE2  sing Y N 151 
HIS CD2 HD2  sing N N 152 
HIS CE1 NE2  sing Y N 153 
HIS CE1 HE1  sing N N 154 
HIS NE2 HE2  sing N N 155 
HIS OXT HXT  sing N N 156 
HOH O   H1   sing N N 157 
HOH O   H2   sing N N 158 
ILE N   CA   sing N N 159 
ILE N   H    sing N N 160 
ILE N   H2   sing N N 161 
ILE CA  C    sing N N 162 
ILE CA  CB   sing N N 163 
ILE CA  HA   sing N N 164 
ILE C   O    doub N N 165 
ILE C   OXT  sing N N 166 
ILE CB  CG1  sing N N 167 
ILE CB  CG2  sing N N 168 
ILE CB  HB   sing N N 169 
ILE CG1 CD1  sing N N 170 
ILE CG1 HG12 sing N N 171 
ILE CG1 HG13 sing N N 172 
ILE CG2 HG21 sing N N 173 
ILE CG2 HG22 sing N N 174 
ILE CG2 HG23 sing N N 175 
ILE CD1 HD11 sing N N 176 
ILE CD1 HD12 sing N N 177 
ILE CD1 HD13 sing N N 178 
ILE OXT HXT  sing N N 179 
LEU N   CA   sing N N 180 
LEU N   H    sing N N 181 
LEU N   H2   sing N N 182 
LEU CA  C    sing N N 183 
LEU CA  CB   sing N N 184 
LEU CA  HA   sing N N 185 
LEU C   O    doub N N 186 
LEU C   OXT  sing N N 187 
LEU CB  CG   sing N N 188 
LEU CB  HB2  sing N N 189 
LEU CB  HB3  sing N N 190 
LEU CG  CD1  sing N N 191 
LEU CG  CD2  sing N N 192 
LEU CG  HG   sing N N 193 
LEU CD1 HD11 sing N N 194 
LEU CD1 HD12 sing N N 195 
LEU CD1 HD13 sing N N 196 
LEU CD2 HD21 sing N N 197 
LEU CD2 HD22 sing N N 198 
LEU CD2 HD23 sing N N 199 
LEU OXT HXT  sing N N 200 
LYS N   CA   sing N N 201 
LYS N   H    sing N N 202 
LYS N   H2   sing N N 203 
LYS CA  C    sing N N 204 
LYS CA  CB   sing N N 205 
LYS CA  HA   sing N N 206 
LYS C   O    doub N N 207 
LYS C   OXT  sing N N 208 
LYS CB  CG   sing N N 209 
LYS CB  HB2  sing N N 210 
LYS CB  HB3  sing N N 211 
LYS CG  CD   sing N N 212 
LYS CG  HG2  sing N N 213 
LYS CG  HG3  sing N N 214 
LYS CD  CE   sing N N 215 
LYS CD  HD2  sing N N 216 
LYS CD  HD3  sing N N 217 
LYS CE  NZ   sing N N 218 
LYS CE  HE2  sing N N 219 
LYS CE  HE3  sing N N 220 
LYS NZ  HZ1  sing N N 221 
LYS NZ  HZ2  sing N N 222 
LYS NZ  HZ3  sing N N 223 
LYS OXT HXT  sing N N 224 
MET N   CA   sing N N 225 
MET N   H    sing N N 226 
MET N   H2   sing N N 227 
MET CA  C    sing N N 228 
MET CA  CB   sing N N 229 
MET CA  HA   sing N N 230 
MET C   O    doub N N 231 
MET C   OXT  sing N N 232 
MET CB  CG   sing N N 233 
MET CB  HB2  sing N N 234 
MET CB  HB3  sing N N 235 
MET CG  SD   sing N N 236 
MET CG  HG2  sing N N 237 
MET CG  HG3  sing N N 238 
MET SD  CE   sing N N 239 
MET CE  HE1  sing N N 240 
MET CE  HE2  sing N N 241 
MET CE  HE3  sing N N 242 
MET OXT HXT  sing N N 243 
PHE N   CA   sing N N 244 
PHE N   H    sing N N 245 
PHE N   H2   sing N N 246 
PHE CA  C    sing N N 247 
PHE CA  CB   sing N N 248 
PHE CA  HA   sing N N 249 
PHE C   O    doub N N 250 
PHE C   OXT  sing N N 251 
PHE CB  CG   sing N N 252 
PHE CB  HB2  sing N N 253 
PHE CB  HB3  sing N N 254 
PHE CG  CD1  doub Y N 255 
PHE CG  CD2  sing Y N 256 
PHE CD1 CE1  sing Y N 257 
PHE CD1 HD1  sing N N 258 
PHE CD2 CE2  doub Y N 259 
PHE CD2 HD2  sing N N 260 
PHE CE1 CZ   doub Y N 261 
PHE CE1 HE1  sing N N 262 
PHE CE2 CZ   sing Y N 263 
PHE CE2 HE2  sing N N 264 
PHE CZ  HZ   sing N N 265 
PHE OXT HXT  sing N N 266 
PRO N   CA   sing N N 267 
PRO N   CD   sing N N 268 
PRO N   H    sing N N 269 
PRO CA  C    sing N N 270 
PRO CA  CB   sing N N 271 
PRO CA  HA   sing N N 272 
PRO C   O    doub N N 273 
PRO C   OXT  sing N N 274 
PRO CB  CG   sing N N 275 
PRO CB  HB2  sing N N 276 
PRO CB  HB3  sing N N 277 
PRO CG  CD   sing N N 278 
PRO CG  HG2  sing N N 279 
PRO CG  HG3  sing N N 280 
PRO CD  HD2  sing N N 281 
PRO CD  HD3  sing N N 282 
PRO OXT HXT  sing N N 283 
SER N   CA   sing N N 284 
SER N   H    sing N N 285 
SER N   H2   sing N N 286 
SER CA  C    sing N N 287 
SER CA  CB   sing N N 288 
SER CA  HA   sing N N 289 
SER C   O    doub N N 290 
SER C   OXT  sing N N 291 
SER CB  OG   sing N N 292 
SER CB  HB2  sing N N 293 
SER CB  HB3  sing N N 294 
SER OG  HG   sing N N 295 
SER OXT HXT  sing N N 296 
SGN C1  C2   sing N N 297 
SGN C1  O1   sing N N 298 
SGN C1  O5   sing N N 299 
SGN C1  H1   sing N N 300 
SGN C2  C3   sing N N 301 
SGN C2  N2   sing N N 302 
SGN C2  H2   sing N N 303 
SGN C3  C4   sing N N 304 
SGN C3  O3   sing N N 305 
SGN C3  H3   sing N N 306 
SGN C4  C5   sing N N 307 
SGN C4  O4   sing N N 308 
SGN C4  H4   sing N N 309 
SGN C5  C6   sing N N 310 
SGN C5  O5   sing N N 311 
SGN C5  H5   sing N N 312 
SGN C6  O6   sing N N 313 
SGN C6  H61  sing N N 314 
SGN C6  H62  sing N N 315 
SGN N2  S1   sing N N 316 
SGN N2  HN21 sing N N 317 
SGN O1  HO1  sing N N 318 
SGN O3  HO3  sing N N 319 
SGN O4  HO4  sing N N 320 
SGN O6  S2   sing N N 321 
SGN S1  O1S  doub N N 322 
SGN S1  O2S  doub N N 323 
SGN S1  O3S  sing N N 324 
SGN O3S HOS3 sing N N 325 
SGN S2  O4S  doub N N 326 
SGN S2  O5S  doub N N 327 
SGN S2  O6S  sing N N 328 
SGN O6S HOS6 sing N N 329 
THR N   CA   sing N N 330 
THR N   H    sing N N 331 
THR N   H2   sing N N 332 
THR CA  C    sing N N 333 
THR CA  CB   sing N N 334 
THR CA  HA   sing N N 335 
THR C   O    doub N N 336 
THR C   OXT  sing N N 337 
THR CB  OG1  sing N N 338 
THR CB  CG2  sing N N 339 
THR CB  HB   sing N N 340 
THR OG1 HG1  sing N N 341 
THR CG2 HG21 sing N N 342 
THR CG2 HG22 sing N N 343 
THR CG2 HG23 sing N N 344 
THR OXT HXT  sing N N 345 
TRP N   CA   sing N N 346 
TRP N   H    sing N N 347 
TRP N   H2   sing N N 348 
TRP CA  C    sing N N 349 
TRP CA  CB   sing N N 350 
TRP CA  HA   sing N N 351 
TRP C   O    doub N N 352 
TRP C   OXT  sing N N 353 
TRP CB  CG   sing N N 354 
TRP CB  HB2  sing N N 355 
TRP CB  HB3  sing N N 356 
TRP CG  CD1  doub Y N 357 
TRP CG  CD2  sing Y N 358 
TRP CD1 NE1  sing Y N 359 
TRP CD1 HD1  sing N N 360 
TRP CD2 CE2  doub Y N 361 
TRP CD2 CE3  sing Y N 362 
TRP NE1 CE2  sing Y N 363 
TRP NE1 HE1  sing N N 364 
TRP CE2 CZ2  sing Y N 365 
TRP CE3 CZ3  doub Y N 366 
TRP CE3 HE3  sing N N 367 
TRP CZ2 CH2  doub Y N 368 
TRP CZ2 HZ2  sing N N 369 
TRP CZ3 CH2  sing Y N 370 
TRP CZ3 HZ3  sing N N 371 
TRP CH2 HH2  sing N N 372 
TRP OXT HXT  sing N N 373 
TYR N   CA   sing N N 374 
TYR N   H    sing N N 375 
TYR N   H2   sing N N 376 
TYR CA  C    sing N N 377 
TYR CA  CB   sing N N 378 
TYR CA  HA   sing N N 379 
TYR C   O    doub N N 380 
TYR C   OXT  sing N N 381 
TYR CB  CG   sing N N 382 
TYR CB  HB2  sing N N 383 
TYR CB  HB3  sing N N 384 
TYR CG  CD1  doub Y N 385 
TYR CG  CD2  sing Y N 386 
TYR CD1 CE1  sing Y N 387 
TYR CD1 HD1  sing N N 388 
TYR CD2 CE2  doub Y N 389 
TYR CD2 HD2  sing N N 390 
TYR CE1 CZ   doub Y N 391 
TYR CE1 HE1  sing N N 392 
TYR CE2 CZ   sing Y N 393 
TYR CE2 HE2  sing N N 394 
TYR CZ  OH   sing N N 395 
TYR OH  HH   sing N N 396 
TYR OXT HXT  sing N N 397 
UAP O2  S    sing N N 398 
UAP S   O2S  doub N N 399 
UAP S   O3S  doub N N 400 
UAP S   O1S  sing N N 401 
UAP O5  C1   sing N N 402 
UAP O1  C1   sing N N 403 
UAP C1  C2   sing N N 404 
UAP C1  H1   sing N N 405 
UAP O1  HO1  sing N N 406 
UAP C3  C2   sing N N 407 
UAP C2  O2   sing N N 408 
UAP C2  H2   sing N N 409 
UAP C4  C3   sing N N 410 
UAP O3  C3   sing N N 411 
UAP C3  H3   sing N N 412 
UAP O3  HO3  sing N N 413 
UAP C5  C4   doub N N 414 
UAP C4  H4   sing N N 415 
UAP C6  C5   sing N N 416 
UAP C5  O5   sing N N 417 
UAP O6A C6   doub N N 418 
UAP O6B C6   sing N N 419 
UAP O1S HO1S sing N N 420 
UAP O6B HO6B sing N N 421 
VAL N   CA   sing N N 422 
VAL N   H    sing N N 423 
VAL N   H2   sing N N 424 
VAL CA  C    sing N N 425 
VAL CA  CB   sing N N 426 
VAL CA  HA   sing N N 427 
VAL C   O    doub N N 428 
VAL C   OXT  sing N N 429 
VAL CB  CG1  sing N N 430 
VAL CB  CG2  sing N N 431 
VAL CB  HB   sing N N 432 
VAL CG1 HG11 sing N N 433 
VAL CG1 HG12 sing N N 434 
VAL CG1 HG13 sing N N 435 
VAL CG2 HG21 sing N N 436 
VAL CG2 HG22 sing N N 437 
VAL CG2 HG23 sing N N 438 
VAL OXT HXT  sing N N 439 
# 
loop_
_pdbx_entity_branch_list.entity_id 
_pdbx_entity_branch_list.comp_id 
_pdbx_entity_branch_list.num 
_pdbx_entity_branch_list.hetero 
2 SGN 1 n 
2 UAP 2 n 
# 
_pdbx_initial_refinement_model.id               1 
_pdbx_initial_refinement_model.entity_id_list   ? 
_pdbx_initial_refinement_model.type             'experimental model' 
_pdbx_initial_refinement_model.source_name      PDB 
_pdbx_initial_refinement_model.accession_code   1EQT 
_pdbx_initial_refinement_model.details          'PDB ENTRY 1EQT' 
# 
_atom_sites.entry_id                    1U4L 
_atom_sites.fract_transf_matrix[1][1]   -0.03628474 
_atom_sites.fract_transf_matrix[1][2]   -0.01885026 
_atom_sites.fract_transf_matrix[1][3]   0.00785654 
_atom_sites.fract_transf_matrix[2][1]   -0.00734784 
_atom_sites.fract_transf_matrix[2][2]   0.00839091 
_atom_sites.fract_transf_matrix[2][3]   -0.01380298 
_atom_sites.fract_transf_matrix[3][1]   0.00278481 
_atom_sites.fract_transf_matrix[3][2]   -0.00800705 
_atom_sites.fract_transf_matrix[3][3]   -0.00634999 
_atom_sites.fract_transf_vector[1]      0.258481 
_atom_sites.fract_transf_vector[2]      0.180780 
_atom_sites.fract_transf_vector[3]      0.381206 
# 
loop_
_atom_type.symbol 
C 
N 
O 
S 
# 
loop_
_atom_site.group_PDB 
_atom_site.id 
_atom_site.type_symbol 
_atom_site.label_atom_id 
_atom_site.label_alt_id 
_atom_site.label_comp_id 
_atom_site.label_asym_id 
_atom_site.label_entity_id 
_atom_site.label_seq_id 
_atom_site.pdbx_PDB_ins_code 
_atom_site.Cartn_x 
_atom_site.Cartn_y 
_atom_site.Cartn_z 
_atom_site.occupancy 
_atom_site.B_iso_or_equiv 
_atom_site.pdbx_formal_charge 
_atom_site.auth_seq_id 
_atom_site.auth_comp_id 
_atom_site.auth_asym_id 
_atom_site.auth_atom_id 
_atom_site.pdbx_PDB_model_num 
ATOM   1    N N   . PRO A 1 2  ? -2.560  -14.837 10.158  1.00 35.08 ? 2   PRO A N   1 
ATOM   2    C CA  . PRO A 1 2  ? -2.789  -15.054 8.712   1.00 34.21 ? 2   PRO A CA  1 
ATOM   3    C C   . PRO A 1 2  ? -3.211  -13.748 8.048   1.00 33.13 ? 2   PRO A C   1 
ATOM   4    O O   . PRO A 1 2  ? -4.046  -13.013 8.580   1.00 33.52 ? 2   PRO A O   1 
ATOM   5    C CB  . PRO A 1 2  ? -3.895  -16.094 8.586   1.00 36.48 ? 2   PRO A CB  1 
ATOM   6    C CG  . PRO A 1 2  ? -3.791  -16.819 9.926   1.00 37.55 ? 2   PRO A CG  1 
ATOM   7    C CD  . PRO A 1 2  ? -3.446  -15.717 10.939  1.00 37.13 ? 2   PRO A CD  1 
ATOM   8    N N   . TYR A 1 3  ? -2.630  -13.455 6.892   1.00 30.33 ? 3   TYR A N   1 
ATOM   9    C CA  . TYR A 1 3  ? -2.970  -12.234 6.174   1.00 28.20 ? 3   TYR A CA  1 
ATOM   10   C C   . TYR A 1 3  ? -2.388  -12.301 4.773   1.00 25.53 ? 3   TYR A C   1 
ATOM   11   O O   . TYR A 1 3  ? -1.501  -13.108 4.497   1.00 26.73 ? 3   TYR A O   1 
ATOM   12   C CB  . TYR A 1 3  ? -2.401  -11.010 6.898   1.00 28.23 ? 3   TYR A CB  1 
ATOM   13   C CG  . TYR A 1 3  ? -3.076  -9.708  6.522   1.00 29.35 ? 3   TYR A CG  1 
ATOM   14   C CD1 . TYR A 1 3  ? -4.298  -9.355  7.083   1.00 30.30 ? 3   TYR A CD1 1 
ATOM   15   C CD2 . TYR A 1 3  ? -2.504  -8.840  5.598   1.00 29.10 ? 3   TYR A CD2 1 
ATOM   16   C CE1 . TYR A 1 3  ? -4.931  -8.175  6.739   1.00 29.71 ? 3   TYR A CE1 1 
ATOM   17   C CE2 . TYR A 1 3  ? -3.133  -7.655  5.243   1.00 29.01 ? 3   TYR A CE2 1 
ATOM   18   C CZ  . TYR A 1 3  ? -4.347  -7.330  5.820   1.00 30.18 ? 3   TYR A CZ  1 
ATOM   19   O OH  . TYR A 1 3  ? -4.987  -6.160  5.482   1.00 29.89 ? 3   TYR A OH  1 
ATOM   20   N N   . SER A 1 4  ? -2.891  -11.450 3.891   1.00 22.42 ? 4   SER A N   1 
ATOM   21   C CA  . SER A 1 4  ? -2.399  -11.408 2.524   1.00 21.65 ? 4   SER A CA  1 
ATOM   22   C C   . SER A 1 4  ? -0.897  -11.134 2.524   1.00 20.90 ? 4   SER A C   1 
ATOM   23   O O   . SER A 1 4  ? -0.400  -10.354 3.339   1.00 18.67 ? 4   SER A O   1 
ATOM   24   C CB  . SER A 1 4  ? -3.117  -10.303 1.743   1.00 22.01 ? 4   SER A CB  1 
ATOM   25   O OG  . SER A 1 4  ? -2.496  -10.081 0.488   1.00 23.58 ? 4   SER A OG  1 
ATOM   26   N N   . SER A 1 5  ? -0.177  -11.793 1.624   1.00 19.03 ? 5   SER A N   1 
ATOM   27   C CA  . SER A 1 5  ? 1.257   -11.578 1.506   1.00 19.42 ? 5   SER A CA  1 
ATOM   28   C C   . SER A 1 5  ? 1.518   -10.584 0.373   1.00 18.40 ? 5   SER A C   1 
ATOM   29   O O   . SER A 1 5  ? 2.655   -10.382 -0.045  1.00 19.43 ? 5   SER A O   1 
ATOM   30   C CB  . SER A 1 5  ? 1.994   -12.900 1.256   1.00 18.57 ? 5   SER A CB  1 
ATOM   31   O OG  . SER A 1 5  ? 1.435   -13.616 0.172   1.00 23.78 ? 5   SER A OG  1 
ATOM   32   N N   . ASP A 1 6  ? 0.449   -9.972  -0.131  1.00 18.55 ? 6   ASP A N   1 
ATOM   33   C CA  . ASP A 1 6  ? 0.569   -8.960  -1.176  1.00 17.99 ? 6   ASP A CA  1 
ATOM   34   C C   . ASP A 1 6  ? 0.685   -7.647  -0.403  1.00 18.31 ? 6   ASP A C   1 
ATOM   35   O O   . ASP A 1 6  ? 0.258   -7.570  0.750   1.00 18.04 ? 6   ASP A O   1 
ATOM   36   C CB  . ASP A 1 6  ? -0.690  -8.926  -2.053  1.00 20.40 ? 6   ASP A CB  1 
ATOM   37   C CG  . ASP A 1 6  ? -0.567  -9.783  -3.310  1.00 22.40 ? 6   ASP A CG  1 
ATOM   38   O OD1 . ASP A 1 6  ? 0.213   -10.761 -3.307  1.00 23.14 ? 6   ASP A OD1 1 
ATOM   39   O OD2 . ASP A 1 6  ? -1.267  -9.479  -4.305  1.00 21.22 ? 6   ASP A OD2 1 
ATOM   40   N N   . THR A 1 7  ? 1.260   -6.620  -1.015  1.00 16.29 ? 7   THR A N   1 
ATOM   41   C CA  . THR A 1 7  ? 1.383   -5.344  -0.322  1.00 17.56 ? 7   THR A CA  1 
ATOM   42   C C   . THR A 1 7  ? 0.009   -4.767  0.016   1.00 17.15 ? 7   THR A C   1 
ATOM   43   O O   . THR A 1 7  ? -0.981  -5.035  -0.664  1.00 16.10 ? 7   THR A O   1 
ATOM   44   C CB  . THR A 1 7  ? 2.157   -4.301  -1.158  1.00 16.35 ? 7   THR A CB  1 
ATOM   45   O OG1 . THR A 1 7  ? 1.505   -4.112  -2.422  1.00 15.09 ? 7   THR A OG1 1 
ATOM   46   C CG2 . THR A 1 7  ? 3.591   -4.762  -1.374  1.00 12.61 ? 7   THR A CG2 1 
ATOM   47   N N   . THR A 1 8  ? -0.027  -3.976  1.080   1.00 17.44 ? 8   THR A N   1 
ATOM   48   C CA  . THR A 1 8  ? -1.243  -3.330  1.554   1.00 18.09 ? 8   THR A CA  1 
ATOM   49   C C   . THR A 1 8  ? -0.925  -1.851  1.721   1.00 16.25 ? 8   THR A C   1 
ATOM   50   O O   . THR A 1 8  ? 0.121   -1.491  2.256   1.00 13.68 ? 8   THR A O   1 
ATOM   51   C CB  . THR A 1 8  ? -1.669  -3.903  2.922   1.00 20.49 ? 8   THR A CB  1 
ATOM   52   O OG1 . THR A 1 8  ? -1.743  -5.332  2.833   1.00 25.45 ? 8   THR A OG1 1 
ATOM   53   C CG2 . THR A 1 8  ? -3.030  -3.361  3.327   1.00 21.49 ? 8   THR A CG2 1 
ATOM   54   N N   . PRO A 1 9  ? -1.824  -0.971  1.263   1.00 15.92 ? 9   PRO A N   1 
ATOM   55   C CA  . PRO A 1 9  ? -1.570  0.465   1.394   1.00 15.18 ? 9   PRO A CA  1 
ATOM   56   C C   . PRO A 1 9  ? -1.790  1.037   2.795   1.00 14.53 ? 9   PRO A C   1 
ATOM   57   O O   . PRO A 1 9  ? -2.771  0.717   3.468   1.00 11.80 ? 9   PRO A O   1 
ATOM   58   C CB  . PRO A 1 9  ? -2.518  1.070   0.363   1.00 12.65 ? 9   PRO A CB  1 
ATOM   59   C CG  . PRO A 1 9  ? -3.696  0.139   0.422   1.00 15.34 ? 9   PRO A CG  1 
ATOM   60   C CD  . PRO A 1 9  ? -3.042  -1.225  0.471   1.00 15.21 ? 9   PRO A CD  1 
ATOM   61   N N   . CYS A 1 10 ? -0.854  1.875   3.227   1.00 14.61 ? 10  CYS A N   1 
ATOM   62   C CA  . CYS A 1 10 ? -0.932  2.536   4.525   1.00 14.76 ? 10  CYS A CA  1 
ATOM   63   C C   . CYS A 1 10 ? -0.630  4.019   4.321   1.00 16.01 ? 10  CYS A C   1 
ATOM   64   O O   . CYS A 1 10 ? -0.020  4.404   3.322   1.00 15.33 ? 10  CYS A O   1 
ATOM   65   C CB  . CYS A 1 10 ? 0.092   1.962   5.508   1.00 15.55 ? 10  CYS A CB  1 
ATOM   66   S SG  . CYS A 1 10 ? -0.169  0.252   6.082   1.00 14.21 ? 10  CYS A SG  1 
ATOM   67   N N   . CYS A 1 11 ? -1.052  4.839   5.276   1.00 15.64 ? 11  CYS A N   1 
ATOM   68   C CA  . CYS A 1 11 ? -0.829  6.279   5.222   1.00 17.78 ? 11  CYS A CA  1 
ATOM   69   C C   . CYS A 1 11 ? 0.127   6.731   6.318   1.00 19.21 ? 11  CYS A C   1 
ATOM   70   O O   . CYS A 1 11 ? 0.008   6.302   7.464   1.00 20.25 ? 11  CYS A O   1 
ATOM   71   C CB  . CYS A 1 11 ? -2.147  7.025   5.409   1.00 17.28 ? 11  CYS A CB  1 
ATOM   72   S SG  . CYS A 1 11 ? -3.329  6.897   4.035   1.00 16.14 ? 11  CYS A SG  1 
ATOM   73   N N   . PHE A 1 12 ? 1.061   7.611   5.969   1.00 20.63 ? 12  PHE A N   1 
ATOM   74   C CA  . PHE A 1 12 ? 2.014   8.120   6.944   1.00 20.81 ? 12  PHE A CA  1 
ATOM   75   C C   . PHE A 1 12 ? 1.964   9.638   7.055   1.00 22.78 ? 12  PHE A C   1 
ATOM   76   O O   . PHE A 1 12 ? 2.770   10.252  7.760   1.00 23.64 ? 12  PHE A O   1 
ATOM   77   C CB  . PHE A 1 12 ? 3.423   7.651   6.601   1.00 19.84 ? 12  PHE A CB  1 
ATOM   78   C CG  . PHE A 1 12 ? 3.587   6.164   6.680   1.00 17.25 ? 12  PHE A CG  1 
ATOM   79   C CD1 . PHE A 1 12 ? 3.767   5.543   7.904   1.00 17.36 ? 12  PHE A CD1 1 
ATOM   80   C CD2 . PHE A 1 12 ? 3.517   5.382   5.538   1.00 17.29 ? 12  PHE A CD2 1 
ATOM   81   C CE1 . PHE A 1 12 ? 3.873   4.166   7.992   1.00 14.96 ? 12  PHE A CE1 1 
ATOM   82   C CE2 . PHE A 1 12 ? 3.620   4.002   5.620   1.00 17.62 ? 12  PHE A CE2 1 
ATOM   83   C CZ  . PHE A 1 12 ? 3.798   3.396   6.853   1.00 16.17 ? 12  PHE A CZ  1 
ATOM   84   N N   . ALA A 1 13 ? 1.002   10.228  6.357   1.00 21.83 ? 13  ALA A N   1 
ATOM   85   C CA  . ALA A 1 13 ? 0.788   11.671  6.372   1.00 21.73 ? 13  ALA A CA  1 
ATOM   86   C C   . ALA A 1 13 ? -0.670  11.936  6.008   1.00 21.66 ? 13  ALA A C   1 
ATOM   87   O O   . ALA A 1 13 ? -1.277  11.165  5.265   1.00 21.28 ? 13  ALA A O   1 
ATOM   88   C CB  . ALA A 1 13 ? 1.707   12.348  5.371   1.00 22.76 ? 13  ALA A CB  1 
ATOM   89   N N   . TYR A 1 14 ? -1.233  13.016  6.539   1.00 20.29 ? 14  TYR A N   1 
ATOM   90   C CA  . TYR A 1 14 ? -2.616  13.376  6.253   1.00 19.75 ? 14  TYR A CA  1 
ATOM   91   C C   . TYR A 1 14 ? -2.666  14.717  5.531   1.00 19.80 ? 14  TYR A C   1 
ATOM   92   O O   . TYR A 1 14 ? -1.898  15.623  5.852   1.00 19.88 ? 14  TYR A O   1 
ATOM   93   C CB  . TYR A 1 14 ? -3.419  13.491  7.545   1.00 20.80 ? 14  TYR A CB  1 
ATOM   94   C CG  . TYR A 1 14 ? -3.443  12.244  8.394   1.00 23.37 ? 14  TYR A CG  1 
ATOM   95   C CD1 . TYR A 1 14 ? -3.910  11.037  7.888   1.00 21.53 ? 14  TYR A CD1 1 
ATOM   96   C CD2 . TYR A 1 14 ? -3.038  12.287  9.723   1.00 24.80 ? 14  TYR A CD2 1 
ATOM   97   C CE1 . TYR A 1 14 ? -3.973  9.907   8.688   1.00 23.42 ? 14  TYR A CE1 1 
ATOM   98   C CE2 . TYR A 1 14 ? -3.097  11.170  10.525  1.00 25.37 ? 14  TYR A CE2 1 
ATOM   99   C CZ  . TYR A 1 14 ? -3.566  9.984   10.010  1.00 23.93 ? 14  TYR A CZ  1 
ATOM   100  O OH  . TYR A 1 14 ? -3.640  8.884   10.835  1.00 23.55 ? 14  TYR A OH  1 
ATOM   101  N N   . ILE A 1 15 ? -3.559  14.849  4.554   1.00 18.30 ? 15  ILE A N   1 
ATOM   102  C CA  . ILE A 1 15 ? -3.672  16.112  3.843   1.00 19.52 ? 15  ILE A CA  1 
ATOM   103  C C   . ILE A 1 15 ? -4.060  17.151  4.895   1.00 18.43 ? 15  ILE A C   1 
ATOM   104  O O   . ILE A 1 15 ? -4.946  16.917  5.715   1.00 16.68 ? 15  ILE A O   1 
ATOM   105  C CB  . ILE A 1 15 ? -4.728  16.029  2.709   1.00 21.33 ? 15  ILE A CB  1 
ATOM   106  C CG1 . ILE A 1 15 ? -4.674  17.298  1.852   1.00 22.47 ? 15  ILE A CG1 1 
ATOM   107  C CG2 . ILE A 1 15 ? -6.109  15.814  3.288   1.00 22.16 ? 15  ILE A CG2 1 
ATOM   108  C CD1 . ILE A 1 15 ? -5.360  17.148  0.501   1.00 24.11 ? 15  ILE A CD1 1 
ATOM   109  N N   . ALA A 1 16 ? -3.371  18.284  4.877   1.00 17.64 ? 16  ALA A N   1 
ATOM   110  C CA  . ALA A 1 16 ? -3.583  19.350  5.855   1.00 20.30 ? 16  ALA A CA  1 
ATOM   111  C C   . ALA A 1 16 ? -4.954  20.021  5.869   1.00 21.18 ? 16  ALA A C   1 
ATOM   112  O O   . ALA A 1 16 ? -5.473  20.350  6.933   1.00 21.56 ? 16  ALA A O   1 
ATOM   113  C CB  . ALA A 1 16 ? -2.497  20.415  5.690   1.00 19.96 ? 16  ALA A CB  1 
ATOM   114  N N   . ARG A 1 17 ? -5.527  20.246  4.693   1.00 22.42 ? 17  ARG A N   1 
ATOM   115  C CA  . ARG A 1 17 ? -6.826  20.902  4.598   1.00 22.71 ? 17  ARG A CA  1 
ATOM   116  C C   . ARG A 1 17 ? -7.791  20.068  3.764   1.00 22.81 ? 17  ARG A C   1 
ATOM   117  O O   . ARG A 1 17 ? -7.373  19.199  3.001   1.00 20.73 ? 17  ARG A O   1 
ATOM   118  C CB  . ARG A 1 17 ? -6.661  22.291  3.992   1.00 23.42 ? 17  ARG A CB  1 
ATOM   119  N N   . PRO A 1 18 ? -9.098  20.330  3.902   1.00 22.81 ? 18  PRO A N   1 
ATOM   120  C CA  . PRO A 1 18 ? -10.152 19.615  3.177   1.00 22.97 ? 18  PRO A CA  1 
ATOM   121  C C   . PRO A 1 18 ? -10.027 19.661  1.661   1.00 22.92 ? 18  PRO A C   1 
ATOM   122  O O   . PRO A 1 18 ? -9.807  20.720  1.078   1.00 23.59 ? 18  PRO A O   1 
ATOM   123  C CB  . PRO A 1 18 ? -11.431 20.303  3.657   1.00 23.13 ? 18  PRO A CB  1 
ATOM   124  C CG  . PRO A 1 18 ? -11.073 20.768  5.034   1.00 24.83 ? 18  PRO A CG  1 
ATOM   125  C CD  . PRO A 1 18 ? -9.682  21.313  4.831   1.00 24.45 ? 18  PRO A CD  1 
ATOM   126  N N   . LEU A 1 19 ? -10.167 18.500  1.032   1.00 22.70 ? 19  LEU A N   1 
ATOM   127  C CA  . LEU A 1 19 ? -10.123 18.404  -0.422  1.00 23.50 ? 19  LEU A CA  1 
ATOM   128  C C   . LEU A 1 19 ? -11.476 18.908  -0.910  1.00 21.58 ? 19  LEU A C   1 
ATOM   129  O O   . LEU A 1 19 ? -12.449 18.900  -0.156  1.00 22.24 ? 19  LEU A O   1 
ATOM   130  C CB  . LEU A 1 19 ? -9.965  16.943  -0.854  1.00 24.34 ? 19  LEU A CB  1 
ATOM   131  C CG  . LEU A 1 19 ? -8.610  16.259  -0.692  1.00 25.66 ? 19  LEU A CG  1 
ATOM   132  C CD1 . LEU A 1 19 ? -8.791  14.747  -0.699  1.00 25.82 ? 19  LEU A CD1 1 
ATOM   133  C CD2 . LEU A 1 19 ? -7.689  16.698  -1.820  1.00 27.13 ? 19  LEU A CD2 1 
ATOM   134  N N   . PRO A 1 20 ? -11.554 19.367  -2.167  1.00 21.03 ? 20  PRO A N   1 
ATOM   135  C CA  . PRO A 1 20 ? -12.841 19.847  -2.675  1.00 20.31 ? 20  PRO A CA  1 
ATOM   136  C C   . PRO A 1 20 ? -13.795 18.650  -2.684  1.00 20.61 ? 20  PRO A C   1 
ATOM   137  O O   . PRO A 1 20 ? -13.492 17.627  -3.300  1.00 20.31 ? 20  PRO A O   1 
ATOM   138  C CB  . PRO A 1 20 ? -12.501 20.318  -4.090  1.00 21.17 ? 20  PRO A CB  1 
ATOM   139  C CG  . PRO A 1 20 ? -11.059 20.706  -3.992  1.00 21.69 ? 20  PRO A CG  1 
ATOM   140  C CD  . PRO A 1 20 ? -10.479 19.600  -3.147  1.00 21.73 ? 20  PRO A CD  1 
ATOM   141  N N   . ARG A 1 21 ? -14.928 18.764  -1.996  1.00 18.86 ? 21  ARG A N   1 
ATOM   142  C CA  . ARG A 1 21 ? -15.895 17.666  -1.935  1.00 16.15 ? 21  ARG A CA  1 
ATOM   143  C C   . ARG A 1 21 ? -16.306 17.105  -3.297  1.00 16.24 ? 21  ARG A C   1 
ATOM   144  O O   . ARG A 1 21 ? -16.406 15.888  -3.467  1.00 15.05 ? 21  ARG A O   1 
ATOM   145  C CB  . ARG A 1 21 ? -17.155 18.114  -1.187  1.00 17.77 ? 21  ARG A CB  1 
ATOM   146  C CG  . ARG A 1 21 ? -18.328 17.125  -1.271  1.00 16.68 ? 21  ARG A CG  1 
ATOM   147  C CD  . ARG A 1 21 ? -18.092 15.855  -0.457  1.00 20.06 ? 21  ARG A CD  1 
ATOM   148  N NE  . ARG A 1 21 ? -19.162 14.874  -0.642  1.00 14.02 ? 21  ARG A NE  1 
ATOM   149  C CZ  . ARG A 1 21 ? -19.212 13.996  -1.642  1.00 18.31 ? 21  ARG A CZ  1 
ATOM   150  N NH1 . ARG A 1 21 ? -18.247 13.964  -2.552  1.00 18.12 ? 21  ARG A NH1 1 
ATOM   151  N NH2 . ARG A 1 21 ? -20.234 13.156  -1.741  1.00 18.72 ? 21  ARG A NH2 1 
ATOM   152  N N   . ALA A 1 22 ? -16.553 17.991  -4.260  1.00 13.98 ? 22  ALA A N   1 
ATOM   153  C CA  . ALA A 1 22 ? -16.979 17.582  -5.594  1.00 14.34 ? 22  ALA A CA  1 
ATOM   154  C C   . ALA A 1 22 ? -15.944 16.781  -6.378  1.00 16.34 ? 22  ALA A C   1 
ATOM   155  O O   . ALA A 1 22 ? -16.280 16.144  -7.377  1.00 17.37 ? 22  ALA A O   1 
ATOM   156  C CB  . ALA A 1 22 ? -17.404 18.807  -6.397  1.00 14.07 ? 22  ALA A CB  1 
ATOM   157  N N   . HIS A 1 23 ? -14.690 16.810  -5.938  1.00 16.31 ? 23  HIS A N   1 
ATOM   158  C CA  . HIS A 1 23 ? -13.633 16.062  -6.618  1.00 17.15 ? 23  HIS A CA  1 
ATOM   159  C C   . HIS A 1 23 ? -13.488 14.650  -6.058  1.00 17.65 ? 23  HIS A C   1 
ATOM   160  O O   . HIS A 1 23 ? -12.634 13.896  -6.511  1.00 18.88 ? 23  HIS A O   1 
ATOM   161  C CB  . HIS A 1 23 ? -12.278 16.771  -6.472  1.00 16.95 ? 23  HIS A CB  1 
ATOM   162  C CG  . HIS A 1 23 ? -12.185 18.072  -7.208  1.00 16.98 ? 23  HIS A CG  1 
ATOM   163  N ND1 . HIS A 1 23 ? -11.044 18.844  -7.206  1.00 18.85 ? 23  HIS A ND1 1 
ATOM   164  C CD2 . HIS A 1 23 ? -13.092 18.743  -7.957  1.00 18.80 ? 23  HIS A CD2 1 
ATOM   165  C CE1 . HIS A 1 23 ? -11.251 19.937  -7.920  1.00 19.29 ? 23  HIS A CE1 1 
ATOM   166  N NE2 . HIS A 1 23 ? -12.486 19.900  -8.386  1.00 20.22 ? 23  HIS A NE2 1 
ATOM   167  N N   . ILE A 1 24 ? -14.315 14.293  -5.078  1.00 17.05 ? 24  ILE A N   1 
ATOM   168  C CA  . ILE A 1 24 ? -14.225 12.971  -4.456  1.00 16.55 ? 24  ILE A CA  1 
ATOM   169  C C   . ILE A 1 24 ? -15.354 12.031  -4.861  1.00 16.26 ? 24  ILE A C   1 
ATOM   170  O O   . ILE A 1 24 ? -16.531 12.371  -4.749  1.00 15.98 ? 24  ILE A O   1 
ATOM   171  C CB  . ILE A 1 24 ? -14.216 13.085  -2.914  1.00 16.33 ? 24  ILE A CB  1 
ATOM   172  C CG1 . ILE A 1 24 ? -13.122 14.057  -2.475  1.00 16.43 ? 24  ILE A CG1 1 
ATOM   173  C CG2 . ILE A 1 24 ? -13.965 11.713  -2.282  1.00 14.62 ? 24  ILE A CG2 1 
ATOM   174  C CD1 . ILE A 1 24 ? -13.014 14.202  -0.975  1.00 18.51 ? 24  ILE A CD1 1 
ATOM   175  N N   . LYS A 1 25 ? -14.991 10.838  -5.322  1.00 16.13 ? 25  LYS A N   1 
ATOM   176  C CA  . LYS A 1 25 ? -15.993 9.866   -5.742  1.00 15.99 ? 25  LYS A CA  1 
ATOM   177  C C   . LYS A 1 25 ? -16.082 8.634   -4.849  1.00 16.03 ? 25  LYS A C   1 
ATOM   178  O O   . LYS A 1 25 ? -17.139 8.012   -4.767  1.00 16.00 ? 25  LYS A O   1 
ATOM   179  C CB  . LYS A 1 25 ? -15.749 9.435   -7.193  1.00 17.53 ? 25  LYS A CB  1 
ATOM   180  C CG  . LYS A 1 25 ? -14.429 8.720   -7.444  1.00 16.69 ? 25  LYS A CG  1 
ATOM   181  C CD  . LYS A 1 25 ? -14.342 8.299   -8.908  1.00 20.22 ? 25  LYS A CD  1 
ATOM   182  C CE  . LYS A 1 25 ? -13.115 7.453   -9.187  1.00 18.12 ? 25  LYS A CE  1 
ATOM   183  N NZ  . LYS A 1 25 ? -12.998 7.126   -10.637 1.00 19.79 ? 25  LYS A NZ  1 
ATOM   184  N N   . GLU A 1 26 ? -14.985 8.276   -4.186  1.00 15.81 ? 26  GLU A N   1 
ATOM   185  C CA  . GLU A 1 26 ? -14.978 7.108   -3.298  1.00 17.57 ? 26  GLU A CA  1 
ATOM   186  C C   . GLU A 1 26 ? -14.031 7.307   -2.119  1.00 17.64 ? 26  GLU A C   1 
ATOM   187  O O   . GLU A 1 26 ? -13.256 8.268   -2.074  1.00 15.47 ? 26  GLU A O   1 
ATOM   188  C CB  . GLU A 1 26 ? -14.516 5.844   -4.035  1.00 17.47 ? 26  GLU A CB  1 
ATOM   189  C CG  . GLU A 1 26 ? -15.210 5.523   -5.333  1.00 18.02 ? 26  GLU A CG  1 
ATOM   190  C CD  . GLU A 1 26 ? -14.512 4.393   -6.073  1.00 21.58 ? 26  GLU A CD  1 
ATOM   191  O OE1 . GLU A 1 26 ? -14.059 3.435   -5.407  1.00 23.12 ? 26  GLU A OE1 1 
ATOM   192  O OE2 . GLU A 1 26 ? -14.417 4.460   -7.318  1.00 22.98 ? 26  GLU A OE2 1 
ATOM   193  N N   . TYR A 1 27 ? -14.089 6.371   -1.176  1.00 18.51 ? 27  TYR A N   1 
ATOM   194  C CA  . TYR A 1 27 ? -13.225 6.401   -0.003  1.00 18.20 ? 27  TYR A CA  1 
ATOM   195  C C   . TYR A 1 27 ? -13.093 4.990   0.555   1.00 18.05 ? 27  TYR A C   1 
ATOM   196  O O   . TYR A 1 27 ? -13.898 4.112   0.249   1.00 18.01 ? 27  TYR A O   1 
ATOM   197  C CB  . TYR A 1 27 ? -13.814 7.307   1.081   1.00 20.54 ? 27  TYR A CB  1 
ATOM   198  C CG  . TYR A 1 27 ? -14.849 6.621   1.948   1.00 21.98 ? 27  TYR A CG  1 
ATOM   199  C CD1 . TYR A 1 27 ? -16.183 6.571   1.564   1.00 23.54 ? 27  TYR A CD1 1 
ATOM   200  C CD2 . TYR A 1 27 ? -14.483 5.989   3.133   1.00 25.21 ? 27  TYR A CD2 1 
ATOM   201  C CE1 . TYR A 1 27 ? -17.128 5.906   2.335   1.00 26.69 ? 27  TYR A CE1 1 
ATOM   202  C CE2 . TYR A 1 27 ? -15.421 5.325   3.914   1.00 26.81 ? 27  TYR A CE2 1 
ATOM   203  C CZ  . TYR A 1 27 ? -16.739 5.286   3.508   1.00 27.92 ? 27  TYR A CZ  1 
ATOM   204  O OH  . TYR A 1 27 ? -17.669 4.619   4.273   1.00 31.25 ? 27  TYR A OH  1 
ATOM   205  N N   . PHE A 1 28 ? -12.063 4.777   1.362   1.00 18.28 ? 28  PHE A N   1 
ATOM   206  C CA  . PHE A 1 28 ? -11.860 3.497   2.011   1.00 18.87 ? 28  PHE A CA  1 
ATOM   207  C C   . PHE A 1 28 ? -10.890 3.690   3.158   1.00 20.94 ? 28  PHE A C   1 
ATOM   208  O O   . PHE A 1 28 ? -10.011 4.553   3.102   1.00 20.22 ? 28  PHE A O   1 
ATOM   209  C CB  . PHE A 1 28 ? -11.360 2.434   1.014   1.00 18.92 ? 28  PHE A CB  1 
ATOM   210  C CG  . PHE A 1 28 ? -9.931  2.608   0.565   1.00 19.12 ? 28  PHE A CG  1 
ATOM   211  C CD1 . PHE A 1 28 ? -8.887  2.071   1.299   1.00 18.61 ? 28  PHE A CD1 1 
ATOM   212  C CD2 . PHE A 1 28 ? -9.639  3.262   -0.621  1.00 18.32 ? 28  PHE A CD2 1 
ATOM   213  C CE1 . PHE A 1 28 ? -7.581  2.178   0.858   1.00 18.64 ? 28  PHE A CE1 1 
ATOM   214  C CE2 . PHE A 1 28 ? -8.338  3.372   -1.067  1.00 18.78 ? 28  PHE A CE2 1 
ATOM   215  C CZ  . PHE A 1 28 ? -7.306  2.827   -0.325  1.00 17.04 ? 28  PHE A CZ  1 
ATOM   216  N N   . TYR A 1 29 ? -11.087 2.923   4.223   1.00 21.87 ? 29  TYR A N   1 
ATOM   217  C CA  . TYR A 1 29 ? -10.210 3.007   5.378   1.00 22.89 ? 29  TYR A CA  1 
ATOM   218  C C   . TYR A 1 29 ? -9.038  2.077   5.130   1.00 20.79 ? 29  TYR A C   1 
ATOM   219  O O   . TYR A 1 29 ? -9.213  0.992   4.586   1.00 19.74 ? 29  TYR A O   1 
ATOM   220  C CB  . TYR A 1 29 ? -10.937 2.571   6.650   1.00 24.64 ? 29  TYR A CB  1 
ATOM   221  C CG  . TYR A 1 29 ? -11.989 3.537   7.135   1.00 30.06 ? 29  TYR A CG  1 
ATOM   222  C CD1 . TYR A 1 29 ? -13.268 3.532   6.599   1.00 31.88 ? 29  TYR A CD1 1 
ATOM   223  C CD2 . TYR A 1 29 ? -11.702 4.456   8.138   1.00 31.85 ? 29  TYR A CD2 1 
ATOM   224  C CE1 . TYR A 1 29 ? -14.236 4.414   7.051   1.00 35.53 ? 29  TYR A CE1 1 
ATOM   225  C CE2 . TYR A 1 29 ? -12.660 5.342   8.594   1.00 35.13 ? 29  TYR A CE2 1 
ATOM   226  C CZ  . TYR A 1 29 ? -13.925 5.314   8.048   1.00 35.36 ? 29  TYR A CZ  1 
ATOM   227  O OH  . TYR A 1 29 ? -14.884 6.186   8.506   1.00 39.28 ? 29  TYR A OH  1 
ATOM   228  N N   . THR A 1 30 ? -7.839  2.503   5.510   1.00 19.07 ? 30  THR A N   1 
ATOM   229  C CA  . THR A 1 30 ? -6.679  1.649   5.320   1.00 17.23 ? 30  THR A CA  1 
ATOM   230  C C   . THR A 1 30 ? -6.778  0.521   6.335   1.00 16.74 ? 30  THR A C   1 
ATOM   231  O O   . THR A 1 30 ? -7.464  0.655   7.350   1.00 15.39 ? 30  THR A O   1 
ATOM   232  C CB  . THR A 1 30 ? -5.363  2.423   5.518   1.00 16.43 ? 30  THR A CB  1 
ATOM   233  O OG1 . THR A 1 30 ? -5.438  3.208   6.712   1.00 16.91 ? 30  THR A OG1 1 
ATOM   234  C CG2 . THR A 1 30 ? -5.105  3.333   4.327   1.00 16.74 ? 30  THR A CG2 1 
ATOM   235  N N   . SER A 1 31 ? -6.105  -0.587  6.048   1.00 15.16 ? 31  SER A N   1 
ATOM   236  C CA  . SER A 1 31 ? -6.117  -1.752  6.923   1.00 16.23 ? 31  SER A CA  1 
ATOM   237  C C   . SER A 1 31 ? -5.797  -1.461  8.383   1.00 15.00 ? 31  SER A C   1 
ATOM   238  O O   . SER A 1 31 ? -4.983  -0.594  8.689   1.00 14.90 ? 31  SER A O   1 
ATOM   239  C CB  . SER A 1 31 ? -5.128  -2.794  6.417   1.00 14.27 ? 31  SER A CB  1 
ATOM   240  O OG  . SER A 1 31 ? -4.979  -3.815  7.383   1.00 16.74 ? 31  SER A OG  1 
ATOM   241  N N   . GLY A 1 32 ? -6.436  -2.205  9.279   1.00 14.62 ? 32  GLY A N   1 
ATOM   242  C CA  . GLY A 1 32 ? -6.182  -2.031  10.696  1.00 14.67 ? 32  GLY A CA  1 
ATOM   243  C C   . GLY A 1 32 ? -4.762  -2.454  11.030  1.00 15.37 ? 32  GLY A C   1 
ATOM   244  O O   . GLY A 1 32 ? -4.271  -2.183  12.123  1.00 14.95 ? 32  GLY A O   1 
ATOM   245  N N   . LYS A 1 33 ? -4.106  -3.129  10.084  1.00 13.24 ? 33  LYS A N   1 
ATOM   246  C CA  . LYS A 1 33 ? -2.726  -3.589  10.254  1.00 13.83 ? 33  LYS A CA  1 
ATOM   247  C C   . LYS A 1 33 ? -1.760  -2.404  10.249  1.00 13.15 ? 33  LYS A C   1 
ATOM   248  O O   . LYS A 1 33 ? -0.678  -2.468  10.826  1.00 12.96 ? 33  LYS A O   1 
ATOM   249  C CB  . LYS A 1 33 ? -2.335  -4.537  9.111   1.00 16.64 ? 33  LYS A CB  1 
ATOM   250  C CG  . LYS A 1 33 ? -2.950  -5.940  9.163   1.00 18.83 ? 33  LYS A CG  1 
ATOM   251  C CD  . LYS A 1 33 ? -2.243  -6.796  10.188  1.00 19.50 ? 33  LYS A CD  1 
ATOM   252  C CE  . LYS A 1 33 ? -2.621  -8.262  10.052  1.00 23.00 ? 33  LYS A CE  1 
ATOM   253  N NZ  . LYS A 1 33 ? -1.886  -9.080  11.061  1.00 22.39 ? 33  LYS A NZ  1 
ATOM   254  N N   . CYS A 1 34 ? -2.157  -1.328  9.581   1.00 13.33 ? 34  CYS A N   1 
ATOM   255  C CA  . CYS A 1 34 ? -1.323  -0.137  9.479   1.00 13.35 ? 34  CYS A CA  1 
ATOM   256  C C   . CYS A 1 34 ? -1.116  0.543   10.829  1.00 13.34 ? 34  CYS A C   1 
ATOM   257  O O   . CYS A 1 34 ? -1.960  0.442   11.716  1.00 10.87 ? 34  CYS A O   1 
ATOM   258  C CB  . CYS A 1 34 ? -1.942  0.848   8.486   1.00 12.51 ? 34  CYS A CB  1 
ATOM   259  S SG  . CYS A 1 34 ? -2.081  0.241   6.769   1.00 13.60 ? 34  CYS A SG  1 
ATOM   260  N N   . SER A 1 35 ? 0.009   1.244   10.972  1.00 13.95 ? 35  SER A N   1 
ATOM   261  C CA  . SER A 1 35 ? 0.340   1.938   12.217  1.00 15.68 ? 35  SER A CA  1 
ATOM   262  C C   . SER A 1 35 ? -0.609  3.093   12.505  1.00 15.86 ? 35  SER A C   1 
ATOM   263  O O   . SER A 1 35 ? -0.893  3.398   13.664  1.00 16.65 ? 35  SER A O   1 
ATOM   264  C CB  . SER A 1 35 ? 1.780   2.471   12.169  1.00 17.67 ? 35  SER A CB  1 
ATOM   265  O OG  . SER A 1 35 ? 1.947   3.407   11.115  1.00 17.68 ? 35  SER A OG  1 
ATOM   266  N N   . ASN A 1 36 ? -1.092  3.734   11.448  1.00 16.34 ? 36  ASN A N   1 
ATOM   267  C CA  . ASN A 1 36 ? -2.000  4.866   11.585  1.00 17.28 ? 36  ASN A CA  1 
ATOM   268  C C   . ASN A 1 36 ? -3.363  4.583   10.988  1.00 17.21 ? 36  ASN A C   1 
ATOM   269  O O   . ASN A 1 36 ? -3.475  3.929   9.948   1.00 14.98 ? 36  ASN A O   1 
ATOM   270  C CB  . ASN A 1 36 ? -1.465  6.110   10.863  1.00 17.20 ? 36  ASN A CB  1 
ATOM   271  C CG  . ASN A 1 36 ? -0.104  6.540   11.350  1.00 21.43 ? 36  ASN A CG  1 
ATOM   272  O OD1 . ASN A 1 36 ? 0.117   6.702   12.549  1.00 21.98 ? 36  ASN A OD1 1 
ATOM   273  N ND2 . ASN A 1 36 ? 0.821   6.747   10.414  1.00 19.00 ? 36  ASN A ND2 1 
ATOM   274  N N   . PRO A 1 37 ? -4.422  5.059   11.653  1.00 17.89 ? 37  PRO A N   1 
ATOM   275  C CA  . PRO A 1 37 ? -5.767  4.851   11.131  1.00 18.07 ? 37  PRO A CA  1 
ATOM   276  C C   . PRO A 1 37 ? -5.824  5.891   10.017  1.00 17.45 ? 37  PRO A C   1 
ATOM   277  O O   . PRO A 1 37 ? -5.128  6.906   10.088  1.00 17.89 ? 37  PRO A O   1 
ATOM   278  C CB  . PRO A 1 37 ? -6.654  5.206   12.320  1.00 19.04 ? 37  PRO A CB  1 
ATOM   279  C CG  . PRO A 1 37 ? -5.864  6.268   13.013  1.00 20.55 ? 37  PRO A CG  1 
ATOM   280  C CD  . PRO A 1 37 ? -4.462  5.706   12.977  1.00 18.57 ? 37  PRO A CD  1 
ATOM   281  N N   . ALA A 1 38 ? -6.606  5.656   8.978   1.00 16.52 ? 38  ALA A N   1 
ATOM   282  C CA  . ALA A 1 38 ? -6.647  6.639   7.908   1.00 16.92 ? 38  ALA A CA  1 
ATOM   283  C C   . ALA A 1 38 ? -7.771  6.416   6.925   1.00 17.49 ? 38  ALA A C   1 
ATOM   284  O O   . ALA A 1 38 ? -8.269  5.305   6.761   1.00 17.20 ? 38  ALA A O   1 
ATOM   285  C CB  . ALA A 1 38 ? -5.304  6.650   7.159   1.00 14.75 ? 38  ALA A CB  1 
ATOM   286  N N   . VAL A 1 39 ? -8.159  7.504   6.275   1.00 18.98 ? 39  VAL A N   1 
ATOM   287  C CA  . VAL A 1 39 ? -9.198  7.485   5.268   1.00 18.80 ? 39  VAL A CA  1 
ATOM   288  C C   . VAL A 1 39 ? -8.518  7.888   3.969   1.00 17.93 ? 39  VAL A C   1 
ATOM   289  O O   . VAL A 1 39 ? -7.781  8.871   3.932   1.00 19.85 ? 39  VAL A O   1 
ATOM   290  C CB  . VAL A 1 39 ? -10.312 8.511   5.582   1.00 19.70 ? 39  VAL A CB  1 
ATOM   291  C CG1 . VAL A 1 39 ? -11.233 8.665   4.379   1.00 20.92 ? 39  VAL A CG1 1 
ATOM   292  C CG2 . VAL A 1 39 ? -11.108 8.060   6.800   1.00 21.64 ? 39  VAL A CG2 1 
ATOM   293  N N   . VAL A 1 40 ? -8.735  7.114   2.914   1.00 17.10 ? 40  VAL A N   1 
ATOM   294  C CA  . VAL A 1 40 ? -8.149  7.441   1.626   1.00 16.71 ? 40  VAL A CA  1 
ATOM   295  C C   . VAL A 1 40 ? -9.262  7.828   0.673   1.00 16.14 ? 40  VAL A C   1 
ATOM   296  O O   . VAL A 1 40 ? -10.119 7.010   0.348   1.00 16.23 ? 40  VAL A O   1 
ATOM   297  C CB  . VAL A 1 40 ? -7.380  6.255   1.012   1.00 16.63 ? 40  VAL A CB  1 
ATOM   298  C CG1 . VAL A 1 40 ? -7.035  6.569   -0.444  1.00 14.25 ? 40  VAL A CG1 1 
ATOM   299  C CG2 . VAL A 1 40 ? -6.113  5.988   1.805   1.00 17.16 ? 40  VAL A CG2 1 
ATOM   300  N N   . PHE A 1 41 ? -9.261  9.081   0.238   1.00 13.67 ? 41  PHE A N   1 
ATOM   301  C CA  . PHE A 1 41 ? -10.280 9.544   -0.688  1.00 15.38 ? 41  PHE A CA  1 
ATOM   302  C C   . PHE A 1 41 ? -9.789  9.354   -2.113  1.00 14.80 ? 41  PHE A C   1 
ATOM   303  O O   . PHE A 1 41 ? -8.636  9.646   -2.420  1.00 15.80 ? 41  PHE A O   1 
ATOM   304  C CB  . PHE A 1 41 ? -10.590 11.025  -0.460  1.00 13.05 ? 41  PHE A CB  1 
ATOM   305  C CG  . PHE A 1 41 ? -11.305 11.305  0.828   1.00 12.42 ? 41  PHE A CG  1 
ATOM   306  C CD1 . PHE A 1 41 ? -12.584 10.825  1.041   1.00 11.90 ? 41  PHE A CD1 1 
ATOM   307  C CD2 . PHE A 1 41 ? -10.699 12.048  1.823   1.00 13.40 ? 41  PHE A CD2 1 
ATOM   308  C CE1 . PHE A 1 41 ? -13.248 11.083  2.227   1.00 10.58 ? 41  PHE A CE1 1 
ATOM   309  C CE2 . PHE A 1 41 ? -11.360 12.308  3.010   1.00 14.36 ? 41  PHE A CE2 1 
ATOM   310  C CZ  . PHE A 1 41 ? -12.634 11.825  3.210   1.00 14.24 ? 41  PHE A CZ  1 
ATOM   311  N N   . VAL A 1 42 ? -10.662 8.846   -2.976  1.00 14.40 ? 42  VAL A N   1 
ATOM   312  C CA  . VAL A 1 42 ? -10.310 8.645   -4.375  1.00 14.17 ? 42  VAL A CA  1 
ATOM   313  C C   . VAL A 1 42 ? -10.984 9.778   -5.136  1.00 14.98 ? 42  VAL A C   1 
ATOM   314  O O   . VAL A 1 42 ? -12.213 9.904   -5.111  1.00 14.70 ? 42  VAL A O   1 
ATOM   315  C CB  . VAL A 1 42 ? -10.837 7.295   -4.909  1.00 13.05 ? 42  VAL A CB  1 
ATOM   316  C CG1 . VAL A 1 42 ? -10.342 7.076   -6.333  1.00 11.73 ? 42  VAL A CG1 1 
ATOM   317  C CG2 . VAL A 1 42 ? -10.383 6.160   -4.000  1.00 13.51 ? 42  VAL A CG2 1 
ATOM   318  N N   . THR A 1 43 ? -10.182 10.608  -5.796  1.00 14.63 ? 43  THR A N   1 
ATOM   319  C CA  . THR A 1 43 ? -10.720 11.738  -6.547  1.00 15.57 ? 43  THR A CA  1 
ATOM   320  C C   . THR A 1 43 ? -11.219 11.271  -7.905  1.00 16.89 ? 43  THR A C   1 
ATOM   321  O O   . THR A 1 43 ? -11.014 10.122  -8.292  1.00 17.39 ? 43  THR A O   1 
ATOM   322  C CB  . THR A 1 43 ? -9.660  12.831  -6.771  1.00 15.35 ? 43  THR A CB  1 
ATOM   323  O OG1 . THR A 1 43 ? -8.702  12.372  -7.728  1.00 14.08 ? 43  THR A OG1 1 
ATOM   324  C CG2 . THR A 1 43 ? -8.944  13.155  -5.462  1.00 17.14 ? 43  THR A CG2 1 
ATOM   325  N N   . ARG A 1 44 ? -11.876 12.166  -8.629  1.00 17.81 ? 44  ARG A N   1 
ATOM   326  C CA  . ARG A 1 44 ? -12.407 11.810  -9.931  1.00 20.02 ? 44  ARG A CA  1 
ATOM   327  C C   . ARG A 1 44 ? -11.329 11.674  -10.999 1.00 21.59 ? 44  ARG A C   1 
ATOM   328  O O   . ARG A 1 44 ? -11.585 11.152  -12.080 1.00 24.06 ? 44  ARG A O   1 
ATOM   329  C CB  . ARG A 1 44 ? -13.493 12.809  -10.328 1.00 21.48 ? 44  ARG A CB  1 
ATOM   330  C CG  . ARG A 1 44 ? -14.717 12.660  -9.424  1.00 20.95 ? 44  ARG A CG  1 
ATOM   331  C CD  . ARG A 1 44 ? -15.804 13.674  -9.684  1.00 22.59 ? 44  ARG A CD  1 
ATOM   332  N NE  . ARG A 1 44 ? -16.935 13.447  -8.786  1.00 23.04 ? 44  ARG A NE  1 
ATOM   333  C CZ  . ARG A 1 44 ? -17.723 12.377  -8.832  1.00 25.10 ? 44  ARG A CZ  1 
ATOM   334  N NH1 . ARG A 1 44 ? -17.514 11.432  -9.737  1.00 27.29 ? 44  ARG A NH1 1 
ATOM   335  N NH2 . ARG A 1 44 ? -18.711 12.241  -7.961  1.00 24.00 ? 44  ARG A NH2 1 
ATOM   336  N N   . LYS A 1 45 ? -10.120 12.131  -10.690 1.00 21.49 ? 45  LYS A N   1 
ATOM   337  C CA  . LYS A 1 45 ? -8.999  11.994  -11.612 1.00 22.18 ? 45  LYS A CA  1 
ATOM   338  C C   . LYS A 1 45 ? -8.266  10.721  -11.176 1.00 20.57 ? 45  LYS A C   1 
ATOM   339  O O   . LYS A 1 45 ? -7.179  10.404  -11.661 1.00 19.35 ? 45  LYS A O   1 
ATOM   340  C CB  . LYS A 1 45 ? -8.079  13.197  -11.519 1.00 22.48 ? 45  LYS A CB  1 
ATOM   341  N N   . ASN A 1 46 ? -8.888  10.009  -10.240 1.00 19.45 ? 46  ASN A N   1 
ATOM   342  C CA  . ASN A 1 46 ? -8.375  8.755   -9.697  1.00 20.85 ? 46  ASN A CA  1 
ATOM   343  C C   . ASN A 1 46 ? -7.128  8.837   -8.830  1.00 22.46 ? 46  ASN A C   1 
ATOM   344  O O   . ASN A 1 46 ? -6.351  7.884   -8.756  1.00 24.28 ? 46  ASN A O   1 
ATOM   345  C CB  . ASN A 1 46 ? -8.168  7.744   -10.824 1.00 19.95 ? 46  ASN A CB  1 
ATOM   346  C CG  . ASN A 1 46 ? -9.482  7.236   -11.378 1.00 17.88 ? 46  ASN A CG  1 
ATOM   347  O OD1 . ASN A 1 46 ? -10.306 6.699   -10.640 1.00 16.05 ? 46  ASN A OD1 1 
ATOM   348  N ND2 . ASN A 1 46 ? -9.691  7.414   -12.676 1.00 19.60 ? 46  ASN A ND2 1 
ATOM   349  N N   . ARG A 1 47 ? -6.940  9.973   -8.170  1.00 21.21 ? 47  ARG A N   1 
ATOM   350  C CA  . ARG A 1 47 ? -5.810  10.138  -7.269  1.00 20.63 ? 47  ARG A CA  1 
ATOM   351  C C   . ARG A 1 47 ? -6.276  9.619   -5.914  1.00 18.89 ? 47  ARG A C   1 
ATOM   352  O O   . ARG A 1 47 ? -7.475  9.572   -5.645  1.00 18.73 ? 47  ARG A O   1 
ATOM   353  C CB  . ARG A 1 47 ? -5.435  11.610  -7.128  1.00 21.69 ? 47  ARG A CB  1 
ATOM   354  C CG  . ARG A 1 47 ? -4.825  12.246  -8.358  1.00 27.85 ? 47  ARG A CG  1 
ATOM   355  C CD  . ARG A 1 47 ? -4.391  13.656  -8.008  1.00 31.88 ? 47  ARG A CD  1 
ATOM   356  N NE  . ARG A 1 47 ? -3.625  13.653  -6.761  1.00 35.72 ? 47  ARG A NE  1 
ATOM   357  C CZ  . ARG A 1 47 ? -3.816  14.509  -5.762  1.00 35.41 ? 47  ARG A CZ  1 
ATOM   358  N NH1 . ARG A 1 47 ? -4.750  15.444  -5.858  1.00 35.04 ? 47  ARG A NH1 1 
ATOM   359  N NH2 . ARG A 1 47 ? -3.081  14.419  -4.661  1.00 36.40 ? 47  ARG A NH2 1 
ATOM   360  N N   . GLN A 1 48 ? -5.332  9.234   -5.067  1.00 16.16 ? 48  GLN A N   1 
ATOM   361  C CA  . GLN A 1 48 ? -5.656  8.726   -3.740  1.00 16.87 ? 48  GLN A CA  1 
ATOM   362  C C   . GLN A 1 48 ? -5.001  9.611   -2.687  1.00 15.95 ? 48  GLN A C   1 
ATOM   363  O O   . GLN A 1 48 ? -3.775  9.737   -2.634  1.00 16.80 ? 48  GLN A O   1 
ATOM   364  C CB  . GLN A 1 48 ? -5.186  7.277   -3.607  1.00 17.36 ? 48  GLN A CB  1 
ATOM   365  C CG  . GLN A 1 48 ? -5.875  6.348   -4.604  1.00 20.28 ? 48  GLN A CG  1 
ATOM   366  C CD  . GLN A 1 48 ? -5.452  4.902   -4.462  1.00 21.37 ? 48  GLN A CD  1 
ATOM   367  O OE1 . GLN A 1 48 ? -5.746  4.252   -3.461  1.00 20.48 ? 48  GLN A OE1 1 
ATOM   368  N NE2 . GLN A 1 48 ? -4.754  4.391   -5.470  1.00 24.02 ? 48  GLN A NE2 1 
ATOM   369  N N   . VAL A 1 49 ? -5.833  10.223  -1.851  1.00 16.15 ? 49  VAL A N   1 
ATOM   370  C CA  . VAL A 1 49 ? -5.363  11.135  -0.813  1.00 16.95 ? 49  VAL A CA  1 
ATOM   371  C C   . VAL A 1 49 ? -5.628  10.643  0.602   1.00 16.80 ? 49  VAL A C   1 
ATOM   372  O O   . VAL A 1 49 ? -6.756  10.294  0.948   1.00 17.94 ? 49  VAL A O   1 
ATOM   373  C CB  . VAL A 1 49 ? -6.032  12.517  -0.968  1.00 17.70 ? 49  VAL A CB  1 
ATOM   374  C CG1 . VAL A 1 49 ? -5.566  13.448  0.139   1.00 16.41 ? 49  VAL A CG1 1 
ATOM   375  C CG2 . VAL A 1 49 ? -5.711  13.096  -2.336  1.00 18.15 ? 49  VAL A CG2 1 
ATOM   376  N N   . CYS A 1 50 ? -4.586  10.638  1.422   1.00 14.74 ? 50  CYS A N   1 
ATOM   377  C CA  . CYS A 1 50 ? -4.698  10.198  2.807   1.00 16.47 ? 50  CYS A CA  1 
ATOM   378  C C   . CYS A 1 50 ? -5.303  11.302  3.674   1.00 15.63 ? 50  CYS A C   1 
ATOM   379  O O   . CYS A 1 50 ? -4.944  12.474  3.541   1.00 18.24 ? 50  CYS A O   1 
ATOM   380  C CB  . CYS A 1 50 ? -3.318  9.820   3.347   1.00 16.79 ? 50  CYS A CB  1 
ATOM   381  S SG  . CYS A 1 50 ? -2.608  8.261   2.721   1.00 16.99 ? 50  CYS A SG  1 
ATOM   382  N N   . ALA A 1 51 ? -6.213  10.921  4.565   1.00 15.86 ? 51  ALA A N   1 
ATOM   383  C CA  . ALA A 1 51 ? -6.880  11.876  5.444   1.00 17.87 ? 51  ALA A CA  1 
ATOM   384  C C   . ALA A 1 51 ? -7.061  11.316  6.849   1.00 18.74 ? 51  ALA A C   1 
ATOM   385  O O   . ALA A 1 51 ? -7.124  10.099  7.042   1.00 17.78 ? 51  ALA A O   1 
ATOM   386  C CB  . ALA A 1 51 ? -8.232  12.254  4.859   1.00 15.55 ? 51  ALA A CB  1 
ATOM   387  N N   . ASN A 1 52 ? -7.155  12.214  7.826   1.00 20.52 ? 52  ASN A N   1 
ATOM   388  C CA  . ASN A 1 52 ? -7.317  11.833  9.229   1.00 23.24 ? 52  ASN A CA  1 
ATOM   389  C C   . ASN A 1 52 ? -8.788  11.631  9.590   1.00 23.40 ? 52  ASN A C   1 
ATOM   390  O O   . ASN A 1 52 ? -9.586  12.564  9.532   1.00 25.26 ? 52  ASN A O   1 
ATOM   391  C CB  . ASN A 1 52 ? -6.726  12.915  10.133  1.00 25.28 ? 52  ASN A CB  1 
ATOM   392  C CG  . ASN A 1 52 ? -6.643  12.482  11.586  1.00 28.15 ? 52  ASN A CG  1 
ATOM   393  O OD1 . ASN A 1 52 ? -7.528  11.794  12.096  1.00 27.22 ? 52  ASN A OD1 1 
ATOM   394  N ND2 . ASN A 1 52 ? -5.581  12.899  12.263  1.00 29.74 ? 52  ASN A ND2 1 
ATOM   395  N N   . PRO A 1 53 ? -9.154  10.406  9.992   1.00 25.18 ? 53  PRO A N   1 
ATOM   396  C CA  . PRO A 1 53 ? -10.514 10.009  10.376  1.00 26.33 ? 53  PRO A CA  1 
ATOM   397  C C   . PRO A 1 53 ? -11.074 10.798  11.559  1.00 27.73 ? 53  PRO A C   1 
ATOM   398  O O   . PRO A 1 53 ? -12.286 10.842  11.764  1.00 29.23 ? 53  PRO A O   1 
ATOM   399  C CB  . PRO A 1 53 ? -10.360 8.527   10.718  1.00 26.73 ? 53  PRO A CB  1 
ATOM   400  C CG  . PRO A 1 53 ? -9.159  8.106   9.931   1.00 26.31 ? 53  PRO A CG  1 
ATOM   401  C CD  . PRO A 1 53 ? -8.232  9.268   10.118  1.00 24.83 ? 53  PRO A CD  1 
ATOM   402  N N   . GLU A 1 54 ? -10.191 11.410  12.339  1.00 29.18 ? 54  GLU A N   1 
ATOM   403  C CA  . GLU A 1 54 ? -10.618 12.176  13.504  1.00 31.32 ? 54  GLU A CA  1 
ATOM   404  C C   . GLU A 1 54 ? -11.051 13.584  13.128  1.00 32.03 ? 54  GLU A C   1 
ATOM   405  O O   . GLU A 1 54 ? -11.695 14.270  13.922  1.00 33.62 ? 54  GLU A O   1 
ATOM   406  C CB  . GLU A 1 54 ? -9.494  12.232  14.536  1.00 31.94 ? 54  GLU A CB  1 
ATOM   407  N N   . LYS A 1 55 ? -10.695 14.019  11.923  1.00 31.58 ? 55  LYS A N   1 
ATOM   408  C CA  . LYS A 1 55 ? -11.061 15.351  11.458  1.00 30.73 ? 55  LYS A CA  1 
ATOM   409  C C   . LYS A 1 55 ? -12.548 15.421  11.150  1.00 29.69 ? 55  LYS A C   1 
ATOM   410  O O   . LYS A 1 55 ? -13.122 14.491  10.583  1.00 28.96 ? 55  LYS A O   1 
ATOM   411  C CB  . LYS A 1 55 ? -10.258 15.724  10.212  1.00 32.41 ? 55  LYS A CB  1 
ATOM   412  C CG  . LYS A 1 55 ? -8.791  16.011  10.477  1.00 35.02 ? 55  LYS A CG  1 
ATOM   413  C CD  . LYS A 1 55 ? -8.618  17.272  11.307  1.00 39.01 ? 55  LYS A CD  1 
ATOM   414  C CE  . LYS A 1 55 ? -7.147  17.609  11.490  1.00 41.18 ? 55  LYS A CE  1 
ATOM   415  N NZ  . LYS A 1 55 ? -6.951  18.887  12.231  1.00 44.24 ? 55  LYS A NZ  1 
ATOM   416  N N   . LYS A 1 56 ? -13.167 16.535  11.523  1.00 28.46 ? 56  LYS A N   1 
ATOM   417  C CA  . LYS A 1 56 ? -14.592 16.729  11.298  1.00 27.58 ? 56  LYS A CA  1 
ATOM   418  C C   . LYS A 1 56 ? -14.981 16.652  9.825   1.00 25.06 ? 56  LYS A C   1 
ATOM   419  O O   . LYS A 1 56 ? -15.925 15.947  9.468   1.00 24.51 ? 56  LYS A O   1 
ATOM   420  C CB  . LYS A 1 56 ? -15.029 18.075  11.879  1.00 30.19 ? 56  LYS A CB  1 
ATOM   421  C CG  . LYS A 1 56 ? -16.479 18.440  11.619  1.00 33.71 ? 56  LYS A CG  1 
ATOM   422  C CD  . LYS A 1 56 ? -16.840 19.732  12.344  1.00 38.13 ? 56  LYS A CD  1 
ATOM   423  C CE  . LYS A 1 56 ? -18.241 20.209  11.998  1.00 41.56 ? 56  LYS A CE  1 
ATOM   424  N NZ  . LYS A 1 56 ? -18.351 20.622  10.570  1.00 45.84 ? 56  LYS A NZ  1 
ATOM   425  N N   . TRP A 1 57 ? -14.256 17.365  8.967   1.00 23.24 ? 57  TRP A N   1 
ATOM   426  C CA  . TRP A 1 57 ? -14.583 17.354  7.544   1.00 22.60 ? 57  TRP A CA  1 
ATOM   427  C C   . TRP A 1 57 ? -14.449 15.964  6.936   1.00 21.45 ? 57  TRP A C   1 
ATOM   428  O O   . TRP A 1 57 ? -15.161 15.614  5.998   1.00 21.55 ? 57  TRP A O   1 
ATOM   429  C CB  . TRP A 1 57 ? -13.708 18.349  6.768   1.00 22.74 ? 57  TRP A CB  1 
ATOM   430  C CG  . TRP A 1 57 ? -12.255 17.971  6.621   1.00 22.74 ? 57  TRP A CG  1 
ATOM   431  C CD1 . TRP A 1 57 ? -11.227 18.327  7.443   1.00 22.62 ? 57  TRP A CD1 1 
ATOM   432  C CD2 . TRP A 1 57 ? -11.671 17.206  5.557   1.00 23.49 ? 57  TRP A CD2 1 
ATOM   433  N NE1 . TRP A 1 57 ? -10.038 17.836  6.954   1.00 22.58 ? 57  TRP A NE1 1 
ATOM   434  C CE2 . TRP A 1 57 ? -10.284 17.144  5.799   1.00 23.44 ? 57  TRP A CE2 1 
ATOM   435  C CE3 . TRP A 1 57 ? -12.188 16.570  4.422   1.00 23.70 ? 57  TRP A CE3 1 
ATOM   436  C CZ2 . TRP A 1 57 ? -9.405  16.472  4.947   1.00 24.13 ? 57  TRP A CZ2 1 
ATOM   437  C CZ3 . TRP A 1 57 ? -11.315 15.903  3.578   1.00 24.04 ? 57  TRP A CZ3 1 
ATOM   438  C CH2 . TRP A 1 57 ? -9.940  15.860  3.845   1.00 25.11 ? 57  TRP A CH2 1 
ATOM   439  N N   . VAL A 1 58 ? -13.540 15.163  7.477   1.00 22.02 ? 58  VAL A N   1 
ATOM   440  C CA  . VAL A 1 58 ? -13.349 13.819  6.962   1.00 21.14 ? 58  VAL A CA  1 
ATOM   441  C C   . VAL A 1 58 ? -14.581 12.976  7.240   1.00 22.21 ? 58  VAL A C   1 
ATOM   442  O O   . VAL A 1 58 ? -15.069 12.275  6.358   1.00 22.67 ? 58  VAL A O   1 
ATOM   443  C CB  . VAL A 1 58 ? -12.120 13.145  7.593   1.00 20.42 ? 58  VAL A CB  1 
ATOM   444  C CG1 . VAL A 1 58 ? -11.999 11.712  7.093   1.00 19.99 ? 58  VAL A CG1 1 
ATOM   445  C CG2 . VAL A 1 58 ? -10.873 13.935  7.242   1.00 19.81 ? 58  VAL A CG2 1 
ATOM   446  N N   . ARG A 1 59 ? -15.092 13.056  8.464   1.00 22.67 ? 59  ARG A N   1 
ATOM   447  C CA  . ARG A 1 59 ? -16.275 12.291  8.838   1.00 21.14 ? 59  ARG A CA  1 
ATOM   448  C C   . ARG A 1 59 ? -17.497 12.749  8.056   1.00 21.47 ? 59  ARG A C   1 
ATOM   449  O O   . ARG A 1 59 ? -18.340 11.935  7.677   1.00 20.45 ? 59  ARG A O   1 
ATOM   450  C CB  . ARG A 1 59 ? -16.538 12.427  10.339  1.00 21.26 ? 59  ARG A CB  1 
ATOM   451  N N   . GLU A 1 60 ? -17.594 14.053  7.815   1.00 21.56 ? 60  GLU A N   1 
ATOM   452  C CA  . GLU A 1 60 ? -18.726 14.599  7.078   1.00 22.82 ? 60  GLU A CA  1 
ATOM   453  C C   . GLU A 1 60 ? -18.686 14.142  5.623   1.00 21.67 ? 60  GLU A C   1 
ATOM   454  O O   . GLU A 1 60 ? -19.708 13.758  5.061   1.00 23.23 ? 60  GLU A O   1 
ATOM   455  C CB  . GLU A 1 60 ? -18.726 16.132  7.167   1.00 24.38 ? 60  GLU A CB  1 
ATOM   456  C CG  . GLU A 1 60 ? -18.757 16.640  8.609   1.00 28.21 ? 60  GLU A CG  1 
ATOM   457  C CD  . GLU A 1 60 ? -18.897 18.148  8.719   1.00 31.34 ? 60  GLU A CD  1 
ATOM   458  O OE1 . GLU A 1 60 ? -18.146 18.876  8.033   1.00 31.97 ? 60  GLU A OE1 1 
ATOM   459  O OE2 . GLU A 1 60 ? -19.755 18.605  9.507   1.00 30.90 ? 60  GLU A OE2 1 
ATOM   460  N N   . TYR A 1 61 ? -17.500 14.176  5.020   1.00 21.71 ? 61  TYR A N   1 
ATOM   461  C CA  . TYR A 1 61 ? -17.344 13.738  3.635   1.00 21.12 ? 61  TYR A CA  1 
ATOM   462  C C   . TYR A 1 61 ? -17.781 12.281  3.509   1.00 20.79 ? 61  TYR A C   1 
ATOM   463  O O   . TYR A 1 61 ? -18.429 11.898  2.535   1.00 19.74 ? 61  TYR A O   1 
ATOM   464  C CB  . TYR A 1 61 ? -15.884 13.882  3.195   1.00 22.40 ? 61  TYR A CB  1 
ATOM   465  C CG  . TYR A 1 61 ? -15.499 15.272  2.728   1.00 22.23 ? 61  TYR A CG  1 
ATOM   466  C CD1 . TYR A 1 61 ? -16.125 16.403  3.238   1.00 22.08 ? 61  TYR A CD1 1 
ATOM   467  C CD2 . TYR A 1 61 ? -14.493 15.451  1.788   1.00 20.44 ? 61  TYR A CD2 1 
ATOM   468  C CE1 . TYR A 1 61 ? -15.763 17.670  2.822   1.00 21.40 ? 61  TYR A CE1 1 
ATOM   469  C CE2 . TYR A 1 61 ? -14.123 16.716  1.369   1.00 21.91 ? 61  TYR A CE2 1 
ATOM   470  C CZ  . TYR A 1 61 ? -14.761 17.819  1.888   1.00 20.15 ? 61  TYR A CZ  1 
ATOM   471  O OH  . TYR A 1 61 ? -14.395 19.077  1.470   1.00 22.71 ? 61  TYR A OH  1 
ATOM   472  N N   . ILE A 1 62 ? -17.421 11.470  4.501   1.00 22.18 ? 62  ILE A N   1 
ATOM   473  C CA  . ILE A 1 62 ? -17.788 10.060  4.503   1.00 21.50 ? 62  ILE A CA  1 
ATOM   474  C C   . ILE A 1 62 ? -19.302 9.906   4.580   1.00 22.53 ? 62  ILE A C   1 
ATOM   475  O O   . ILE A 1 62 ? -19.900 9.139   3.824   1.00 21.59 ? 62  ILE A O   1 
ATOM   476  C CB  . ILE A 1 62 ? -17.138 9.320   5.698   1.00 23.66 ? 62  ILE A CB  1 
ATOM   477  C CG1 . ILE A 1 62 ? -15.630 9.195   5.465   1.00 23.48 ? 62  ILE A CG1 1 
ATOM   478  C CG2 . ILE A 1 62 ? -17.781 7.950   5.884   1.00 24.65 ? 62  ILE A CG2 1 
ATOM   479  C CD1 . ILE A 1 62 ? -14.879 8.526   6.597   1.00 24.61 ? 62  ILE A CD1 1 
ATOM   480  N N   . ASN A 1 63 ? -19.922 10.641  5.498   1.00 22.95 ? 63  ASN A N   1 
ATOM   481  C CA  . ASN A 1 63 ? -21.368 10.577  5.652   1.00 22.91 ? 63  ASN A CA  1 
ATOM   482  C C   . ASN A 1 63 ? -22.043 10.969  4.339   1.00 22.15 ? 63  ASN A C   1 
ATOM   483  O O   . ASN A 1 63 ? -23.067 10.406  3.958   1.00 22.88 ? 63  ASN A O   1 
ATOM   484  C CB  . ASN A 1 63 ? -21.825 11.511  6.780   1.00 23.89 ? 63  ASN A CB  1 
ATOM   485  C CG  . ASN A 1 63 ? -21.202 11.159  8.125   1.00 26.78 ? 63  ASN A CG  1 
ATOM   486  O OD1 . ASN A 1 63 ? -20.911 9.996   8.404   1.00 26.70 ? 63  ASN A OD1 1 
ATOM   487  N ND2 . ASN A 1 63 ? -21.014 12.166  8.972   1.00 28.66 ? 63  ASN A ND2 1 
ATOM   488  N N   . SER A 1 64 ? -21.454 11.932  3.641   1.00 22.64 ? 64  SER A N   1 
ATOM   489  C CA  . SER A 1 64 ? -22.003 12.388  2.369   1.00 23.14 ? 64  SER A CA  1 
ATOM   490  C C   . SER A 1 64 ? -21.838 11.317  1.291   1.00 22.91 ? 64  SER A C   1 
ATOM   491  O O   . SER A 1 64 ? -22.777 11.010  0.553   1.00 22.21 ? 64  SER A O   1 
ATOM   492  C CB  . SER A 1 64 ? -21.308 13.685  1.934   1.00 21.36 ? 64  SER A CB  1 
ATOM   493  O OG  . SER A 1 64 ? -21.746 14.097  0.652   1.00 24.13 ? 64  SER A OG  1 
ATOM   494  N N   . LEU A 1 65 ? -20.642 10.746  1.207   1.00 22.25 ? 65  LEU A N   1 
ATOM   495  C CA  . LEU A 1 65 ? -20.362 9.713   0.218   1.00 21.62 ? 65  LEU A CA  1 
ATOM   496  C C   . LEU A 1 65 ? -21.270 8.501   0.385   1.00 24.27 ? 65  LEU A C   1 
ATOM   497  O O   . LEU A 1 65 ? -21.627 7.847   -0.594  1.00 23.74 ? 65  LEU A O   1 
ATOM   498  C CB  . LEU A 1 65 ? -18.892 9.287   0.311   1.00 19.13 ? 65  LEU A CB  1 
ATOM   499  C CG  . LEU A 1 65 ? -17.891 10.349  -0.160  1.00 17.22 ? 65  LEU A CG  1 
ATOM   500  C CD1 . LEU A 1 65 ? -16.489 10.004  0.293   1.00 16.15 ? 65  LEU A CD1 1 
ATOM   501  C CD2 . LEU A 1 65 ? -17.961 10.452  -1.672  1.00 17.71 ? 65  LEU A CD2 1 
ATOM   502  N N   . GLU A 1 66 ? -21.648 8.203   1.623   1.00 26.61 ? 66  GLU A N   1 
ATOM   503  C CA  . GLU A 1 66 ? -22.514 7.059   1.892   1.00 31.31 ? 66  GLU A CA  1 
ATOM   504  C C   . GLU A 1 66 ? -23.955 7.312   1.460   1.00 33.42 ? 66  GLU A C   1 
ATOM   505  O O   . GLU A 1 66 ? -24.773 6.396   1.439   1.00 34.91 ? 66  GLU A O   1 
ATOM   506  C CB  . GLU A 1 66 ? -22.467 6.702   3.379   1.00 31.96 ? 66  GLU A CB  1 
ATOM   507  C CG  . GLU A 1 66 ? -21.159 6.055   3.807   1.00 34.81 ? 66  GLU A CG  1 
ATOM   508  C CD  . GLU A 1 66 ? -20.991 4.649   3.249   1.00 38.28 ? 66  GLU A CD  1 
ATOM   509  O OE1 . GLU A 1 66 ? -21.991 4.072   2.768   1.00 39.07 ? 66  GLU A OE1 1 
ATOM   510  O OE2 . GLU A 1 66 ? -19.862 4.117   3.302   1.00 37.99 ? 66  GLU A OE2 1 
ATOM   511  N N   . MET A 1 67 ? -24.263 8.556   1.111   1.00 37.73 ? 67  MET A N   1 
ATOM   512  C CA  . MET A 1 67 ? -25.609 8.909   0.675   1.00 40.74 ? 67  MET A CA  1 
ATOM   513  C C   . MET A 1 67 ? -25.741 8.782   -0.833  1.00 43.72 ? 67  MET A C   1 
ATOM   514  O O   . MET A 1 67 ? -26.699 8.196   -1.338  1.00 45.50 ? 67  MET A O   1 
ATOM   515  C CB  . MET A 1 67 ? -25.943 10.343  1.092   1.00 39.73 ? 67  MET A CB  1 
ATOM   516  C CG  . MET A 1 67 ? -26.191 10.520  2.573   1.00 39.22 ? 67  MET A CG  1 
ATOM   517  S SD  . MET A 1 67 ? -27.623 9.582   3.150   1.00 38.56 ? 67  MET A SD  1 
ATOM   518  C CE  . MET A 1 67 ? -27.329 9.597   4.922   1.00 36.78 ? 67  MET A CE  1 
ATOM   519  N N   . SER A 1 68 ? -24.771 9.340   -1.550  1.00 47.04 ? 68  SER A N   1 
ATOM   520  C CA  . SER A 1 68 ? -24.769 9.306   -3.006  1.00 49.32 ? 68  SER A CA  1 
ATOM   521  C C   . SER A 1 68 ? -24.850 7.873   -3.525  1.00 50.48 ? 68  SER A C   1 
ATOM   522  O O   . SER A 1 68 ? -24.709 6.938   -2.707  1.00 51.77 ? 68  SER A O   1 
ATOM   523  C CB  . SER A 1 68 ? -23.500 9.974   -3.532  1.00 49.36 ? 68  SER A CB  1 
ATOM   524  O OG  . SER A 1 68 ? -23.318 11.247  -2.934  1.00 50.97 ? 68  SER A OG  1 
ATOM   525  O OXT . SER A 1 68 ? -25.044 7.702   -4.746  1.00 51.50 ? 68  SER A OXT 1 
ATOM   526  N N   . SER B 1 4  ? 0.399   9.288   -8.397  1.00 41.68 ? 4   SER B N   1 
ATOM   527  C CA  . SER B 1 4  ? -0.757  10.149  -8.005  1.00 40.02 ? 4   SER B CA  1 
ATOM   528  C C   . SER B 1 4  ? -1.437  9.646   -6.735  1.00 38.09 ? 4   SER B C   1 
ATOM   529  O O   . SER B 1 4  ? -2.627  9.880   -6.525  1.00 38.16 ? 4   SER B O   1 
ATOM   530  C CB  . SER B 1 4  ? -1.780  10.204  -9.144  1.00 41.07 ? 4   SER B CB  1 
ATOM   531  O OG  . SER B 1 4  ? -2.220  8.905   -9.500  1.00 40.88 ? 4   SER B OG  1 
ATOM   532  N N   . SER B 1 5  ? -0.675  8.960   -5.889  1.00 35.54 ? 5   SER B N   1 
ATOM   533  C CA  . SER B 1 5  ? -1.209  8.424   -4.642  1.00 32.01 ? 5   SER B CA  1 
ATOM   534  C C   . SER B 1 5  ? -0.319  8.777   -3.452  1.00 30.05 ? 5   SER B C   1 
ATOM   535  O O   . SER B 1 5  ? 0.906   8.798   -3.568  1.00 29.36 ? 5   SER B O   1 
ATOM   536  C CB  . SER B 1 5  ? -1.351  6.903   -4.745  1.00 30.75 ? 5   SER B CB  1 
ATOM   537  O OG  . SER B 1 5  ? -1.715  6.341   -3.497  1.00 29.74 ? 5   SER B OG  1 
ATOM   538  N N   . ASP B 1 6  ? -0.946  9.050   -2.312  1.00 27.79 ? 6   ASP B N   1 
ATOM   539  C CA  . ASP B 1 6  ? -0.222  9.403   -1.094  1.00 24.61 ? 6   ASP B CA  1 
ATOM   540  C C   . ASP B 1 6  ? 0.042   8.183   -0.221  1.00 22.98 ? 6   ASP B C   1 
ATOM   541  O O   . ASP B 1 6  ? 0.736   8.282   0.792   1.00 19.97 ? 6   ASP B O   1 
ATOM   542  C CB  . ASP B 1 6  ? -1.014  10.441  -0.293  1.00 25.96 ? 6   ASP B CB  1 
ATOM   543  N N   . THR B 1 7  ? -0.513  7.038   -0.609  1.00 19.34 ? 7   THR B N   1 
ATOM   544  C CA  . THR B 1 7  ? -0.321  5.819   0.165   1.00 18.59 ? 7   THR B CA  1 
ATOM   545  C C   . THR B 1 7  ? 1.048   5.187   -0.067  1.00 17.29 ? 7   THR B C   1 
ATOM   546  O O   . THR B 1 7  ? 1.739   5.492   -1.039  1.00 17.66 ? 7   THR B O   1 
ATOM   547  C CB  . THR B 1 7  ? -1.405  4.765   -0.137  1.00 17.34 ? 7   THR B CB  1 
ATOM   548  O OG1 . THR B 1 7  ? -1.315  4.362   -1.508  1.00 17.66 ? 7   THR B OG1 1 
ATOM   549  C CG2 . THR B 1 7  ? -2.787  5.338   0.145   1.00 17.54 ? 7   THR B CG2 1 
ATOM   550  N N   . THR B 1 8  ? 1.414   4.303   0.851   1.00 14.65 ? 8   THR B N   1 
ATOM   551  C CA  . THR B 1 8  ? 2.688   3.605   0.836   1.00 15.26 ? 8   THR B CA  1 
ATOM   552  C C   . THR B 1 8  ? 2.415   2.114   0.960   1.00 14.83 ? 8   THR B C   1 
ATOM   553  O O   . THR B 1 8  ? 1.674   1.689   1.842   1.00 15.21 ? 8   THR B O   1 
ATOM   554  C CB  . THR B 1 8  ? 3.533   4.041   2.042   1.00 18.63 ? 8   THR B CB  1 
ATOM   555  O OG1 . THR B 1 8  ? 3.929   5.405   1.875   1.00 19.53 ? 8   THR B OG1 1 
ATOM   556  C CG2 . THR B 1 8  ? 4.759   3.139   2.212   1.00 18.13 ? 8   THR B CG2 1 
ATOM   557  N N   . PRO B 1 9  ? 2.997   1.300   0.070   1.00 15.51 ? 9   PRO B N   1 
ATOM   558  C CA  . PRO B 1 9  ? 2.755   -0.138  0.168   1.00 14.54 ? 9   PRO B CA  1 
ATOM   559  C C   . PRO B 1 9  ? 3.588   -0.755  1.291   1.00 14.93 ? 9   PRO B C   1 
ATOM   560  O O   . PRO B 1 9  ? 4.804   -0.569  1.350   1.00 12.28 ? 9   PRO B O   1 
ATOM   561  C CB  . PRO B 1 9  ? 3.168   -0.645  -1.209  1.00 16.66 ? 9   PRO B CB  1 
ATOM   562  C CG  . PRO B 1 9  ? 4.318   0.269   -1.546  1.00 16.81 ? 9   PRO B CG  1 
ATOM   563  C CD  . PRO B 1 9  ? 3.794   1.623   -1.129  1.00 13.91 ? 9   PRO B CD  1 
ATOM   564  N N   . CYS B 1 10 ? 2.922   -1.468  2.194   1.00 12.57 ? 10  CYS B N   1 
ATOM   565  C CA  . CYS B 1 10 ? 3.604   -2.127  3.297   1.00 12.37 ? 10  CYS B CA  1 
ATOM   566  C C   . CYS B 1 10 ? 3.265   -3.616  3.293   1.00 12.97 ? 10  CYS B C   1 
ATOM   567  O O   . CYS B 1 10 ? 2.289   -4.038  2.672   1.00 12.86 ? 10  CYS B O   1 
ATOM   568  C CB  . CYS B 1 10 ? 3.192   -1.518  4.638   1.00 13.64 ? 10  CYS B CB  1 
ATOM   569  S SG  . CYS B 1 10 ? 3.801   0.165   4.987   1.00 14.11 ? 10  CYS B SG  1 
ATOM   570  N N   . CYS B 1 11 ? 4.072   -4.399  4.004   1.00 13.08 ? 11  CYS B N   1 
ATOM   571  C CA  . CYS B 1 11 ? 3.882   -5.841  4.094   1.00 13.92 ? 11  CYS B CA  1 
ATOM   572  C C   . CYS B 1 11 ? 3.574   -6.319  5.504   1.00 15.49 ? 11  CYS B C   1 
ATOM   573  O O   . CYS B 1 11 ? 4.226   -5.904  6.468   1.00 13.62 ? 11  CYS B O   1 
ATOM   574  C CB  . CYS B 1 11 ? 5.128   -6.561  3.601   1.00 13.99 ? 11  CYS B CB  1 
ATOM   575  S SG  . CYS B 1 11 ? 5.408   -6.410  1.818   1.00 14.55 ? 11  CYS B SG  1 
ATOM   576  N N   . PHE B 1 12 ? 2.588   -7.206  5.619   1.00 14.45 ? 12  PHE B N   1 
ATOM   577  C CA  . PHE B 1 12 ? 2.208   -7.742  6.916   1.00 14.96 ? 12  PHE B CA  1 
ATOM   578  C C   . PHE B 1 12 ? 2.282   -9.262  6.976   1.00 16.82 ? 12  PHE B C   1 
ATOM   579  O O   . PHE B 1 12 ? 1.959   -9.870  7.995   1.00 18.89 ? 12  PHE B O   1 
ATOM   580  C CB  . PHE B 1 12 ? 0.814   -7.247  7.293   1.00 15.11 ? 12  PHE B CB  1 
ATOM   581  C CG  . PHE B 1 12 ? 0.730   -5.758  7.406   1.00 12.42 ? 12  PHE B CG  1 
ATOM   582  C CD1 . PHE B 1 12 ? 1.289   -5.105  8.494   1.00 14.43 ? 12  PHE B CD1 1 
ATOM   583  C CD2 . PHE B 1 12 ? 0.160   -5.002  6.394   1.00 11.97 ? 12  PHE B CD2 1 
ATOM   584  C CE1 . PHE B 1 12 ? 1.285   -3.724  8.569   1.00 13.48 ? 12  PHE B CE1 1 
ATOM   585  C CE2 . PHE B 1 12 ? 0.152   -3.619  6.462   1.00 13.51 ? 12  PHE B CE2 1 
ATOM   586  C CZ  . PHE B 1 12 ? 0.716   -2.979  7.548   1.00 13.68 ? 12  PHE B CZ  1 
ATOM   587  N N   . ALA B 1 13 ? 2.723   -9.866  5.878   1.00 16.46 ? 13  ALA B N   1 
ATOM   588  C CA  . ALA B 1 13 ? 2.894   -11.312 5.786   1.00 16.26 ? 13  ALA B CA  1 
ATOM   589  C C   . ALA B 1 13 ? 3.878   -11.588 4.653   1.00 16.28 ? 13  ALA B C   1 
ATOM   590  O O   . ALA B 1 13 ? 3.992   -10.790 3.722   1.00 14.68 ? 13  ALA B O   1 
ATOM   591  C CB  . ALA B 1 13 ? 1.558   -11.989 5.502   1.00 18.41 ? 13  ALA B CB  1 
ATOM   592  N N   . TYR B 1 14 ? 4.599   -12.701 4.742   1.00 16.78 ? 14  TYR B N   1 
ATOM   593  C CA  . TYR B 1 14 ? 5.562   -13.075 3.707   1.00 18.87 ? 14  TYR B CA  1 
ATOM   594  C C   . TYR B 1 14 ? 5.076   -14.319 2.975   1.00 20.31 ? 14  TYR B C   1 
ATOM   595  O O   . TYR B 1 14 ? 4.509   -15.222 3.587   1.00 20.60 ? 14  TYR B O   1 
ATOM   596  C CB  . TYR B 1 14 ? 6.927   -13.381 4.317   1.00 17.72 ? 14  TYR B CB  1 
ATOM   597  C CG  . TYR B 1 14 ? 7.544   -12.252 5.100   1.00 16.51 ? 14  TYR B CG  1 
ATOM   598  C CD1 . TYR B 1 14 ? 7.800   -11.022 4.502   1.00 18.04 ? 14  TYR B CD1 1 
ATOM   599  C CD2 . TYR B 1 14 ? 7.900   -12.423 6.430   1.00 17.35 ? 14  TYR B CD2 1 
ATOM   600  C CE1 . TYR B 1 14 ? 8.397   -9.995  5.207   1.00 14.35 ? 14  TYR B CE1 1 
ATOM   601  C CE2 . TYR B 1 14 ? 8.497   -11.405 7.145   1.00 18.22 ? 14  TYR B CE2 1 
ATOM   602  C CZ  . TYR B 1 14 ? 8.744   -10.195 6.531   1.00 18.81 ? 14  TYR B CZ  1 
ATOM   603  O OH  . TYR B 1 14 ? 9.337   -9.182  7.249   1.00 17.61 ? 14  TYR B OH  1 
ATOM   604  N N   . ILE B 1 15 ? 5.297   -14.377 1.667   1.00 19.22 ? 15  ILE B N   1 
ATOM   605  C CA  . ILE B 1 15 ? 4.871   -15.548 0.921   1.00 19.49 ? 15  ILE B CA  1 
ATOM   606  C C   . ILE B 1 15 ? 5.631   -16.753 1.491   1.00 20.15 ? 15  ILE B C   1 
ATOM   607  O O   . ILE B 1 15 ? 6.835   -16.689 1.730   1.00 16.23 ? 15  ILE B O   1 
ATOM   608  C CB  . ILE B 1 15 ? 5.137   -15.374 -0.591  1.00 19.82 ? 15  ILE B CB  1 
ATOM   609  C CG1 . ILE B 1 15 ? 4.514   -16.546 -1.355  1.00 20.32 ? 15  ILE B CG1 1 
ATOM   610  C CG2 . ILE B 1 15 ? 6.636   -15.244 -0.855  1.00 18.96 ? 15  ILE B CG2 1 
ATOM   611  C CD1 . ILE B 1 15 ? 4.470   -16.348 -2.854  1.00 20.80 ? 15  ILE B CD1 1 
ATOM   612  N N   . ALA B 1 16 ? 4.910   -17.842 1.728   1.00 21.06 ? 16  ALA B N   1 
ATOM   613  C CA  . ALA B 1 16 ? 5.485   -19.043 2.322   1.00 23.83 ? 16  ALA B CA  1 
ATOM   614  C C   . ALA B 1 16 ? 6.520   -19.792 1.488   1.00 25.02 ? 16  ALA B C   1 
ATOM   615  O O   . ALA B 1 16 ? 7.526   -20.264 2.019   1.00 26.51 ? 16  ALA B O   1 
ATOM   616  C CB  . ALA B 1 16 ? 4.359   -19.998 2.720   1.00 24.54 ? 16  ALA B CB  1 
ATOM   617  N N   . ARG B 1 17 ? 6.279   -19.906 0.189   1.00 24.52 ? 17  ARG B N   1 
ATOM   618  C CA  . ARG B 1 17 ? 7.195   -20.633 -0.680  1.00 24.11 ? 17  ARG B CA  1 
ATOM   619  C C   . ARG B 1 17 ? 7.797   -19.734 -1.747  1.00 24.25 ? 17  ARG B C   1 
ATOM   620  O O   . ARG B 1 17 ? 7.217   -18.715 -2.117  1.00 23.73 ? 17  ARG B O   1 
ATOM   621  C CB  . ARG B 1 17 ? 6.466   -21.803 -1.330  1.00 22.85 ? 17  ARG B CB  1 
ATOM   622  N N   . PRO B 1 18 ? 8.977   -20.106 -2.258  1.00 24.78 ? 18  PRO B N   1 
ATOM   623  C CA  . PRO B 1 18 ? 9.639   -19.308 -3.291  1.00 24.67 ? 18  PRO B CA  1 
ATOM   624  C C   . PRO B 1 18 ? 8.727   -19.067 -4.487  1.00 24.78 ? 18  PRO B C   1 
ATOM   625  O O   . PRO B 1 18 ? 8.093   -19.985 -4.998  1.00 24.42 ? 18  PRO B O   1 
ATOM   626  C CB  . PRO B 1 18 ? 10.858  -20.154 -3.651  1.00 23.84 ? 18  PRO B CB  1 
ATOM   627  C CG  . PRO B 1 18 ? 11.183  -20.834 -2.356  1.00 23.40 ? 18  PRO B CG  1 
ATOM   628  C CD  . PRO B 1 18 ? 9.810   -21.256 -1.868  1.00 24.89 ? 18  PRO B CD  1 
ATOM   629  N N   . LEU B 1 19 ? 8.658   -17.817 -4.918  1.00 23.69 ? 19  LEU B N   1 
ATOM   630  C CA  . LEU B 1 19 ? 7.841   -17.445 -6.062  1.00 24.85 ? 19  LEU B CA  1 
ATOM   631  C C   . LEU B 1 19 ? 8.600   -17.915 -7.301  1.00 23.81 ? 19  LEU B C   1 
ATOM   632  O O   . LEU B 1 19 ? 9.820   -18.061 -7.264  1.00 22.68 ? 19  LEU B O   1 
ATOM   633  C CB  . LEU B 1 19 ? 7.679   -15.920 -6.080  1.00 27.47 ? 19  LEU B CB  1 
ATOM   634  C CG  . LEU B 1 19 ? 6.544   -15.246 -6.851  1.00 30.52 ? 19  LEU B CG  1 
ATOM   635  C CD1 . LEU B 1 19 ? 5.199   -15.686 -6.287  1.00 30.15 ? 19  LEU B CD1 1 
ATOM   636  C CD2 . LEU B 1 19 ? 6.697   -13.733 -6.733  1.00 28.52 ? 19  LEU B CD2 1 
ATOM   637  N N   . PRO B 1 20 ? 7.892   -18.192 -8.405  1.00 24.62 ? 20  PRO B N   1 
ATOM   638  C CA  . PRO B 1 20 ? 8.616   -18.636 -9.603  1.00 24.81 ? 20  PRO B CA  1 
ATOM   639  C C   . PRO B 1 20 ? 9.479   -17.478 -10.113 1.00 23.33 ? 20  PRO B C   1 
ATOM   640  O O   . PRO B 1 20 ? 8.981   -16.368 -10.296 1.00 23.31 ? 20  PRO B O   1 
ATOM   641  C CB  . PRO B 1 20 ? 7.493   -18.996 -10.572 1.00 25.93 ? 20  PRO B CB  1 
ATOM   642  C CG  . PRO B 1 20 ? 6.371   -19.412 -9.646  1.00 26.23 ? 20  PRO B CG  1 
ATOM   643  C CD  . PRO B 1 20 ? 6.440   -18.354 -8.575  1.00 25.17 ? 20  PRO B CD  1 
ATOM   644  N N   . ARG B 1 21 ? 10.766  -17.733 -10.337 1.00 20.64 ? 21  ARG B N   1 
ATOM   645  C CA  . ARG B 1 21 ? 11.675  -16.688 -10.799 1.00 19.19 ? 21  ARG B CA  1 
ATOM   646  C C   . ARG B 1 21 ? 11.334  -16.137 -12.175 1.00 19.20 ? 21  ARG B C   1 
ATOM   647  O O   . ARG B 1 21 ? 11.487  -14.941 -12.433 1.00 17.65 ? 21  ARG B O   1 
ATOM   648  C CB  . ARG B 1 21 ? 13.113  -17.208 -10.828 1.00 17.48 ? 21  ARG B CB  1 
ATOM   649  C CG  . ARG B 1 21 ? 14.113  -16.223 -11.430 1.00 17.86 ? 21  ARG B CG  1 
ATOM   650  C CD  . ARG B 1 21 ? 14.257  -14.981 -10.560 1.00 19.07 ? 21  ARG B CD  1 
ATOM   651  N NE  . ARG B 1 21 ? 15.165  -13.984 -11.132 1.00 18.62 ? 21  ARG B NE  1 
ATOM   652  C CZ  . ARG B 1 21 ? 14.866  -13.194 -12.159 1.00 19.28 ? 21  ARG B CZ  1 
ATOM   653  N NH1 . ARG B 1 21 ? 13.676  -13.274 -12.741 1.00 19.52 ? 21  ARG B NH1 1 
ATOM   654  N NH2 . ARG B 1 21 ? 15.754  -12.314 -12.602 1.00 18.14 ? 21  ARG B NH2 1 
ATOM   655  N N   . ALA B 1 22 ? 10.873  -17.020 -13.052 1.00 20.29 ? 22  ALA B N   1 
ATOM   656  C CA  . ALA B 1 22 ? 10.538  -16.669 -14.426 1.00 21.33 ? 22  ALA B CA  1 
ATOM   657  C C   . ALA B 1 22 ? 9.529   -15.550 -14.618 1.00 22.55 ? 22  ALA B C   1 
ATOM   658  O O   . ALA B 1 22 ? 9.550   -14.877 -15.641 1.00 24.06 ? 22  ALA B O   1 
ATOM   659  C CB  . ALA B 1 22 ? 10.047  -17.907 -15.162 1.00 18.13 ? 22  ALA B CB  1 
ATOM   660  N N   . HIS B 1 23 ? 8.645   -15.339 -13.655 1.00 23.23 ? 23  HIS B N   1 
ATOM   661  C CA  . HIS B 1 23 ? 7.633   -14.309 -13.839 1.00 25.88 ? 23  HIS B CA  1 
ATOM   662  C C   . HIS B 1 23 ? 7.799   -13.035 -13.020 1.00 24.37 ? 23  HIS B C   1 
ATOM   663  O O   . HIS B 1 23 ? 6.857   -12.260 -12.866 1.00 24.63 ? 23  HIS B O   1 
ATOM   664  C CB  . HIS B 1 23 ? 6.260   -14.932 -13.615 1.00 28.77 ? 23  HIS B CB  1 
ATOM   665  C CG  . HIS B 1 23 ? 5.978   -16.079 -14.534 1.00 31.74 ? 23  HIS B CG  1 
ATOM   666  N ND1 . HIS B 1 23 ? 5.880   -15.926 -15.901 1.00 35.03 ? 23  HIS B ND1 1 
ATOM   667  C CD2 . HIS B 1 23 ? 5.829   -17.402 -14.292 1.00 32.75 ? 23  HIS B CD2 1 
ATOM   668  C CE1 . HIS B 1 23 ? 5.685   -17.106 -16.462 1.00 35.16 ? 23  HIS B CE1 1 
ATOM   669  N NE2 . HIS B 1 23 ? 5.651   -18.019 -15.507 1.00 35.28 ? 23  HIS B NE2 1 
ATOM   670  N N   . ILE B 1 24 ? 9.005   -12.816 -12.514 1.00 22.92 ? 24  ILE B N   1 
ATOM   671  C CA  . ILE B 1 24 ? 9.300   -11.620 -11.736 1.00 20.70 ? 24  ILE B CA  1 
ATOM   672  C C   . ILE B 1 24 ? 10.028  -10.629 -12.638 1.00 20.53 ? 24  ILE B C   1 
ATOM   673  O O   . ILE B 1 24 ? 11.030  -10.980 -13.257 1.00 21.88 ? 24  ILE B O   1 
ATOM   674  C CB  . ILE B 1 24 ? 10.193  -11.959 -10.527 1.00 18.77 ? 24  ILE B CB  1 
ATOM   675  C CG1 . ILE B 1 24 ? 9.446   -12.901 -9.580  1.00 17.01 ? 24  ILE B CG1 1 
ATOM   676  C CG2 . ILE B 1 24 ? 10.595  -10.681 -9.798  1.00 18.84 ? 24  ILE B CG2 1 
ATOM   677  C CD1 . ILE B 1 24 ? 10.282  -13.380 -8.404  1.00 15.65 ? 24  ILE B CD1 1 
ATOM   678  N N   . LYS B 1 25 ? 9.533   -9.398  -12.736 1.00 19.76 ? 25  LYS B N   1 
ATOM   679  C CA  . LYS B 1 25 ? 10.210  -8.423  -13.585 1.00 19.50 ? 25  LYS B CA  1 
ATOM   680  C C   . LYS B 1 25 ? 11.114  -7.457  -12.819 1.00 19.44 ? 25  LYS B C   1 
ATOM   681  O O   . LYS B 1 25 ? 12.040  -6.880  -13.392 1.00 19.22 ? 25  LYS B O   1 
ATOM   682  C CB  . LYS B 1 25 ? 9.203   -7.655  -14.452 1.00 20.80 ? 25  LYS B CB  1 
ATOM   683  C CG  . LYS B 1 25 ? 8.020   -7.040  -13.729 1.00 20.84 ? 25  LYS B CG  1 
ATOM   684  C CD  . LYS B 1 25 ? 7.134   -6.321  -14.741 1.00 19.80 ? 25  LYS B CD  1 
ATOM   685  C CE  . LYS B 1 25 ? 5.975   -5.595  -14.084 1.00 19.42 ? 25  LYS B CE  1 
ATOM   686  N NZ  . LYS B 1 25 ? 5.159   -4.864  -15.095 1.00 21.40 ? 25  LYS B NZ  1 
ATOM   687  N N   . GLU B 1 26 ? 10.852  -7.282  -11.526 1.00 17.63 ? 26  GLU B N   1 
ATOM   688  C CA  . GLU B 1 26 ? 11.680  -6.410  -10.702 1.00 17.17 ? 26  GLU B CA  1 
ATOM   689  C C   . GLU B 1 26 ? 11.335  -6.571  -9.228  1.00 16.71 ? 26  GLU B C   1 
ATOM   690  O O   . GLU B 1 26 ? 10.469  -7.366  -8.863  1.00 14.72 ? 26  GLU B O   1 
ATOM   691  C CB  . GLU B 1 26 ? 11.517  -4.939  -11.108 1.00 18.39 ? 26  GLU B CB  1 
ATOM   692  C CG  . GLU B 1 26 ? 10.199  -4.312  -10.694 1.00 19.07 ? 26  GLU B CG  1 
ATOM   693  C CD  . GLU B 1 26 ? 9.366   -3.878  -11.880 1.00 19.83 ? 26  GLU B CD  1 
ATOM   694  O OE1 . GLU B 1 26 ? 9.788   -4.130  -13.030 1.00 21.19 ? 26  GLU B OE1 1 
ATOM   695  O OE2 . GLU B 1 26 ? 8.288   -3.289  -11.663 1.00 19.05 ? 26  GLU B OE2 1 
ATOM   696  N N   . TYR B 1 27 ? 12.030  -5.820  -8.384  1.00 16.38 ? 27  TYR B N   1 
ATOM   697  C CA  . TYR B 1 27 ? 11.793  -5.873  -6.950  1.00 17.30 ? 27  TYR B CA  1 
ATOM   698  C C   . TYR B 1 27 ? 12.130  -4.521  -6.344  1.00 15.30 ? 27  TYR B C   1 
ATOM   699  O O   . TYR B 1 27 ? 12.783  -3.690  -6.974  1.00 16.76 ? 27  TYR B O   1 
ATOM   700  C CB  . TYR B 1 27 ? 12.692  -6.932  -6.306  1.00 16.85 ? 27  TYR B CB  1 
ATOM   701  C CG  . TYR B 1 27 ? 14.062  -6.399  -5.937  1.00 22.84 ? 27  TYR B CG  1 
ATOM   702  C CD1 . TYR B 1 27 ? 15.103  -6.394  -6.862  1.00 23.77 ? 27  TYR B CD1 1 
ATOM   703  C CD2 . TYR B 1 27 ? 14.298  -5.842  -4.684  1.00 23.45 ? 27  TYR B CD2 1 
ATOM   704  C CE1 . TYR B 1 27 ? 16.336  -5.846  -6.549  1.00 26.52 ? 27  TYR B CE1 1 
ATOM   705  C CE2 . TYR B 1 27 ? 15.521  -5.294  -4.365  1.00 26.12 ? 27  TYR B CE2 1 
ATOM   706  C CZ  . TYR B 1 27 ? 16.537  -5.296  -5.296  1.00 28.80 ? 27  TYR B CZ  1 
ATOM   707  O OH  . TYR B 1 27 ? 17.757  -4.745  -4.973  1.00 32.11 ? 27  TYR B OH  1 
ATOM   708  N N   . PHE B 1 28 ? 11.672  -4.307  -5.118  1.00 14.84 ? 28  PHE B N   1 
ATOM   709  C CA  . PHE B 1 28 ? 11.981  -3.088  -4.383  1.00 16.20 ? 28  PHE B CA  1 
ATOM   710  C C   . PHE B 1 28 ? 11.721  -3.380  -2.909  1.00 16.85 ? 28  PHE B C   1 
ATOM   711  O O   . PHE B 1 28 ? 10.982  -4.312  -2.575  1.00 14.23 ? 28  PHE B O   1 
ATOM   712  C CB  . PHE B 1 28 ? 11.158  -1.879  -4.890  1.00 14.42 ? 28  PHE B CB  1 
ATOM   713  C CG  . PHE B 1 28 ? 9.678   -1.962  -4.618  1.00 15.83 ? 28  PHE B CG  1 
ATOM   714  C CD1 . PHE B 1 28 ? 9.160   -1.587  -3.386  1.00 16.52 ? 28  PHE B CD1 1 
ATOM   715  C CD2 . PHE B 1 28 ? 8.804   -2.415  -5.597  1.00 16.04 ? 28  PHE B CD2 1 
ATOM   716  C CE1 . PHE B 1 28 ? 7.795   -1.660  -3.134  1.00 17.69 ? 28  PHE B CE1 1 
ATOM   717  C CE2 . PHE B 1 28 ? 7.436   -2.494  -5.352  1.00 14.61 ? 28  PHE B CE2 1 
ATOM   718  C CZ  . PHE B 1 28 ? 6.933   -2.115  -4.117  1.00 16.34 ? 28  PHE B CZ  1 
ATOM   719  N N   . TYR B 1 29 ? 12.367  -2.619  -2.030  1.00 15.68 ? 29  TYR B N   1 
ATOM   720  C CA  . TYR B 1 29 ? 12.183  -2.802  -0.597  1.00 17.20 ? 29  TYR B CA  1 
ATOM   721  C C   . TYR B 1 29 ? 11.086  -1.857  -0.129  1.00 17.20 ? 29  TYR B C   1 
ATOM   722  O O   . TYR B 1 29 ? 11.053  -0.694  -0.539  1.00 17.52 ? 29  TYR B O   1 
ATOM   723  C CB  . TYR B 1 29 ? 13.470  -2.482  0.174   1.00 18.08 ? 29  TYR B CB  1 
ATOM   724  C CG  . TYR B 1 29 ? 14.637  -3.403  -0.112  1.00 20.70 ? 29  TYR B CG  1 
ATOM   725  C CD1 . TYR B 1 29 ? 14.817  -4.568  0.624   1.00 22.36 ? 29  TYR B CD1 1 
ATOM   726  C CD2 . TYR B 1 29 ? 15.552  -3.114  -1.116  1.00 22.76 ? 29  TYR B CD2 1 
ATOM   727  C CE1 . TYR B 1 29 ? 15.871  -5.418  0.367   1.00 23.56 ? 29  TYR B CE1 1 
ATOM   728  C CE2 . TYR B 1 29 ? 16.615  -3.961  -1.377  1.00 24.03 ? 29  TYR B CE2 1 
ATOM   729  C CZ  . TYR B 1 29 ? 16.766  -5.110  -0.633  1.00 24.20 ? 29  TYR B CZ  1 
ATOM   730  O OH  . TYR B 1 29 ? 17.816  -5.963  -0.886  1.00 27.84 ? 29  TYR B OH  1 
ATOM   731  N N   . THR B 1 30 ? 10.189  -2.348  0.720   1.00 15.38 ? 30  THR B N   1 
ATOM   732  C CA  . THR B 1 30 ? 9.123   -1.498  1.232   1.00 15.43 ? 30  THR B CA  1 
ATOM   733  C C   . THR B 1 30 ? 9.764   -0.418  2.097   1.00 15.70 ? 30  THR B C   1 
ATOM   734  O O   . THR B 1 30 ? 10.835  -0.621  2.663   1.00 17.94 ? 30  THR B O   1 
ATOM   735  C CB  . THR B 1 30 ? 8.111   -2.284  2.092   1.00 13.08 ? 30  THR B CB  1 
ATOM   736  O OG1 . THR B 1 30 ? 8.806   -3.018  3.105   1.00 16.02 ? 30  THR B OG1 1 
ATOM   737  C CG2 . THR B 1 30 ? 7.308   -3.242  1.236   1.00 15.00 ? 30  THR B CG2 1 
ATOM   738  N N   . SER B 1 31 ? 9.094   0.725   2.181   1.00 16.51 ? 31  SER B N   1 
ATOM   739  C CA  . SER B 1 31 ? 9.554   1.873   2.954   1.00 16.05 ? 31  SER B CA  1 
ATOM   740  C C   . SER B 1 31 ? 9.916   1.549   4.395   1.00 16.58 ? 31  SER B C   1 
ATOM   741  O O   . SER B 1 31 ? 9.275   0.708   5.038   1.00 16.35 ? 31  SER B O   1 
ATOM   742  C CB  . SER B 1 31 ? 8.472   2.959   2.943   1.00 16.24 ? 31  SER B CB  1 
ATOM   743  O OG  . SER B 1 31 ? 8.815   4.037   3.797   1.00 17.58 ? 31  SER B OG  1 
ATOM   744  N N   . GLY B 1 32 ? 10.943  2.232   4.897   1.00 14.34 ? 32  GLY B N   1 
ATOM   745  C CA  . GLY B 1 32 ? 11.374  2.042   6.270   1.00 15.14 ? 32  GLY B CA  1 
ATOM   746  C C   . GLY B 1 32 ? 10.287  2.505   7.223   1.00 16.72 ? 32  GLY B C   1 
ATOM   747  O O   . GLY B 1 32 ? 10.299  2.168   8.407   1.00 17.53 ? 32  GLY B O   1 
ATOM   748  N N   . LYS B 1 33 ? 9.349   3.293   6.705   1.00 15.45 ? 33  LYS B N   1 
ATOM   749  C CA  . LYS B 1 33 ? 8.238   3.781   7.508   1.00 17.11 ? 33  LYS B CA  1 
ATOM   750  C C   . LYS B 1 33 ? 7.354   2.607   7.926   1.00 17.40 ? 33  LYS B C   1 
ATOM   751  O O   . LYS B 1 33 ? 6.712   2.643   8.975   1.00 16.49 ? 33  LYS B O   1 
ATOM   752  C CB  . LYS B 1 33 ? 7.395   4.784   6.717   1.00 19.64 ? 33  LYS B CB  1 
ATOM   753  C CG  . LYS B 1 33 ? 8.062   6.124   6.459   1.00 22.25 ? 33  LYS B CG  1 
ATOM   754  C CD  . LYS B 1 33 ? 7.101   7.047   5.725   1.00 23.92 ? 33  LYS B CD  1 
ATOM   755  C CE  . LYS B 1 33 ? 7.750   8.378   5.386   1.00 28.46 ? 33  LYS B CE  1 
ATOM   756  N NZ  . LYS B 1 33 ? 8.212   9.089   6.613   1.00 32.21 ? 33  LYS B NZ  1 
ATOM   757  N N   . CYS B 1 34 ? 7.308   1.576   7.087   1.00 16.67 ? 34  CYS B N   1 
ATOM   758  C CA  . CYS B 1 34 ? 6.508   0.391   7.381   1.00 16.18 ? 34  CYS B CA  1 
ATOM   759  C C   . CYS B 1 34 ? 7.112   -0.307  8.600   1.00 16.76 ? 34  CYS B C   1 
ATOM   760  O O   . CYS B 1 34 ? 8.327   -0.291  8.790   1.00 16.39 ? 34  CYS B O   1 
ATOM   761  C CB  . CYS B 1 34 ? 6.503   -0.566  6.185   1.00 13.32 ? 34  CYS B CB  1 
ATOM   762  S SG  . CYS B 1 34 ? 5.801   0.068   4.623   1.00 15.30 ? 34  CYS B SG  1 
ATOM   763  N N   . SER B 1 35 ? 6.265   -0.921  9.421   1.00 17.02 ? 35  SER B N   1 
ATOM   764  C CA  . SER B 1 35 ? 6.727   -1.602  10.628  1.00 18.68 ? 35  SER B CA  1 
ATOM   765  C C   . SER B 1 35 ? 7.564   -2.847  10.373  1.00 17.93 ? 35  SER B C   1 
ATOM   766  O O   . SER B 1 35 ? 8.500   -3.124  11.120  1.00 17.61 ? 35  SER B O   1 
ATOM   767  C CB  . SER B 1 35 ? 5.535   -1.959  11.521  1.00 19.32 ? 35  SER B CB  1 
ATOM   768  O OG  . SER B 1 35 ? 4.980   -0.789  12.102  1.00 24.81 ? 35  SER B OG  1 
ATOM   769  N N   . ASN B 1 36 ? 7.229   -3.599  9.328   1.00 18.22 ? 36  ASN B N   1 
ATOM   770  C CA  . ASN B 1 36 ? 7.972   -4.812  9.002   1.00 19.15 ? 36  ASN B CA  1 
ATOM   771  C C   . ASN B 1 36 ? 8.873   -4.614  7.792   1.00 18.11 ? 36  ASN B C   1 
ATOM   772  O O   . ASN B 1 36 ? 8.471   -4.010  6.799   1.00 18.56 ? 36  ASN B O   1 
ATOM   773  C CB  . ASN B 1 36 ? 7.024   -5.974  8.683   1.00 17.49 ? 36  ASN B CB  1 
ATOM   774  C CG  . ASN B 1 36 ? 5.974   -6.188  9.745   1.00 20.88 ? 36  ASN B CG  1 
ATOM   775  O OD1 . ASN B 1 36 ? 6.282   -6.291  10.930  1.00 21.89 ? 36  ASN B OD1 1 
ATOM   776  N ND2 . ASN B 1 36 ? 4.718   -6.269  9.322   1.00 17.03 ? 36  ASN B ND2 1 
ATOM   777  N N   . PRO B 1 37 ? 10.107  -5.128  7.857   1.00 19.34 ? 37  PRO B N   1 
ATOM   778  C CA  . PRO B 1 37 ? 11.014  -4.979  6.718   1.00 18.53 ? 37  PRO B CA  1 
ATOM   779  C C   . PRO B 1 37 ? 10.531  -5.959  5.658   1.00 17.70 ? 37  PRO B C   1 
ATOM   780  O O   . PRO B 1 37 ? 9.988   -7.013  5.992   1.00 19.09 ? 37  PRO B O   1 
ATOM   781  C CB  . PRO B 1 37 ? 12.364  -5.374  7.301   1.00 19.50 ? 37  PRO B CB  1 
ATOM   782  C CG  . PRO B 1 37 ? 11.990  -6.435  8.287   1.00 21.57 ? 37  PRO B CG  1 
ATOM   783  C CD  . PRO B 1 37 ? 10.767  -5.841  8.968   1.00 20.52 ? 37  PRO B CD  1 
ATOM   784  N N   . ALA B 1 38 ? 10.703  -5.627  4.388   1.00 16.26 ? 38  ALA B N   1 
ATOM   785  C CA  . ALA B 1 38 ? 10.242  -6.541  3.356   1.00 17.40 ? 38  ALA B CA  1 
ATOM   786  C C   . ALA B 1 38 ? 10.765  -6.254  1.964   1.00 17.34 ? 38  ALA B C   1 
ATOM   787  O O   . ALA B 1 38 ? 11.127  -5.128  1.633   1.00 16.91 ? 38  ALA B O   1 
ATOM   788  C CB  . ALA B 1 38 ? 8.705   -6.562  3.331   1.00 13.95 ? 38  ALA B CB  1 
ATOM   789  N N   . VAL B 1 39 ? 10.810  -7.309  1.161   1.00 18.13 ? 39  VAL B N   1 
ATOM   790  C CA  . VAL B 1 39 ? 11.221  -7.208  -0.223  1.00 18.69 ? 39  VAL B CA  1 
ATOM   791  C C   . VAL B 1 39 ? 9.934   -7.454  -0.992  1.00 18.15 ? 39  VAL B C   1 
ATOM   792  O O   . VAL B 1 39 ? 9.163   -8.348  -0.643  1.00 19.30 ? 39  VAL B O   1 
ATOM   793  C CB  . VAL B 1 39 ? 12.226  -8.307  -0.621  1.00 19.62 ? 39  VAL B CB  1 
ATOM   794  C CG1 . VAL B 1 39 ? 12.368  -8.344  -2.132  1.00 21.79 ? 39  VAL B CG1 1 
ATOM   795  C CG2 . VAL B 1 39 ? 13.574  -8.044  0.026   1.00 22.29 ? 39  VAL B CG2 1 
ATOM   796  N N   . VAL B 1 40 ? 9.689   -6.648  -2.016  1.00 16.28 ? 40  VAL B N   1 
ATOM   797  C CA  . VAL B 1 40 ? 8.503   -6.821  -2.836  1.00 14.44 ? 40  VAL B CA  1 
ATOM   798  C C   . VAL B 1 40 ? 8.929   -7.285  -4.223  1.00 14.58 ? 40  VAL B C   1 
ATOM   799  O O   . VAL B 1 40 ? 9.696   -6.602  -4.900  1.00 16.59 ? 40  VAL B O   1 
ATOM   800  C CB  . VAL B 1 40 ? 7.720   -5.509  -3.010  1.00 12.72 ? 40  VAL B CB  1 
ATOM   801  C CG1 . VAL B 1 40 ? 6.496   -5.761  -3.881  1.00 11.48 ? 40  VAL B CG1 1 
ATOM   802  C CG2 . VAL B 1 40 ? 7.304   -4.964  -1.668  1.00 11.68 ? 40  VAL B CG2 1 
ATOM   803  N N   . PHE B 1 41 ? 8.458   -8.456  -4.628  1.00 13.58 ? 41  PHE B N   1 
ATOM   804  C CA  . PHE B 1 41 ? 8.766   -8.972  -5.953  1.00 13.97 ? 41  PHE B CA  1 
ATOM   805  C C   . PHE B 1 41 ? 7.543   -8.653  -6.788  1.00 14.00 ? 41  PHE B C   1 
ATOM   806  O O   . PHE B 1 41 ? 6.425   -9.027  -6.425  1.00 14.07 ? 41  PHE B O   1 
ATOM   807  C CB  . PHE B 1 41 ? 9.010   -10.488 -5.920  1.00 12.47 ? 41  PHE B CB  1 
ATOM   808  C CG  . PHE B 1 41 ? 10.337  -10.874 -5.322  1.00 14.74 ? 41  PHE B CG  1 
ATOM   809  C CD1 . PHE B 1 41 ? 11.521  -10.499 -5.938  1.00 14.12 ? 41  PHE B CD1 1 
ATOM   810  C CD2 . PHE B 1 41 ? 10.400  -11.592 -4.135  1.00 15.88 ? 41  PHE B CD2 1 
ATOM   811  C CE1 . PHE B 1 41 ? 12.747  -10.829 -5.380  1.00 16.15 ? 41  PHE B CE1 1 
ATOM   812  C CE2 . PHE B 1 41 ? 11.620  -11.925 -3.571  1.00 15.35 ? 41  PHE B CE2 1 
ATOM   813  C CZ  . PHE B 1 41 ? 12.795  -11.543 -4.195  1.00 15.41 ? 41  PHE B CZ  1 
ATOM   814  N N   . VAL B 1 42 ? 7.752   -7.936  -7.889  1.00 14.15 ? 42  VAL B N   1 
ATOM   815  C CA  . VAL B 1 42 ? 6.656   -7.556  -8.768  1.00 13.22 ? 42  VAL B CA  1 
ATOM   816  C C   . VAL B 1 42 ? 6.623   -8.525  -9.942  1.00 14.47 ? 42  VAL B C   1 
ATOM   817  O O   . VAL B 1 42 ? 7.611   -8.676  -10.660 1.00 14.57 ? 42  VAL B O   1 
ATOM   818  C CB  . VAL B 1 42 ? 6.845   -6.118  -9.298  1.00 14.20 ? 42  VAL B CB  1 
ATOM   819  C CG1 . VAL B 1 42 ? 5.610   -5.682  -10.071 1.00 13.67 ? 42  VAL B CG1 1 
ATOM   820  C CG2 . VAL B 1 42 ? 7.120   -5.165  -8.139  1.00 13.29 ? 42  VAL B CG2 1 
ATOM   821  N N   . THR B 1 43 ? 5.491   -9.189  -10.129 1.00 13.95 ? 43  THR B N   1 
ATOM   822  C CA  . THR B 1 43 ? 5.364   -10.147 -11.216 1.00 15.90 ? 43  THR B CA  1 
ATOM   823  C C   . THR B 1 43 ? 4.905   -9.467  -12.498 1.00 17.22 ? 43  THR B C   1 
ATOM   824  O O   . THR B 1 43 ? 4.431   -8.329  -12.482 1.00 15.87 ? 43  THR B O   1 
ATOM   825  C CB  . THR B 1 43 ? 4.363   -11.270 -10.866 1.00 16.30 ? 43  THR B CB  1 
ATOM   826  O OG1 . THR B 1 43 ? 3.034   -10.738 -10.822 1.00 14.21 ? 43  THR B OG1 1 
ATOM   827  C CG2 . THR B 1 43 ? 4.701   -11.880 -9.510  1.00 16.92 ? 43  THR B CG2 1 
ATOM   828  N N   . ARG B 1 44 ? 5.050   -10.179 -13.610 1.00 17.70 ? 44  ARG B N   1 
ATOM   829  C CA  . ARG B 1 44 ? 4.657   -9.663  -14.911 1.00 18.44 ? 44  ARG B CA  1 
ATOM   830  C C   . ARG B 1 44 ? 3.171   -9.292  -14.958 1.00 17.80 ? 44  ARG B C   1 
ATOM   831  O O   . ARG B 1 44 ? 2.750   -8.496  -15.799 1.00 17.77 ? 44  ARG B O   1 
ATOM   832  C CB  . ARG B 1 44 ? 4.997   -10.696 -15.982 1.00 20.76 ? 44  ARG B CB  1 
ATOM   833  C CG  . ARG B 1 44 ? 6.487   -10.856 -16.239 1.00 26.36 ? 44  ARG B CG  1 
ATOM   834  C CD  . ARG B 1 44 ? 7.016   -9.710  -17.079 1.00 28.25 ? 44  ARG B CD  1 
ATOM   835  N NE  . ARG B 1 44 ? 8.474   -9.719  -17.182 1.00 31.19 ? 44  ARG B NE  1 
ATOM   836  C CZ  . ARG B 1 44 ? 9.173   -8.796  -17.833 1.00 29.88 ? 44  ARG B CZ  1 
ATOM   837  N NH1 . ARG B 1 44 ? 8.541   -7.803  -18.441 1.00 30.27 ? 44  ARG B NH1 1 
ATOM   838  N NH2 . ARG B 1 44 ? 10.498  -8.848  -17.857 1.00 29.81 ? 44  ARG B NH2 1 
ATOM   839  N N   . LYS B 1 45 ? 2.377   -9.868  -14.060 1.00 15.87 ? 45  LYS B N   1 
ATOM   840  C CA  . LYS B 1 45 ? 0.955   -9.541  -13.997 1.00 16.57 ? 45  LYS B CA  1 
ATOM   841  C C   . LYS B 1 45 ? 0.749   -8.447  -12.952 1.00 15.95 ? 45  LYS B C   1 
ATOM   842  O O   . LYS B 1 45 ? -0.356  -8.223  -12.456 1.00 14.88 ? 45  LYS B O   1 
ATOM   843  C CB  . LYS B 1 45 ? 0.127   -10.775 -13.645 1.00 16.25 ? 45  LYS B CB  1 
ATOM   844  C CG  . LYS B 1 45 ? -0.045  -11.732 -14.815 1.00 20.90 ? 45  LYS B CG  1 
ATOM   845  C CD  . LYS B 1 45 ? -1.044  -12.826 -14.498 1.00 21.50 ? 45  LYS B CD  1 
ATOM   846  C CE  . LYS B 1 45 ? -1.252  -13.726 -15.699 1.00 22.49 ? 45  LYS B CE  1 
ATOM   847  N NZ  . LYS B 1 45 ? 0.014   -14.399 -16.082 1.00 22.06 ? 45  LYS B NZ  1 
ATOM   848  N N   . ASN B 1 46 ? 1.844   -7.776  -12.624 1.00 16.65 ? 46  ASN B N   1 
ATOM   849  C CA  . ASN B 1 46 ? 1.850   -6.680  -11.666 1.00 18.50 ? 46  ASN B CA  1 
ATOM   850  C C   . ASN B 1 46 ? 1.394   -6.990  -10.249 1.00 18.73 ? 46  ASN B C   1 
ATOM   851  O O   . ASN B 1 46 ? 0.851   -6.130  -9.556  1.00 16.10 ? 46  ASN B O   1 
ATOM   852  C CB  . ASN B 1 46 ? 1.061   -5.502  -12.233 1.00 18.46 ? 46  ASN B CB  1 
ATOM   853  C CG  . ASN B 1 46 ? 1.736   -4.902  -13.441 1.00 19.75 ? 46  ASN B CG  1 
ATOM   854  O OD1 . ASN B 1 46 ? 2.914   -4.547  -13.387 1.00 20.77 ? 46  ASN B OD1 1 
ATOM   855  N ND2 . ASN B 1 46 ? 1.004   -4.790  -14.540 1.00 21.34 ? 46  ASN B ND2 1 
ATOM   856  N N   . ARG B 1 47 ? 1.619   -8.226  -9.821  1.00 18.82 ? 47  ARG B N   1 
ATOM   857  C CA  . ARG B 1 47 ? 1.290   -8.630  -8.462  1.00 20.40 ? 47  ARG B CA  1 
ATOM   858  C C   . ARG B 1 47 ? 2.457   -8.139  -7.598  1.00 20.09 ? 47  ARG B C   1 
ATOM   859  O O   . ARG B 1 47 ? 3.616   -8.255  -8.005  1.00 19.14 ? 47  ARG B O   1 
ATOM   860  C CB  . ARG B 1 47 ? 1.209   -10.154 -8.374  1.00 24.14 ? 47  ARG B CB  1 
ATOM   861  C CG  . ARG B 1 47 ? 0.019   -10.768 -9.082  1.00 29.18 ? 47  ARG B CG  1 
ATOM   862  C CD  . ARG B 1 47 ? -1.114  -11.083 -8.109  1.00 35.82 ? 47  ARG B CD  1 
ATOM   863  N NE  . ARG B 1 47 ? -0.791  -12.201 -7.225  1.00 39.22 ? 47  ARG B NE  1 
ATOM   864  C CZ  . ARG B 1 47 ? 0.024   -12.127 -6.177  1.00 39.42 ? 47  ARG B CZ  1 
ATOM   865  N NH1 . ARG B 1 47 ? 0.606   -10.980 -5.864  1.00 40.97 ? 47  ARG B NH1 1 
ATOM   866  N NH2 . ARG B 1 47 ? 0.258   -13.206 -5.441  1.00 40.37 ? 47  ARG B NH2 1 
ATOM   867  N N   . GLN B 1 48 ? 2.166   -7.572  -6.431  1.00 18.32 ? 48  GLN B N   1 
ATOM   868  C CA  . GLN B 1 48 ? 3.233   -7.113  -5.543  1.00 17.31 ? 48  GLN B CA  1 
ATOM   869  C C   . GLN B 1 48 ? 3.299   -8.107  -4.394  1.00 16.27 ? 48  GLN B C   1 
ATOM   870  O O   . GLN B 1 48 ? 2.526   -8.025  -3.438  1.00 14.60 ? 48  GLN B O   1 
ATOM   871  C CB  . GLN B 1 48 ? 2.950   -5.704  -5.002  1.00 17.94 ? 48  GLN B CB  1 
ATOM   872  C CG  . GLN B 1 48 ? 2.817   -4.623  -6.073  1.00 20.43 ? 48  GLN B CG  1 
ATOM   873  C CD  . GLN B 1 48 ? 3.116   -3.224  -5.547  1.00 21.25 ? 48  GLN B CD  1 
ATOM   874  O OE1 . GLN B 1 48 ? 2.850   -2.907  -4.382  1.00 21.77 ? 48  GLN B OE1 1 
ATOM   875  N NE2 . GLN B 1 48 ? 3.662   -2.377  -6.411  1.00 23.89 ? 48  GLN B NE2 1 
ATOM   876  N N   . VAL B 1 49 ? 4.229   -9.049  -4.499  1.00 15.15 ? 49  VAL B N   1 
ATOM   877  C CA  . VAL B 1 49 ? 4.386   -10.089 -3.494  1.00 15.19 ? 49  VAL B CA  1 
ATOM   878  C C   . VAL B 1 49 ? 5.442   -9.792  -2.442  1.00 14.24 ? 49  VAL B C   1 
ATOM   879  O O   . VAL B 1 49 ? 6.592   -9.487  -2.767  1.00 14.91 ? 49  VAL B O   1 
ATOM   880  C CB  . VAL B 1 49 ? 4.728   -11.429 -4.157  1.00 14.07 ? 49  VAL B CB  1 
ATOM   881  C CG1 . VAL B 1 49 ? 4.821   -12.518 -3.105  1.00 14.96 ? 49  VAL B CG1 1 
ATOM   882  C CG2 . VAL B 1 49 ? 3.679   -11.767 -5.198  1.00 15.57 ? 49  VAL B CG2 1 
ATOM   883  N N   . CYS B 1 50 ? 5.033   -9.902  -1.179  1.00 12.46 ? 50  CYS B N   1 
ATOM   884  C CA  . CYS B 1 50 ? 5.906   -9.662  -0.035  1.00 13.31 ? 50  CYS B CA  1 
ATOM   885  C C   . CYS B 1 50 ? 6.761   -10.876 0.306   1.00 13.39 ? 50  CYS B C   1 
ATOM   886  O O   . CYS B 1 50 ? 6.257   -11.995 0.367   1.00 12.86 ? 50  CYS B O   1 
ATOM   887  C CB  . CYS B 1 50 ? 5.075   -9.312  1.189   1.00 13.33 ? 50  CYS B CB  1 
ATOM   888  S SG  . CYS B 1 50 ? 4.114   -7.777  1.067   1.00 13.55 ? 50  CYS B SG  1 
ATOM   889  N N   . ALA B 1 51 ? 8.049   -10.651 0.552   1.00 13.56 ? 51  ALA B N   1 
ATOM   890  C CA  . ALA B 1 51 ? 8.952   -11.743 0.896   1.00 14.40 ? 51  ALA B CA  1 
ATOM   891  C C   . ALA B 1 51 ? 9.914   -11.345 2.010   1.00 15.62 ? 51  ALA B C   1 
ATOM   892  O O   . ALA B 1 51 ? 10.272  -10.178 2.148   1.00 14.80 ? 51  ALA B O   1 
ATOM   893  C CB  . ALA B 1 51 ? 9.723   -12.189 -0.338  1.00 15.27 ? 51  ALA B CB  1 
ATOM   894  N N   . ASN B 1 52 ? 10.325  -12.327 2.808   1.00 17.85 ? 52  ASN B N   1 
ATOM   895  C CA  . ASN B 1 52 ? 11.233  -12.096 3.932   1.00 19.16 ? 52  ASN B CA  1 
ATOM   896  C C   . ASN B 1 52 ? 12.671  -11.888 3.457   1.00 19.08 ? 52  ASN B C   1 
ATOM   897  O O   . ASN B 1 52 ? 13.296  -12.802 2.928   1.00 18.72 ? 52  ASN B O   1 
ATOM   898  C CB  . ASN B 1 52 ? 11.185  -13.293 4.886   1.00 21.85 ? 52  ASN B CB  1 
ATOM   899  C CG  . ASN B 1 52 ? 11.857  -13.009 6.213   1.00 23.71 ? 52  ASN B CG  1 
ATOM   900  O OD1 . ASN B 1 52 ? 12.703  -12.121 6.319   1.00 25.55 ? 52  ASN B OD1 1 
ATOM   901  N ND2 . ASN B 1 52 ? 11.490  -13.771 7.231   1.00 24.74 ? 52  ASN B ND2 1 
ATOM   902  N N   . PRO B 1 53 ? 13.219  -10.683 3.667   1.00 20.00 ? 53  PRO B N   1 
ATOM   903  C CA  . PRO B 1 53 ? 14.579  -10.308 3.272   1.00 22.23 ? 53  PRO B CA  1 
ATOM   904  C C   . PRO B 1 53 ? 15.668  -11.256 3.773   1.00 22.49 ? 53  PRO B C   1 
ATOM   905  O O   . PRO B 1 53 ? 16.737  -11.352 3.171   1.00 22.68 ? 53  PRO B O   1 
ATOM   906  C CB  . PRO B 1 53 ? 14.736  -8.905  3.860   1.00 22.47 ? 53  PRO B CB  1 
ATOM   907  C CG  . PRO B 1 53 ? 13.334  -8.377  3.852   1.00 21.69 ? 53  PRO B CG  1 
ATOM   908  C CD  . PRO B 1 53 ? 12.549  -9.562  4.348   1.00 22.86 ? 53  PRO B CD  1 
ATOM   909  N N   . GLU B 1 54 ? 15.391  -11.958 4.868   1.00 23.30 ? 54  GLU B N   1 
ATOM   910  C CA  . GLU B 1 54 ? 16.364  -12.872 5.450   1.00 23.77 ? 54  GLU B CA  1 
ATOM   911  C C   . GLU B 1 54 ? 16.416  -14.245 4.785   1.00 24.47 ? 54  GLU B C   1 
ATOM   912  O O   . GLU B 1 54 ? 17.348  -15.012 5.022   1.00 26.16 ? 54  GLU B O   1 
ATOM   913  C CB  . GLU B 1 54 ? 16.094  -13.029 6.943   1.00 26.39 ? 54  GLU B CB  1 
ATOM   914  N N   . LYS B 1 55 ? 15.431  -14.560 3.951   1.00 22.11 ? 55  LYS B N   1 
ATOM   915  C CA  . LYS B 1 55 ? 15.410  -15.860 3.293   1.00 21.18 ? 55  LYS B CA  1 
ATOM   916  C C   . LYS B 1 55 ? 16.476  -15.973 2.207   1.00 21.87 ? 55  LYS B C   1 
ATOM   917  O O   . LYS B 1 55 ? 16.740  -15.025 1.468   1.00 20.06 ? 55  LYS B O   1 
ATOM   918  C CB  . LYS B 1 55 ? 14.029  -16.128 2.707   1.00 21.54 ? 55  LYS B CB  1 
ATOM   919  N N   . LYS B 1 56 ? 17.094  -17.145 2.117   1.00 20.76 ? 56  LYS B N   1 
ATOM   920  C CA  . LYS B 1 56 ? 18.130  -17.373 1.121   1.00 19.96 ? 56  LYS B CA  1 
ATOM   921  C C   . LYS B 1 56 ? 17.629  -17.144 -0.305  1.00 19.30 ? 56  LYS B C   1 
ATOM   922  O O   . LYS B 1 56 ? 18.241  -16.394 -1.066  1.00 17.91 ? 56  LYS B O   1 
ATOM   923  C CB  . LYS B 1 56 ? 18.688  -18.789 1.260   1.00 21.49 ? 56  LYS B CB  1 
ATOM   924  N N   . TRP B 1 57 ? 16.519  -17.778 -0.673  1.00 18.11 ? 57  TRP B N   1 
ATOM   925  C CA  . TRP B 1 57 ? 16.006  -17.609 -2.028  1.00 18.47 ? 57  TRP B CA  1 
ATOM   926  C C   . TRP B 1 57 ? 15.725  -16.149 -2.360  1.00 18.41 ? 57  TRP B C   1 
ATOM   927  O O   . TRP B 1 57 ? 15.898  -15.716 -3.503  1.00 18.96 ? 57  TRP B O   1 
ATOM   928  C CB  . TRP B 1 57 ? 14.737  -18.445 -2.256  1.00 19.40 ? 57  TRP B CB  1 
ATOM   929  C CG  . TRP B 1 57 ? 13.498  -17.978 -1.531  1.00 19.33 ? 57  TRP B CG  1 
ATOM   930  C CD1 . TRP B 1 57 ? 13.105  -18.321 -0.273  1.00 20.77 ? 57  TRP B CD1 1 
ATOM   931  C CD2 . TRP B 1 57 ? 12.475  -17.119 -2.049  1.00 19.16 ? 57  TRP B CD2 1 
ATOM   932  N NE1 . TRP B 1 57 ? 11.897  -17.738 0.025   1.00 19.52 ? 57  TRP B NE1 1 
ATOM   933  C CE2 . TRP B 1 57 ? 11.490  -16.992 -1.050  1.00 20.27 ? 57  TRP B CE2 1 
ATOM   934  C CE3 . TRP B 1 57 ? 12.297  -16.445 -3.262  1.00 19.12 ? 57  TRP B CE3 1 
ATOM   935  C CZ2 . TRP B 1 57 ? 10.341  -16.222 -1.226  1.00 17.51 ? 57  TRP B CZ2 1 
ATOM   936  C CZ3 . TRP B 1 57 ? 11.154  -15.679 -3.435  1.00 19.85 ? 57  TRP B CZ3 1 
ATOM   937  C CH2 . TRP B 1 57 ? 10.191  -15.575 -2.421  1.00 18.90 ? 57  TRP B CH2 1 
ATOM   938  N N   . VAL B 1 58 ? 15.305  -15.384 -1.362  1.00 19.02 ? 58  VAL B N   1 
ATOM   939  C CA  . VAL B 1 58 ? 15.012  -13.973 -1.573  1.00 18.33 ? 58  VAL B CA  1 
ATOM   940  C C   . VAL B 1 58 ? 16.285  -13.203 -1.929  1.00 18.29 ? 58  VAL B C   1 
ATOM   941  O O   . VAL B 1 58 ? 16.300  -12.412 -2.877  1.00 16.62 ? 58  VAL B O   1 
ATOM   942  C CB  . VAL B 1 58 ? 14.363  -13.362 -0.320  1.00 18.06 ? 58  VAL B CB  1 
ATOM   943  C CG1 . VAL B 1 58 ? 14.171  -11.863 -0.510  1.00 13.73 ? 58  VAL B CG1 1 
ATOM   944  C CG2 . VAL B 1 58 ? 13.015  -14.044 -0.054  1.00 17.39 ? 58  VAL B CG2 1 
ATOM   945  N N   . ARG B 1 59 ? 17.351  -13.444 -1.173  1.00 19.76 ? 59  ARG B N   1 
ATOM   946  C CA  . ARG B 1 59 ? 18.629  -12.782 -1.416  1.00 21.20 ? 59  ARG B CA  1 
ATOM   947  C C   . ARG B 1 59 ? 19.162  -13.176 -2.790  1.00 20.17 ? 59  ARG B C   1 
ATOM   948  O O   . ARG B 1 59 ? 19.743  -12.357 -3.499  1.00 19.74 ? 59  ARG B O   1 
ATOM   949  C CB  . ARG B 1 59 ? 19.647  -13.183 -0.346  1.00 23.05 ? 59  ARG B CB  1 
ATOM   950  C CG  . ARG B 1 59 ? 19.259  -12.796 1.070   1.00 30.03 ? 59  ARG B CG  1 
ATOM   951  C CD  . ARG B 1 59 ? 20.221  -13.412 2.076   1.00 34.43 ? 59  ARG B CD  1 
ATOM   952  N NE  . ARG B 1 59 ? 19.858  -13.110 3.457   1.00 40.43 ? 59  ARG B NE  1 
ATOM   953  C CZ  . ARG B 1 59 ? 19.900  -11.895 3.992   1.00 43.02 ? 59  ARG B CZ  1 
ATOM   954  N NH1 . ARG B 1 59 ? 20.291  -10.859 3.262   1.00 46.37 ? 59  ARG B NH1 1 
ATOM   955  N NH2 . ARG B 1 59 ? 19.553  -11.714 5.259   1.00 45.15 ? 59  ARG B NH2 1 
ATOM   956  N N   . GLU B 1 60 ? 18.964  -14.439 -3.157  1.00 19.68 ? 60  GLU B N   1 
ATOM   957  C CA  . GLU B 1 60 ? 19.421  -14.938 -4.451  1.00 20.65 ? 60  GLU B CA  1 
ATOM   958  C C   . GLU B 1 60 ? 18.650  -14.298 -5.601  1.00 19.22 ? 60  GLU B C   1 
ATOM   959  O O   . GLU B 1 60 ? 19.241  -13.920 -6.616  1.00 17.09 ? 60  GLU B O   1 
ATOM   960  C CB  . GLU B 1 60 ? 19.283  -16.460 -4.509  1.00 21.35 ? 60  GLU B CB  1 
ATOM   961  C CG  . GLU B 1 60 ? 20.311  -17.192 -3.662  1.00 27.74 ? 60  GLU B CG  1 
ATOM   962  C CD  . GLU B 1 60 ? 19.991  -18.662 -3.482  1.00 32.63 ? 60  GLU B CD  1 
ATOM   963  O OE1 . GLU B 1 60 ? 18.861  -19.077 -3.823  1.00 36.26 ? 60  GLU B OE1 1 
ATOM   964  O OE2 . GLU B 1 60 ? 20.870  -19.402 -2.987  1.00 33.81 ? 60  GLU B OE2 1 
ATOM   965  N N   . TYR B 1 61 ? 17.333  -14.185 -5.447  1.00 17.58 ? 61  TYR B N   1 
ATOM   966  C CA  . TYR B 1 61 ? 16.508  -13.570 -6.479  1.00 15.92 ? 61  TYR B CA  1 
ATOM   967  C C   . TYR B 1 61 ? 16.941  -12.121 -6.647  1.00 16.54 ? 61  TYR B C   1 
ATOM   968  O O   . TYR B 1 61 ? 17.060  -11.628 -7.765  1.00 17.23 ? 61  TYR B O   1 
ATOM   969  C CB  . TYR B 1 61 ? 15.022  -13.631 -6.095  1.00 16.24 ? 61  TYR B CB  1 
ATOM   970  C CG  . TYR B 1 61 ? 14.325  -14.936 -6.446  1.00 15.13 ? 61  TYR B CG  1 
ATOM   971  C CD1 . TYR B 1 61 ? 15.029  -16.134 -6.504  1.00 17.59 ? 61  TYR B CD1 1 
ATOM   972  C CD2 . TYR B 1 61 ? 12.958  -14.971 -6.690  1.00 16.44 ? 61  TYR B CD2 1 
ATOM   973  C CE1 . TYR B 1 61 ? 14.389  -17.328 -6.796  1.00 17.44 ? 61  TYR B CE1 1 
ATOM   974  C CE2 . TYR B 1 61 ? 12.306  -16.163 -6.977  1.00 13.58 ? 61  TYR B CE2 1 
ATOM   975  C CZ  . TYR B 1 61 ? 13.026  -17.338 -7.030  1.00 17.16 ? 61  TYR B CZ  1 
ATOM   976  O OH  . TYR B 1 61 ? 12.386  -18.526 -7.316  1.00 15.07 ? 61  TYR B OH  1 
ATOM   977  N N   . ILE B 1 62 ? 17.177  -11.435 -5.531  1.00 16.89 ? 62  ILE B N   1 
ATOM   978  C CA  . ILE B 1 62 ? 17.603  -10.041 -5.592  1.00 17.69 ? 62  ILE B CA  1 
ATOM   979  C C   . ILE B 1 62 ? 18.934  -9.931  -6.335  1.00 18.93 ? 62  ILE B C   1 
ATOM   980  O O   . ILE B 1 62 ? 19.120  -9.041  -7.163  1.00 17.54 ? 62  ILE B O   1 
ATOM   981  C CB  . ILE B 1 62 ? 17.759  -9.437  -4.182  1.00 17.67 ? 62  ILE B CB  1 
ATOM   982  C CG1 . ILE B 1 62 ? 16.381  -9.246  -3.542  1.00 15.28 ? 62  ILE B CG1 1 
ATOM   983  C CG2 . ILE B 1 62 ? 18.503  -8.107  -4.268  1.00 17.66 ? 62  ILE B CG2 1 
ATOM   984  C CD1 . ILE B 1 62 ? 16.437  -8.817  -2.084  1.00 14.15 ? 62  ILE B CD1 1 
ATOM   985  N N   . ASN B 1 63 ? 19.854  -10.844 -6.041  1.00 20.32 ? 63  ASN B N   1 
ATOM   986  C CA  . ASN B 1 63 ? 21.150  -10.842 -6.704  1.00 23.20 ? 63  ASN B CA  1 
ATOM   987  C C   . ASN B 1 63 ? 20.982  -10.973 -8.213  1.00 22.62 ? 63  ASN B C   1 
ATOM   988  O O   . ASN B 1 63 ? 21.600  -10.233 -8.974  1.00 22.16 ? 63  ASN B O   1 
ATOM   989  C CB  . ASN B 1 63 ? 22.021  -11.991 -6.185  1.00 26.50 ? 63  ASN B CB  1 
ATOM   990  C CG  . ASN B 1 63 ? 22.597  -11.713 -4.809  1.00 31.61 ? 63  ASN B CG  1 
ATOM   991  O OD1 . ASN B 1 63 ? 23.208  -12.586 -4.190  1.00 35.18 ? 63  ASN B OD1 1 
ATOM   992  N ND2 . ASN B 1 63 ? 22.411  -10.490 -4.327  1.00 34.05 ? 63  ASN B ND2 1 
ATOM   993  N N   . SER B 1 64 ? 20.136  -11.903 -8.649  1.00 22.41 ? 64  SER B N   1 
ATOM   994  C CA  . SER B 1 64 ? 19.931  -12.102 -10.078 1.00 23.05 ? 64  SER B CA  1 
ATOM   995  C C   . SER B 1 64 ? 19.298  -10.876 -10.723 1.00 24.51 ? 64  SER B C   1 
ATOM   996  O O   . SER B 1 64 ? 19.599  -10.549 -11.869 1.00 24.21 ? 64  SER B O   1 
ATOM   997  C CB  . SER B 1 64 ? 19.058  -13.339 -10.342 1.00 23.04 ? 64  SER B CB  1 
ATOM   998  O OG  . SER B 1 64 ? 17.710  -13.107 -9.986  1.00 24.72 ? 64  SER B OG  1 
ATOM   999  N N   . LEU B 1 65 ? 18.421  -10.197 -9.988  1.00 24.47 ? 65  LEU B N   1 
ATOM   1000 C CA  . LEU B 1 65 ? 17.769  -9.005  -10.517 1.00 26.61 ? 65  LEU B CA  1 
ATOM   1001 C C   . LEU B 1 65 ? 18.740  -7.824  -10.546 1.00 29.85 ? 65  LEU B C   1 
ATOM   1002 O O   . LEU B 1 65 ? 18.550  -6.871  -11.300 1.00 31.52 ? 65  LEU B O   1 
ATOM   1003 C CB  . LEU B 1 65 ? 16.533  -8.660  -9.675  1.00 23.46 ? 65  LEU B CB  1 
ATOM   1004 C CG  . LEU B 1 65 ? 15.375  -9.658  -9.807  1.00 20.81 ? 65  LEU B CG  1 
ATOM   1005 C CD1 . LEU B 1 65 ? 14.334  -9.424  -8.729  1.00 21.81 ? 65  LEU B CD1 1 
ATOM   1006 C CD2 . LEU B 1 65 ? 14.758  -9.524  -11.186 1.00 20.71 ? 65  LEU B CD2 1 
ATOM   1007 N N   . GLU B 1 66 ? 19.784  -7.901  -9.724  1.00 32.91 ? 66  GLU B N   1 
ATOM   1008 C CA  . GLU B 1 66 ? 20.797  -6.852  -9.649  1.00 36.41 ? 66  GLU B CA  1 
ATOM   1009 C C   . GLU B 1 66 ? 21.857  -6.974  -10.737 1.00 38.50 ? 66  GLU B C   1 
ATOM   1010 O O   . GLU B 1 66 ? 22.492  -5.986  -11.105 1.00 38.90 ? 66  GLU B O   1 
ATOM   1011 C CB  . GLU B 1 66 ? 21.485  -6.878  -8.282  1.00 36.71 ? 66  GLU B CB  1 
ATOM   1012 C CG  . GLU B 1 66 ? 20.676  -6.239  -7.178  1.00 39.98 ? 66  GLU B CG  1 
ATOM   1013 C CD  . GLU B 1 66 ? 20.353  -4.795  -7.482  1.00 42.16 ? 66  GLU B CD  1 
ATOM   1014 O OE1 . GLU B 1 66 ? 21.292  -4.033  -7.799  1.00 42.79 ? 66  GLU B OE1 1 
ATOM   1015 O OE2 . GLU B 1 66 ? 19.164  -4.420  -7.404  1.00 45.34 ? 66  GLU B OE2 1 
ATOM   1016 N N   . MET B 1 67 ? 22.053  -8.186  -11.240 1.00 42.05 ? 67  MET B N   1 
ATOM   1017 C CA  . MET B 1 67 ? 23.042  -8.423  -12.284 1.00 46.21 ? 67  MET B CA  1 
ATOM   1018 C C   . MET B 1 67 ? 22.480  -8.080  -13.658 1.00 48.22 ? 67  MET B C   1 
ATOM   1019 O O   . MET B 1 67 ? 23.225  -7.948  -14.630 1.00 48.88 ? 67  MET B O   1 
ATOM   1020 C CB  . MET B 1 67 ? 23.493  -9.885  -12.255 1.00 47.54 ? 67  MET B CB  1 
ATOM   1021 C CG  . MET B 1 67 ? 24.110  -10.306 -10.932 1.00 50.08 ? 67  MET B CG  1 
ATOM   1022 S SD  . MET B 1 67 ? 25.553  -9.312  -10.506 1.00 53.67 ? 67  MET B SD  1 
ATOM   1023 C CE  . MET B 1 67 ? 26.856  -10.285 -11.269 1.00 53.13 ? 67  MET B CE  1 
ATOM   1024 N N   . SER B 1 68 ? 21.158  -7.943  -13.727 1.00 50.29 ? 68  SER B N   1 
ATOM   1025 C CA  . SER B 1 68 ? 20.472  -7.612  -14.972 1.00 51.69 ? 68  SER B CA  1 
ATOM   1026 C C   . SER B 1 68 ? 20.924  -8.481  -16.141 1.00 51.85 ? 68  SER B C   1 
ATOM   1027 O O   . SER B 1 68 ? 21.453  -7.916  -17.122 1.00 52.24 ? 68  SER B O   1 
ATOM   1028 C CB  . SER B 1 68 ? 20.690  -6.137  -15.312 1.00 51.29 ? 68  SER B CB  1 
ATOM   1029 O OG  . SER B 1 68 ? 20.138  -5.308  -14.306 1.00 53.59 ? 68  SER B OG  1 
ATOM   1030 O OXT . SER B 1 68 ? 20.740  -9.713  -16.064 1.00 52.60 ? 68  SER B OXT 1 
HETATM 1031 C C1  . SGN C 2 .  ? -9.986  -3.705  6.564   1.00 35.11 ? 1   SGN C C1  1 
HETATM 1032 C C2  . SGN C 2 .  ? -9.300  -5.019  6.982   1.00 35.13 ? 1   SGN C C2  1 
HETATM 1033 C C3  . SGN C 2 .  ? -8.827  -5.740  5.717   1.00 35.76 ? 1   SGN C C3  1 
HETATM 1034 C C4  . SGN C 2 .  ? -10.039 -6.054  4.805   1.00 35.96 ? 1   SGN C C4  1 
HETATM 1035 C C5  . SGN C 2 .  ? -10.763 -4.693  4.502   1.00 36.40 ? 1   SGN C C5  1 
HETATM 1036 C C6  . SGN C 2 .  ? -12.013 -4.939  3.625   1.00 40.05 ? 1   SGN C C6  1 
HETATM 1037 N N2  . SGN C 2 .  ? -8.152  -4.730  7.833   1.00 33.86 ? 1   SGN C N2  1 
HETATM 1038 O O1  . SGN C 2 .  ? -9.047  -2.862  5.868   1.00 35.70 ? 1   SGN C O1  1 
HETATM 1039 O O3  . SGN C 2 .  ? -8.171  -6.970  6.047   1.00 37.26 ? 1   SGN C O3  1 
HETATM 1040 O O4  . SGN C 2 .  ? -9.721  -6.750  3.568   1.00 33.86 ? 1   SGN C O4  1 
HETATM 1041 O O5  . SGN C 2 .  ? -11.132 -3.968  5.711   1.00 35.62 ? 1   SGN C O5  1 
HETATM 1042 O O6  . SGN C 2 .  ? -13.165 -5.255  4.421   1.00 43.90 ? 1   SGN C O6  1 
HETATM 1043 S S1  . SGN C 2 .  ? -7.916  -5.617  9.205   1.00 36.11 ? 1   SGN C S1  1 
HETATM 1044 O O1S . SGN C 2 .  ? -7.606  -6.961  8.859   1.00 33.93 ? 1   SGN C O1S 1 
HETATM 1045 O O2S . SGN C 2 .  ? -6.835  -5.062  9.944   1.00 34.82 ? 1   SGN C O2S 1 
HETATM 1046 O O3S . SGN C 2 .  ? -9.296  -5.576  10.124  1.00 33.86 ? 1   SGN C O3S 1 
HETATM 1047 S S2  . SGN C 2 .  ? -14.077 -6.180  3.594   1.00 45.69 ? 1   SGN C S2  1 
HETATM 1048 O O4S . SGN C 2 .  ? -13.396 -7.397  3.284   1.00 43.57 ? 1   SGN C O4S 1 
HETATM 1049 O O5S . SGN C 2 .  ? -15.232 -6.491  4.350   1.00 46.05 ? 1   SGN C O5S 1 
HETATM 1050 O O6S . SGN C 2 .  ? -14.535 -5.427  2.186   1.00 45.09 ? 1   SGN C O6S 1 
HETATM 1051 S S   . UAP C 2 .  ? -5.501  -6.065  1.839   1.00 38.82 ? 2   UAP C S   1 
HETATM 1052 C C1  . UAP C 2 .  ? -8.762  -6.006  2.745   1.00 33.76 ? 2   UAP C C1  1 
HETATM 1053 C C2  . UAP C 2 .  ? -7.797  -6.969  1.990   1.00 33.45 ? 2   UAP C C2  1 
HETATM 1054 O O2  . UAP C 2 .  ? -6.892  -6.174  1.186   1.00 36.99 ? 2   UAP C O2  1 
HETATM 1055 C C3  . UAP C 2 .  ? -8.636  -7.884  1.038   1.00 32.80 ? 2   UAP C C3  1 
HETATM 1056 O O3  . UAP C 2 .  ? -9.230  -8.948  1.794   1.00 30.27 ? 2   UAP C O3  1 
HETATM 1057 C C4  . UAP C 2 .  ? -9.737  -7.104  0.320   1.00 31.68 ? 2   UAP C C4  1 
HETATM 1058 C C5  . UAP C 2 .  ? -10.092 -5.850  0.687   1.00 32.25 ? 2   UAP C C5  1 
HETATM 1059 O O5  . UAP C 2 .  ? -9.477  -5.216  1.734   1.00 33.44 ? 2   UAP C O5  1 
HETATM 1060 C C6  . UAP C 2 .  ? -11.143 -5.127  -0.042  1.00 30.64 ? 2   UAP C C6  1 
HETATM 1061 O O1S . UAP C 2 .  ? -4.634  -5.408  0.924   1.00 38.15 ? 2   UAP C O1S 1 
HETATM 1062 O O2S . UAP C 2 .  ? -5.575  -5.296  3.041   1.00 34.55 ? 2   UAP C O2S 1 
HETATM 1063 O O3S . UAP C 2 .  ? -4.897  -7.576  2.172   1.00 37.78 ? 2   UAP C O3S 1 
HETATM 1064 O O6B . UAP C 2 .  ? -11.160 -3.914  -0.017  1.00 33.65 ? 2   UAP C O6B 1 
HETATM 1065 O O6A . UAP C 2 .  ? -12.116 -5.819  -0.773  1.00 30.87 ? 2   UAP C O6A 1 
HETATM 1066 C C   . ACY D 3 .  ? 10.679  -12.090 -16.736 1.00 44.30 ? 201 ACY B C   1 
HETATM 1067 O O   . ACY D 3 .  ? 9.641   -12.532 -17.362 1.00 43.82 ? 201 ACY B O   1 
HETATM 1068 O OXT . ACY D 3 .  ? 10.845  -10.798 -16.183 1.00 43.66 ? 201 ACY B OXT 1 
HETATM 1069 C CH3 . ACY D 3 .  ? 11.808  -13.119 -16.614 1.00 42.75 ? 201 ACY B CH3 1 
HETATM 1070 O O   . HOH E 4 .  ? 0.426   3.731   8.715   1.00 14.49 ? 302 HOH A O   1 
HETATM 1071 O O   . HOH E 4 .  ? -2.808  4.039   7.262   1.00 9.35  ? 303 HOH A O   1 
HETATM 1072 O O   . HOH E 4 .  ? 0.793   -7.863  3.427   1.00 19.66 ? 304 HOH A O   1 
HETATM 1073 O O   . HOH E 4 .  ? -4.802  -0.773  3.621   1.00 16.53 ? 305 HOH A O   1 
HETATM 1074 O O   . HOH E 4 .  ? -5.354  2.112   9.074   1.00 16.41 ? 306 HOH A O   1 
HETATM 1075 O O   . HOH E 4 .  ? 2.079   1.202   8.896   1.00 16.66 ? 307 HOH A O   1 
HETATM 1076 O O   . HOH E 4 .  ? -22.207 7.962   7.547   1.00 24.28 ? 308 HOH A O   1 
HETATM 1077 O O   . HOH E 4 .  ? 0.213   -4.613  12.229  1.00 15.93 ? 309 HOH A O   1 
HETATM 1078 O O   . HOH E 4 .  ? -20.042 11.863  -4.248  1.00 27.12 ? 310 HOH A O   1 
HETATM 1079 O O   . HOH E 4 .  ? -15.280 21.256  -0.355  1.00 31.58 ? 311 HOH A O   1 
HETATM 1080 O O   . HOH E 4 .  ? -8.021  3.091   9.135   1.00 20.70 ? 312 HOH A O   1 
HETATM 1081 O O   . HOH E 4 .  ? 0.077   14.322  8.551   1.00 35.11 ? 313 HOH A O   1 
HETATM 1082 O O   . HOH E 4 .  ? -8.897  23.429  1.621   1.00 25.44 ? 314 HOH A O   1 
HETATM 1083 O O   . HOH E 4 .  ? -0.885  -5.112  -3.845  1.00 20.68 ? 315 HOH A O   1 
HETATM 1084 O O   . HOH E 4 .  ? 2.001   -1.373  11.244  1.00 12.42 ? 316 HOH A O   1 
HETATM 1085 O O   . HOH E 4 .  ? -6.550  15.039  7.060   1.00 23.62 ? 317 HOH A O   1 
HETATM 1086 O O   . HOH E 4 .  ? -4.311  6.385   -7.712  1.00 25.30 ? 318 HOH A O   1 
HETATM 1087 O O   . HOH E 4 .  ? -7.013  18.273  7.816   1.00 35.95 ? 319 HOH A O   1 
HETATM 1088 O O   . HOH E 4 .  ? -24.526 9.911   6.240   1.00 28.40 ? 320 HOH A O   1 
HETATM 1089 O O   . HOH E 4 .  ? -3.588  2.934   -2.502  1.00 22.32 ? 321 HOH A O   1 
HETATM 1090 O O   . HOH E 4 .  ? -0.591  -2.113  -1.677  1.00 22.84 ? 322 HOH A O   1 
HETATM 1091 O O   . HOH E 4 .  ? -0.508  0.233   -2.750  1.00 30.08 ? 323 HOH A O   1 
HETATM 1092 O O   . HOH E 4 .  ? -0.779  -15.393 3.170   1.00 41.26 ? 324 HOH A O   1 
HETATM 1093 O O   . HOH E 4 .  ? -22.419 14.572  8.777   1.00 41.23 ? 325 HOH A O   1 
HETATM 1094 O O   . HOH E 4 .  ? 3.128   8.371   10.185  1.00 26.62 ? 326 HOH A O   1 
HETATM 1095 O O   . HOH E 4 .  ? -21.826 15.253  5.480   1.00 37.60 ? 327 HOH A O   1 
HETATM 1096 O O   . HOH E 4 .  ? -19.714 9.208   -4.914  1.00 34.83 ? 328 HOH A O   1 
HETATM 1097 O O   . HOH E 4 .  ? -4.737  9.572   13.392  1.00 52.19 ? 329 HOH A O   1 
HETATM 1098 O O   . HOH E 4 .  ? -16.536 4.641   -1.582  1.00 25.12 ? 330 HOH A O   1 
HETATM 1099 O O   . HOH E 4 .  ? -11.227 -9.099  3.458   1.00 24.32 ? 331 HOH A O   1 
HETATM 1100 O O   . HOH E 4 .  ? 3.881   5.034   11.859  1.00 30.26 ? 332 HOH A O   1 
HETATM 1101 O O   . HOH E 4 .  ? -2.926  -7.158  -0.039  1.00 25.65 ? 333 HOH A O   1 
HETATM 1102 O O   . HOH E 4 .  ? -6.584  24.262  1.004   1.00 32.42 ? 334 HOH A O   1 
HETATM 1103 O O   . HOH E 4 .  ? -16.611 5.119   -8.715  1.00 33.49 ? 335 HOH A O   1 
HETATM 1104 O O   . HOH E 4 .  ? -6.549  -2.836  2.175   1.00 28.62 ? 336 HOH A O   1 
HETATM 1105 O O   . HOH E 4 .  ? -13.517 1.218   3.912   1.00 32.92 ? 337 HOH A O   1 
HETATM 1106 O O   . HOH E 4 .  ? -9.841  -0.689  8.476   1.00 36.38 ? 338 HOH A O   1 
HETATM 1107 O O   . HOH E 4 .  ? -21.117 18.225  5.039   1.00 33.75 ? 339 HOH A O   1 
HETATM 1108 O O   . HOH E 4 .  ? -18.220 14.059  -6.260  1.00 34.58 ? 340 HOH A O   1 
HETATM 1109 O O   . HOH E 4 .  ? -8.644  17.808  -5.999  1.00 28.36 ? 341 HOH A O   1 
HETATM 1110 O O   . HOH E 4 .  ? -18.670 19.326  5.313   1.00 45.79 ? 342 HOH A O   1 
HETATM 1111 O O   . HOH E 4 .  ? -2.055  12.009  -3.841  1.00 39.15 ? 343 HOH A O   1 
HETATM 1112 O O   . HOH E 4 .  ? -12.904 -1.096  2.885   1.00 44.80 ? 344 HOH A O   1 
HETATM 1113 O O   . HOH E 4 .  ? -24.136 14.214  4.984   1.00 40.51 ? 345 HOH A O   1 
HETATM 1114 O O   . HOH E 4 .  ? -7.198  25.106  -1.697  1.00 49.31 ? 346 HOH A O   1 
HETATM 1115 O O   . HOH E 4 .  ? -0.657  -3.053  -5.599  1.00 33.17 ? 347 HOH A O   1 
HETATM 1116 O O   . HOH E 4 .  ? -14.026 8.545   10.805  1.00 46.32 ? 348 HOH A O   1 
HETATM 1117 O O   . HOH E 4 .  ? -5.798  -6.221  12.121  1.00 41.72 ? 349 HOH A O   1 
HETATM 1118 O O   . HOH E 4 .  ? -4.734  24.357  -2.380  1.00 34.49 ? 350 HOH A O   1 
HETATM 1119 O O   . HOH E 4 .  ? -7.726  -6.799  13.780  1.00 37.67 ? 351 HOH A O   1 
HETATM 1120 O O   . HOH E 4 .  ? -2.030  -13.220 0.080   1.00 36.60 ? 352 HOH A O   1 
HETATM 1121 O O   . HOH E 4 .  ? -4.687  16.341  9.242   1.00 34.91 ? 353 HOH A O   1 
HETATM 1122 O O   . HOH E 4 .  ? -1.079  12.727  -6.842  1.00 29.34 ? 354 HOH A O   1 
HETATM 1123 O O   . HOH E 4 .  ? 0.942   16.527  4.619   1.00 45.05 ? 355 HOH A O   1 
HETATM 1124 O O   . HOH E 4 .  ? -3.690  -11.105 -1.756  1.00 33.43 ? 356 HOH A O   1 
HETATM 1125 O O   . HOH E 4 .  ? -12.111 -6.344  -3.419  1.00 34.71 ? 357 HOH A O   1 
HETATM 1126 O O   . HOH E 4 .  ? -7.966  15.654  -8.452  1.00 25.25 ? 358 HOH A O   1 
HETATM 1127 O O   . HOH E 4 .  ? -10.540 15.238  -9.390  1.00 29.10 ? 359 HOH A O   1 
HETATM 1128 O O   . HOH E 4 .  ? -13.515 9.507   -12.352 1.00 34.88 ? 360 HOH A O   1 
HETATM 1129 O O   . HOH E 4 .  ? -1.299  -9.851  13.552  1.00 50.85 ? 361 HOH A O   1 
HETATM 1130 O O   . HOH E 4 .  ? -2.511  12.097  -11.333 1.00 55.76 ? 362 HOH A O   1 
HETATM 1131 O O   . HOH E 4 .  ? -11.938 16.811  -10.344 1.00 44.49 ? 363 HOH A O   1 
HETATM 1132 O O   . HOH E 4 .  ? -22.761 12.517  16.139  1.00 45.15 ? 364 HOH A O   1 
HETATM 1133 O O   . HOH E 4 .  ? -6.213  -10.831 -0.882  1.00 37.18 ? 365 HOH A O   1 
HETATM 1134 O O   . HOH E 4 .  ? -15.746 2.409   -3.307  1.00 36.98 ? 366 HOH A O   1 
HETATM 1135 O O   . HOH E 4 .  ? -7.011  16.684  14.981  1.00 58.33 ? 367 HOH A O   1 
HETATM 1136 O O   . HOH E 4 .  ? -15.507 15.180  -12.810 1.00 35.40 ? 368 HOH A O   1 
HETATM 1137 O O   . HOH E 4 .  ? -14.438 16.599  -10.445 1.00 40.28 ? 369 HOH A O   1 
HETATM 1138 O O   . HOH E 4 .  ? -12.384 19.718  10.074  1.00 32.37 ? 370 HOH A O   1 
HETATM 1139 O O   . HOH E 4 .  ? -9.312  -2.035  1.386   1.00 32.39 ? 371 HOH A O   1 
HETATM 1140 O O   . HOH E 4 .  ? -4.425  15.195  11.546  1.00 39.81 ? 372 HOH A O   1 
HETATM 1141 O O   . HOH E 4 .  ? -2.902  0.614   -3.480  1.00 33.86 ? 373 HOH A O   1 
HETATM 1142 O O   . HOH E 4 .  ? -4.080  23.794  7.728   1.00 47.01 ? 374 HOH A O   1 
HETATM 1143 O O   . HOH E 4 .  ? -17.959 2.695   -8.584  1.00 47.68 ? 375 HOH A O   1 
HETATM 1144 O O   . HOH E 4 .  ? -9.482  17.781  15.470  1.00 49.01 ? 376 HOH A O   1 
HETATM 1145 O O   . HOH E 4 .  ? -10.484 17.971  -12.076 1.00 59.64 ? 377 HOH A O   1 
HETATM 1146 O O   . HOH E 4 .  ? -3.833  -11.066 10.613  1.00 38.78 ? 378 HOH A O   1 
HETATM 1147 O O   . HOH E 4 .  ? -1.801  14.203  12.319  1.00 50.24 ? 379 HOH A O   1 
HETATM 1148 O O   . HOH E 4 .  ? -19.121 8.706   9.606   1.00 47.12 ? 380 HOH A O   1 
HETATM 1149 O O   . HOH E 4 .  ? -1.832  17.100  8.087   1.00 44.77 ? 381 HOH A O   1 
HETATM 1150 O O   . HOH E 4 .  ? -16.317 20.387  5.461   1.00 65.54 ? 382 HOH A O   1 
HETATM 1151 O O   . HOH E 4 .  ? -4.865  -7.571  14.454  1.00 55.08 ? 383 HOH A O   1 
HETATM 1152 O O   . HOH E 4 .  ? -8.457  20.484  -12.444 1.00 60.33 ? 384 HOH A O   1 
HETATM 1153 O O   . HOH E 4 .  ? -5.958  20.025  15.955  1.00 57.10 ? 385 HOH A O   1 
HETATM 1154 O O   . HOH E 4 .  ? -5.193  12.658  -12.694 1.00 36.72 ? 386 HOH A O   1 
HETATM 1155 O O   . HOH E 4 .  ? -18.770 6.232   -2.788  1.00 46.07 ? 387 HOH A O   1 
HETATM 1156 O O   . HOH E 4 .  ? -14.594 13.907  13.652  1.00 46.74 ? 388 HOH A O   1 
HETATM 1157 O O   . HOH E 4 .  ? -12.193 18.349  13.740  1.00 40.51 ? 389 HOH A O   1 
HETATM 1158 O O   . HOH E 4 .  ? -12.044 0.837   9.570   1.00 47.78 ? 390 HOH A O   1 
HETATM 1159 O O   . HOH F 4 .  ? 6.643   -3.723  4.719   1.00 12.31 ? 202 HOH B O   1 
HETATM 1160 O O   . HOH F 4 .  ? 4.502   1.626   10.304  1.00 16.33 ? 203 HOH B O   1 
HETATM 1161 O O   . HOH F 4 .  ? 9.854   -1.889  5.312   1.00 13.92 ? 204 HOH B O   1 
HETATM 1162 O O   . HOH F 4 .  ? 0.520   2.581   -2.012  1.00 19.67 ? 205 HOH B O   1 
HETATM 1163 O O   . HOH F 4 .  ? 8.923   -3.041  -15.277 1.00 17.28 ? 206 HOH B O   1 
HETATM 1164 O O   . HOH F 4 .  ? 6.413   4.786   10.623  1.00 23.20 ? 207 HOH B O   1 
HETATM 1165 O O   . HOH F 4 .  ? 9.432   -14.961 2.276   1.00 24.61 ? 208 HOH B O   1 
HETATM 1166 O O   . HOH F 4 .  ? 3.389   -1.104  8.621   1.00 15.94 ? 209 HOH B O   1 
HETATM 1167 O O   . HOH F 4 .  ? 15.571  -20.170 1.112   1.00 33.69 ? 210 HOH B O   1 
HETATM 1168 O O   . HOH F 4 .  ? 12.495  0.982   9.488   1.00 36.04 ? 211 HOH B O   1 
HETATM 1169 O O   . HOH F 4 .  ? 17.305  -19.362 -5.862  1.00 22.94 ? 212 HOH B O   1 
HETATM 1170 O O   . HOH F 4 .  ? 12.134  -3.326  3.959   1.00 23.71 ? 213 HOH B O   1 
HETATM 1171 O O   . HOH F 4 .  ? 14.670  -5.083  -9.727  1.00 18.05 ? 214 HOH B O   1 
HETATM 1172 O O   . HOH F 4 .  ? 20.859  -15.781 -7.698  1.00 39.54 ? 215 HOH B O   1 
HETATM 1173 O O   . HOH F 4 .  ? 13.395  0.568   2.947   1.00 22.31 ? 216 HOH B O   1 
HETATM 1174 O O   . HOH F 4 .  ? 4.598   -3.357  7.534   1.00 15.41 ? 217 HOH B O   1 
HETATM 1175 O O   . HOH F 4 .  ? 10.854  -1.588  8.679   1.00 32.28 ? 218 HOH B O   1 
HETATM 1176 O O   . HOH F 4 .  ? 13.153  -21.080 -7.070  1.00 35.75 ? 219 HOH B O   1 
HETATM 1177 O O   . HOH F 4 .  ? 2.051   7.385   2.868   1.00 20.30 ? 220 HOH B O   1 
HETATM 1178 O O   . HOH F 4 .  ? 8.009   -2.141  -9.294  1.00 20.82 ? 221 HOH B O   1 
HETATM 1179 O O   . HOH F 4 .  ? 22.119  -1.906  -6.671  1.00 23.11 ? 222 HOH B O   1 
HETATM 1180 O O   . HOH F 4 .  ? 4.240   -14.348 6.926   1.00 20.15 ? 223 HOH B O   1 
HETATM 1181 O O   . HOH F 4 .  ? 2.679   -2.617  13.769  1.00 37.87 ? 224 HOH B O   1 
HETATM 1182 O O   . HOH F 4 .  ? 1.363   -8.944  10.448  1.00 35.72 ? 225 HOH B O   1 
HETATM 1183 O O   . HOH F 4 .  ? 3.876   -8.542  11.312  1.00 48.60 ? 226 HOH B O   1 
HETATM 1184 O O   . HOH F 4 .  ? 8.771   -7.076  12.204  1.00 51.48 ? 227 HOH B O   1 
HETATM 1185 O O   . HOH F 4 .  ? 13.854  -0.342  -2.767  1.00 24.73 ? 228 HOH B O   1 
HETATM 1186 O O   . HOH F 4 .  ? 15.214  0.937   -0.781  1.00 22.65 ? 229 HOH B O   1 
HETATM 1187 O O   . HOH F 4 .  ? 7.050   0.769   0.474   1.00 15.69 ? 230 HOH B O   1 
HETATM 1188 O O   . HOH F 4 .  ? 4.522   -6.675  -17.237 1.00 36.19 ? 231 HOH B O   1 
HETATM 1189 O O   . HOH F 4 .  ? 23.015  -7.259  -3.362  1.00 30.25 ? 232 HOH B O   1 
HETATM 1190 O O   . HOH F 4 .  ? 17.436  -3.729  -9.666  1.00 35.77 ? 233 HOH B O   1 
HETATM 1191 O O   . HOH F 4 .  ? 3.780   -2.281  -11.677 1.00 42.15 ? 234 HOH B O   1 
HETATM 1192 O O   . HOH F 4 .  ? 5.462   2.183   12.692  1.00 33.66 ? 235 HOH B O   1 
HETATM 1193 O O   . HOH F 4 .  ? 0.853   -0.852  -4.725  1.00 24.13 ? 236 HOH B O   1 
HETATM 1194 O O   . HOH F 4 .  ? 12.691  -1.565  6.463   1.00 25.26 ? 237 HOH B O   1 
HETATM 1195 O O   . HOH F 4 .  ? 6.284   7.400   9.972   1.00 48.23 ? 238 HOH B O   1 
HETATM 1196 O O   . HOH F 4 .  ? 8.996   5.496   10.994  1.00 37.08 ? 239 HOH B O   1 
HETATM 1197 O O   . HOH F 4 .  ? 13.902  -11.187 -14.736 1.00 43.40 ? 240 HOH B O   1 
HETATM 1198 O O   . HOH F 4 .  ? 13.472  -8.583  -15.101 1.00 27.57 ? 241 HOH B O   1 
HETATM 1199 O O   . HOH F 4 .  ? 24.520  -8.874  -4.895  1.00 41.01 ? 242 HOH B O   1 
HETATM 1200 O O   . HOH F 4 .  ? 1.736   -15.619 3.486   1.00 42.94 ? 243 HOH B O   1 
HETATM 1201 O O   . HOH F 4 .  ? 21.334  -5.359  -18.198 1.00 41.07 ? 244 HOH B O   1 
HETATM 1202 O O   . HOH F 4 .  ? 16.879  -19.385 3.929   1.00 48.71 ? 245 HOH B O   1 
HETATM 1203 O O   . HOH F 4 .  ? 14.582  -5.533  -12.810 1.00 30.81 ? 246 HOH B O   1 
HETATM 1204 O O   . HOH F 4 .  ? 19.303  -2.206  -15.112 1.00 43.34 ? 247 HOH B O   1 
HETATM 1205 O O   . HOH F 4 .  ? 1.660   3.498   -4.134  1.00 40.17 ? 248 HOH B O   1 
HETATM 1206 O O   . HOH F 4 .  ? 16.543  -6.826  -13.909 1.00 40.71 ? 249 HOH B O   1 
HETATM 1207 O O   . HOH F 4 .  ? 2.461   -3.013  -8.925  1.00 42.14 ? 250 HOH B O   1 
HETATM 1208 O O   . HOH F 4 .  ? 1.394   -12.899 -10.886 1.00 27.83 ? 251 HOH B O   1 
HETATM 1209 O O   . HOH F 4 .  ? 13.408  -10.025 7.834   1.00 54.33 ? 252 HOH B O   1 
HETATM 1210 O O   . HOH F 4 .  ? 23.964  -5.563  -13.635 1.00 56.44 ? 253 HOH B O   1 
HETATM 1211 O O   . HOH F 4 .  ? 7.069   9.518   8.829   1.00 51.70 ? 254 HOH B O   1 
HETATM 1212 O O   . HOH F 4 .  ? -1.642  3.514   -5.015  1.00 44.29 ? 255 HOH B O   1 
HETATM 1213 O O   . HOH F 4 .  ? 6.006   -9.789  9.105   1.00 39.50 ? 256 HOH B O   1 
HETATM 1214 O O   . HOH F 4 .  ? 15.408  -20.987 -4.801  1.00 52.65 ? 257 HOH B O   1 
HETATM 1215 O O   . HOH F 4 .  ? 9.101   -16.503 4.881   1.00 41.37 ? 258 HOH B O   1 
HETATM 1216 O O   . HOH F 4 .  ? 15.199  -7.659  7.686   1.00 34.48 ? 259 HOH B O   1 
HETATM 1217 O O   . HOH F 4 .  ? 12.936  1.312   0.685   1.00 22.71 ? 260 HOH B O   1 
HETATM 1218 O O   . HOH F 4 .  ? 2.400   -6.600  11.253  1.00 34.23 ? 261 HOH B O   1 
HETATM 1219 O O   . HOH F 4 .  ? 22.189  -14.690 -9.691  1.00 35.61 ? 262 HOH B O   1 
HETATM 1220 O O   . HOH F 4 .  ? 14.516  0.751   5.602   1.00 37.94 ? 263 HOH B O   1 
HETATM 1221 O O   . HOH F 4 .  ? 20.339  -11.521 -14.305 1.00 32.24 ? 264 HOH B O   1 
HETATM 1222 O O   . HOH F 4 .  ? 10.542  -21.511 2.192   1.00 58.20 ? 265 HOH B O   1 
HETATM 1223 O O   . HOH F 4 .  ? 9.536   -25.693 -0.785  1.00 59.73 ? 266 HOH B O   1 
HETATM 1224 O O   . HOH F 4 .  ? 12.965  -13.746 9.501   1.00 36.97 ? 267 HOH B O   1 
HETATM 1225 O O   . HOH F 4 .  ? 2.145   12.235  2.050   1.00 45.84 ? 268 HOH B O   1 
HETATM 1226 O O   . HOH F 4 .  ? 2.483   10.797  -9.129  1.00 69.61 ? 269 HOH B O   1 
HETATM 1227 O O   . HOH F 4 .  ? 20.927  -18.351 -6.940  1.00 45.44 ? 270 HOH B O   1 
HETATM 1228 O O   . HOH F 4 .  ? 23.926  -13.857 -8.040  1.00 37.75 ? 271 HOH B O   1 
# 
